data_4OQA
#
_entry.id   4OQA
#
_cell.length_a   65.160
_cell.length_b   114.230
_cell.length_c   294.240
_cell.angle_alpha   90.00
_cell.angle_beta   90.00
_cell.angle_gamma   90.00
#
_symmetry.space_group_name_H-M   'P 21 21 21'
#
loop_
_entity.id
_entity.type
_entity.pdbx_description
1 polymer 'Poly [ADP-ribose] polymerase 1'
2 polymer 'Poly [ADP-ribose] polymerase 1'
3 polymer 'DNA (26-MER)'
4 non-polymer 'ZINC ION'
5 non-polymer (2Z)-2-(2,4-dihydroxybenzylidene)-3-oxo-2,3-dihydro-1-benzofuran-7-carboxamide
#
loop_
_entity_poly.entity_id
_entity_poly.type
_entity_poly.pdbx_seq_one_letter_code
_entity_poly.pdbx_strand_id
1 'polypeptide(L)'
;MAESSDKLYRVEYAKSGRASCKKCSESIPKDSLRMAIMVQSPMFDGKVPHWYHFSCFWKVGHSIRHPDVEVDGFSELRWD
DQQKVKKTAEAGGVTGKDIKRKGDEVDGVDEVAKKKSKKEKDKDSKLEKALKAQNDLIWNIKDELKKVCSTNDLKELLIF
NKQQVPSGESAILDRVADGMVFGALLPCEECSGQLVFKSDAYYCTGDVTAWTKCMVKTQTPNRKEWVTPKEFREISYLKK
LKVKKQDRIFPPETSASVALEHHHHHH
;
A,D
2 'polypeptide(L)'
;KSEKRMKLTLKGGAAVDPDSGLEHSAHVLEKGGKVFSATLGLVDIVKGTNSYYKLQLLEDDKENRYWIFRSWGRVGTVIG
SNKLEQMPSKEDAIEHFMKLYEEKTGNAWHSKNFTKYPKKFYPLEIDYGQDEEAVKKLTVNPGTKSKLPKPVQDLIKMIF
DVESMKKAMVEYEIDLQKMPLGKLSKRQIQAAYSILSEVQQAVSQGSSDSQILDLSNRFYTLIPHDFGMKKPPLLNNADS
VQAKVEMLDNLLDIEVAYSLLRGGSDDSSKDPIDVNYEKLKTDIKVVDRDSEEAEIIRKYVKNTHATTHNAYDLEVIDIF
KIEREGECQRYKPFKQLHNRRLLWHGSRTTNFAGILSQGLRIAPPEAPVTGYMFGKGIYFADMVSKSANYCHTSQGDPIG
LILLGEVALGNMYELKHASHISKLPKGKHSVKGLGKTTPDPSANISLDGVDVPLGTGISSGVNDTSLLYNEYIVYDIAQV
NLKYLLKLKFNFKTSLWLEHHHHHH
;
C,F
3 'polydeoxyribonucleotide'
;(DG)(DC)(DC)(DT)(DA)(DC)(DC)(DG)(DG)(DT)(DT)(DC)(DG)(DC)(DG)(DA)(DA)(DC)(DC)(DG)
(DG)(DT)(DA)(DG)(DG)(DC)
;
M,N
#
loop_
_chem_comp.id
_chem_comp.type
_chem_comp.name
_chem_comp.formula
2US non-polymer (2Z)-2-(2,4-dihydroxybenzylidene)-3-oxo-2,3-dihydro-1-benzofuran-7-carboxamide 'C16 H11 N O5'
DA DNA linking 2'-DEOXYADENOSINE-5'-MONOPHOSPHATE 'C10 H14 N5 O6 P'
DC DNA linking 2'-DEOXYCYTIDINE-5'-MONOPHOSPHATE 'C9 H14 N3 O7 P'
DG DNA linking 2'-DEOXYGUANOSINE-5'-MONOPHOSPHATE 'C10 H14 N5 O7 P'
DT DNA linking THYMIDINE-5'-MONOPHOSPHATE 'C10 H15 N2 O8 P'
ZN non-polymer 'ZINC ION' 'Zn 2'
#
# COMPACT_ATOMS: atom_id res chain seq x y z
N ASP A 6 -38.57 -14.82 -33.22
CA ASP A 6 -39.56 -15.74 -33.86
C ASP A 6 -40.88 -15.01 -34.12
N LYS A 7 -41.40 -14.34 -33.09
CA LYS A 7 -42.67 -13.61 -33.19
C LYS A 7 -42.45 -12.23 -33.79
N LEU A 8 -43.53 -11.62 -34.27
CA LEU A 8 -43.48 -10.27 -34.81
C LEU A 8 -43.45 -9.22 -33.69
N TYR A 9 -44.34 -9.38 -32.72
CA TYR A 9 -44.47 -8.42 -31.63
C TYR A 9 -43.81 -8.93 -30.34
N ARG A 10 -43.68 -8.04 -29.37
CA ARG A 10 -43.00 -8.33 -28.10
CA ARG A 10 -43.01 -8.34 -28.11
C ARG A 10 -43.48 -7.39 -27.01
N VAL A 11 -43.80 -7.94 -25.84
CA VAL A 11 -44.26 -7.14 -24.70
C VAL A 11 -43.48 -7.52 -23.43
N GLU A 12 -43.12 -6.50 -22.64
CA GLU A 12 -42.40 -6.71 -21.38
C GLU A 12 -42.42 -5.43 -20.54
N TYR A 13 -41.93 -5.54 -19.31
CA TYR A 13 -41.72 -4.37 -18.45
C TYR A 13 -40.35 -3.80 -18.76
N ALA A 14 -40.30 -2.49 -19.02
CA ALA A 14 -39.08 -1.83 -19.46
C ALA A 14 -37.86 -2.26 -18.64
N LYS A 15 -36.91 -2.93 -19.30
CA LYS A 15 -35.68 -3.37 -18.65
C LYS A 15 -34.79 -2.18 -18.26
N SER A 16 -35.00 -1.05 -18.90
CA SER A 16 -34.37 0.22 -18.48
C SER A 16 -35.18 1.41 -18.99
N GLY A 17 -35.16 2.51 -18.24
CA GLY A 17 -35.85 3.73 -18.62
C GLY A 17 -35.00 4.59 -19.53
N ARG A 18 -34.54 3.98 -20.62
CA ARG A 18 -33.54 4.57 -21.51
C ARG A 18 -34.06 4.67 -22.94
N ALA A 19 -34.63 3.57 -23.44
CA ALA A 19 -35.16 3.51 -24.80
C ALA A 19 -36.31 4.48 -25.00
N SER A 20 -36.36 5.10 -26.18
CA SER A 20 -37.42 6.04 -26.54
C SER A 20 -38.54 5.34 -27.31
N CYS A 21 -39.65 6.05 -27.46
CA CYS A 21 -40.86 5.51 -28.08
C CYS A 21 -40.94 5.97 -29.54
N LYS A 22 -41.24 5.04 -30.44
CA LYS A 22 -41.13 5.31 -31.88
C LYS A 22 -42.13 6.36 -32.38
N LYS A 23 -43.32 6.40 -31.78
CA LYS A 23 -44.36 7.33 -32.21
C LYS A 23 -44.13 8.75 -31.67
N CYS A 24 -44.13 8.89 -30.35
CA CYS A 24 -44.07 10.20 -29.70
C CYS A 24 -42.65 10.69 -29.41
N SER A 25 -41.69 9.75 -29.36
CA SER A 25 -40.26 10.07 -29.19
C SER A 25 -39.92 10.64 -27.81
N GLU A 26 -40.45 9.99 -26.76
CA GLU A 26 -40.09 10.31 -25.37
C GLU A 26 -39.61 9.03 -24.69
N SER A 27 -38.84 9.20 -23.61
CA SER A 27 -38.24 8.08 -22.90
C SER A 27 -39.28 7.20 -22.21
N ILE A 28 -39.34 5.94 -22.60
CA ILE A 28 -40.21 4.95 -21.95
C ILE A 28 -39.59 4.61 -20.59
N PRO A 29 -40.31 4.95 -19.49
CA PRO A 29 -39.73 4.79 -18.15
C PRO A 29 -39.54 3.32 -17.74
N LYS A 30 -38.66 3.10 -16.77
CA LYS A 30 -38.30 1.74 -16.34
C LYS A 30 -39.46 1.01 -15.65
N ASP A 31 -39.49 -0.31 -15.80
CA ASP A 31 -40.52 -1.18 -15.22
C ASP A 31 -41.95 -0.83 -15.64
N SER A 32 -42.09 -0.17 -16.79
CA SER A 32 -43.39 0.20 -17.33
C SER A 32 -43.77 -0.76 -18.46
N LEU A 33 -45.06 -1.06 -18.56
CA LEU A 33 -45.56 -1.91 -19.63
C LEU A 33 -45.34 -1.23 -20.98
N ARG A 34 -44.57 -1.88 -21.85
CA ARG A 34 -44.28 -1.37 -23.18
C ARG A 34 -44.41 -2.50 -24.21
N MET A 35 -44.78 -2.13 -25.43
CA MET A 35 -44.91 -3.10 -26.52
C MET A 35 -43.97 -2.76 -27.66
N ALA A 36 -43.56 -3.79 -28.40
CA ALA A 36 -42.60 -3.64 -29.50
C ALA A 36 -43.09 -4.30 -30.78
N ILE A 37 -42.49 -3.90 -31.90
CA ILE A 37 -42.68 -4.55 -33.19
C ILE A 37 -41.29 -4.80 -33.77
N MET A 38 -40.98 -6.07 -34.06
CA MET A 38 -39.63 -6.46 -34.45
C MET A 38 -39.40 -6.18 -35.94
N VAL A 39 -38.36 -5.40 -36.24
CA VAL A 39 -38.01 -5.05 -37.61
C VAL A 39 -36.58 -5.47 -37.93
N GLN A 40 -36.23 -5.43 -39.22
CA GLN A 40 -34.88 -5.76 -39.66
C GLN A 40 -34.00 -4.52 -39.48
N SER A 41 -32.88 -4.68 -38.78
CA SER A 41 -31.95 -3.58 -38.55
C SER A 41 -31.15 -3.27 -39.81
N PRO A 42 -31.13 -1.99 -40.25
CA PRO A 42 -30.29 -1.59 -41.38
C PRO A 42 -28.79 -1.76 -41.13
N MET A 43 -28.38 -1.74 -39.86
CA MET A 43 -26.97 -1.68 -39.48
C MET A 43 -26.29 -3.05 -39.36
N PHE A 44 -27.08 -4.10 -39.13
CA PHE A 44 -26.53 -5.45 -38.98
C PHE A 44 -27.55 -6.55 -39.29
N ASP A 45 -27.05 -7.77 -39.46
CA ASP A 45 -27.88 -8.92 -39.77
C ASP A 45 -28.58 -9.43 -38.50
N GLY A 46 -29.72 -8.82 -38.19
CA GLY A 46 -30.50 -9.23 -37.02
C GLY A 46 -31.74 -8.38 -36.81
N LYS A 47 -32.75 -8.98 -36.17
CA LYS A 47 -33.99 -8.27 -35.84
C LYS A 47 -33.76 -7.30 -34.68
N VAL A 48 -34.55 -6.23 -34.66
CA VAL A 48 -34.45 -5.22 -33.60
C VAL A 48 -35.85 -4.75 -33.19
N PRO A 49 -36.09 -4.58 -31.87
CA PRO A 49 -37.40 -4.14 -31.41
C PRO A 49 -37.62 -2.64 -31.56
N HIS A 50 -38.78 -2.26 -32.12
CA HIS A 50 -39.21 -0.86 -32.14
C HIS A 50 -40.15 -0.62 -30.96
N TRP A 51 -39.60 -0.11 -29.86
CA TRP A 51 -40.35 0.06 -28.62
C TRP A 51 -41.35 1.22 -28.70
N TYR A 52 -42.57 0.95 -28.22
CA TYR A 52 -43.63 1.95 -28.12
C TYR A 52 -44.07 2.06 -26.66
N HIS A 53 -44.58 3.23 -26.29
CA HIS A 53 -45.36 3.35 -25.06
C HIS A 53 -46.62 2.50 -25.26
N PHE A 54 -47.05 1.78 -24.22
CA PHE A 54 -48.24 0.95 -24.32
C PHE A 54 -49.46 1.75 -24.79
N SER A 55 -49.54 3.00 -24.34
CA SER A 55 -50.60 3.92 -24.78
C SER A 55 -50.48 4.26 -26.27
N CYS A 56 -49.25 4.51 -26.74
CA CYS A 56 -49.01 4.89 -28.12
C CYS A 56 -49.09 3.73 -29.12
N PHE A 57 -48.96 2.50 -28.63
CA PHE A 57 -48.89 1.32 -29.50
C PHE A 57 -50.15 1.11 -30.35
N TRP A 58 -51.31 1.50 -29.82
CA TRP A 58 -52.59 1.21 -30.47
C TRP A 58 -53.10 2.33 -31.39
N LYS A 59 -52.31 3.40 -31.55
CA LYS A 59 -52.65 4.49 -32.46
C LYS A 59 -51.90 4.42 -33.80
N VAL A 60 -50.85 3.61 -33.87
CA VAL A 60 -50.09 3.44 -35.12
C VAL A 60 -50.89 2.66 -36.18
N GLY A 61 -51.87 1.88 -35.73
CA GLY A 61 -52.76 1.13 -36.63
C GLY A 61 -52.61 -0.38 -36.57
N HIS A 62 -51.76 -0.88 -35.69
CA HIS A 62 -51.56 -2.32 -35.53
C HIS A 62 -52.72 -2.92 -34.73
N SER A 63 -53.21 -4.08 -35.18
CA SER A 63 -54.34 -4.75 -34.53
C SER A 63 -54.04 -6.23 -34.32
N ILE A 64 -53.52 -6.55 -33.14
CA ILE A 64 -53.24 -7.94 -32.76
C ILE A 64 -54.55 -8.60 -32.35
N ARG A 65 -54.98 -9.61 -33.11
CA ARG A 65 -56.25 -10.29 -32.88
C ARG A 65 -56.24 -11.07 -31.57
N HIS A 66 -55.21 -11.91 -31.40
CA HIS A 66 -55.04 -12.72 -30.19
C HIS A 66 -53.62 -12.53 -29.64
N PRO A 67 -53.47 -11.65 -28.63
CA PRO A 67 -52.16 -11.33 -28.04
C PRO A 67 -51.36 -12.53 -27.54
N ASP A 68 -52.02 -13.46 -26.86
CA ASP A 68 -51.34 -14.61 -26.23
C ASP A 68 -50.58 -15.50 -27.23
N VAL A 69 -51.09 -15.59 -28.45
CA VAL A 69 -50.45 -16.41 -29.49
C VAL A 69 -49.56 -15.61 -30.44
N GLU A 70 -49.78 -14.30 -30.52
CA GLU A 70 -49.03 -13.44 -31.45
C GLU A 70 -47.89 -12.68 -30.77
N VAL A 71 -48.16 -12.09 -29.60
CA VAL A 71 -47.18 -11.29 -28.89
C VAL A 71 -46.28 -12.17 -28.02
N ASP A 72 -44.98 -11.90 -28.08
CA ASP A 72 -43.99 -12.63 -27.28
C ASP A 72 -43.88 -12.03 -25.89
N GLY A 73 -43.65 -12.87 -24.89
CA GLY A 73 -43.51 -12.44 -23.50
C GLY A 73 -44.84 -12.17 -22.80
N PHE A 74 -45.94 -12.64 -23.39
CA PHE A 74 -47.27 -12.42 -22.83
C PHE A 74 -47.49 -13.23 -21.55
N SER A 75 -47.06 -14.49 -21.56
CA SER A 75 -47.23 -15.38 -20.41
C SER A 75 -46.35 -14.96 -19.23
N GLU A 76 -45.22 -14.32 -19.52
CA GLU A 76 -44.29 -13.86 -18.47
C GLU A 76 -44.80 -12.62 -17.74
N LEU A 77 -45.79 -11.92 -18.31
CA LEU A 77 -46.38 -10.74 -17.67
C LEU A 77 -47.17 -11.11 -16.41
N ARG A 78 -47.51 -10.09 -15.62
CA ARG A 78 -48.36 -10.25 -14.44
C ARG A 78 -49.80 -10.46 -14.91
N TRP A 79 -50.58 -11.25 -14.16
CA TRP A 79 -51.90 -11.67 -14.60
C TRP A 79 -52.84 -10.52 -14.94
N ASP A 80 -52.92 -9.53 -14.05
CA ASP A 80 -53.79 -8.36 -14.27
C ASP A 80 -53.34 -7.52 -15.46
N ASP A 81 -52.03 -7.50 -15.72
CA ASP A 81 -51.48 -6.79 -16.88
C ASP A 81 -51.77 -7.53 -18.20
N GLN A 82 -51.83 -8.85 -18.15
CA GLN A 82 -52.20 -9.66 -19.32
C GLN A 82 -53.61 -9.34 -19.79
N GLN A 83 -54.53 -9.16 -18.83
CA GLN A 83 -55.92 -8.83 -19.14
C GLN A 83 -56.07 -7.44 -19.74
N LYS A 84 -55.20 -6.51 -19.36
CA LYS A 84 -55.20 -5.17 -19.94
C LYS A 84 -54.81 -5.21 -21.42
N VAL A 85 -53.84 -6.05 -21.75
CA VAL A 85 -53.44 -6.25 -23.14
C VAL A 85 -54.56 -6.95 -23.92
N LYS A 86 -55.18 -7.95 -23.28
CA LYS A 86 -56.22 -8.75 -23.91
C LYS A 86 -57.48 -7.93 -24.23
N LYS A 87 -57.87 -7.06 -23.29
CA LYS A 87 -59.03 -6.18 -23.51
C LYS A 87 -58.72 -5.05 -24.49
N THR A 88 -57.55 -4.42 -24.32
CA THR A 88 -57.14 -3.31 -25.19
C THR A 88 -56.83 -3.78 -26.62
N ALA A 89 -56.54 -5.07 -26.79
CA ALA A 89 -56.36 -5.66 -28.11
C ALA A 89 -57.63 -5.53 -28.95
N GLU A 90 -58.78 -5.73 -28.31
CA GLU A 90 -60.08 -5.61 -28.99
C GLU A 90 -60.51 -4.15 -29.15
N ALA A 91 -60.08 -3.28 -28.23
CA ALA A 91 -60.41 -1.86 -28.29
C ALA A 91 -59.40 -1.03 -27.50
N SER A 117 -70.66 -29.98 -21.47
CA SER A 117 -70.44 -28.53 -21.18
C SER A 117 -70.29 -28.23 -19.69
N LYS A 118 -70.84 -29.07 -18.82
CA LYS A 118 -70.76 -28.88 -17.38
C LYS A 118 -69.35 -29.17 -16.87
N LYS A 119 -68.86 -30.38 -17.14
CA LYS A 119 -67.48 -30.75 -16.77
C LYS A 119 -66.46 -30.02 -17.65
N GLU A 120 -66.84 -29.73 -18.90
CA GLU A 120 -65.96 -29.03 -19.83
C GLU A 120 -65.67 -27.61 -19.36
N LYS A 121 -66.72 -26.87 -19.02
CA LYS A 121 -66.59 -25.49 -18.57
C LYS A 121 -66.03 -25.38 -17.15
N ASP A 122 -66.23 -26.42 -16.35
CA ASP A 122 -65.74 -26.44 -14.96
C ASP A 122 -64.22 -26.58 -14.93
N LYS A 123 -63.69 -27.59 -15.62
CA LYS A 123 -62.24 -27.79 -15.70
C LYS A 123 -61.57 -26.62 -16.43
N ASP A 124 -62.28 -26.06 -17.41
CA ASP A 124 -61.82 -24.88 -18.14
C ASP A 124 -61.69 -23.66 -17.22
N SER A 125 -62.75 -23.40 -16.44
CA SER A 125 -62.77 -22.26 -15.53
C SER A 125 -61.88 -22.46 -14.31
N LYS A 126 -61.81 -23.69 -13.81
CA LYS A 126 -61.01 -24.01 -12.63
C LYS A 126 -59.51 -24.04 -12.94
N LEU A 127 -59.16 -24.27 -14.21
CA LEU A 127 -57.75 -24.21 -14.64
C LEU A 127 -57.26 -22.77 -14.70
N GLU A 128 -58.10 -21.88 -15.23
CA GLU A 128 -57.77 -20.44 -15.28
C GLU A 128 -57.62 -19.86 -13.87
N LYS A 129 -58.32 -20.47 -12.91
CA LYS A 129 -58.15 -20.12 -11.50
C LYS A 129 -56.76 -20.54 -11.02
N ALA A 130 -56.36 -21.76 -11.39
CA ALA A 130 -55.04 -22.29 -11.03
C ALA A 130 -53.91 -21.66 -11.84
N LEU A 131 -54.23 -21.09 -13.00
CA LEU A 131 -53.23 -20.43 -13.85
C LEU A 131 -52.87 -19.06 -13.29
N LYS A 132 -53.88 -18.33 -12.82
CA LYS A 132 -53.66 -17.09 -12.06
C LYS A 132 -52.93 -17.38 -10.76
N ALA A 133 -53.32 -18.47 -10.09
CA ALA A 133 -52.70 -18.89 -8.85
C ALA A 133 -51.20 -19.10 -9.01
N GLN A 134 -50.80 -19.66 -10.14
CA GLN A 134 -49.38 -19.90 -10.44
C GLN A 134 -48.67 -18.64 -10.93
N ASN A 135 -49.37 -17.82 -11.71
CA ASN A 135 -48.80 -16.58 -12.24
C ASN A 135 -48.33 -15.63 -11.14
N ASP A 136 -49.27 -15.24 -10.27
CA ASP A 136 -48.96 -14.29 -9.20
C ASP A 136 -48.33 -14.93 -7.95
N LEU A 137 -48.14 -16.25 -7.98
CA LEU A 137 -47.32 -16.93 -6.96
C LEU A 137 -45.85 -16.63 -7.23
N ILE A 138 -45.43 -16.84 -8.48
CA ILE A 138 -44.06 -16.58 -8.89
C ILE A 138 -43.75 -15.09 -8.78
N TRP A 139 -44.70 -14.24 -9.17
CA TRP A 139 -44.51 -12.79 -9.09
C TRP A 139 -44.37 -12.29 -7.65
N ASN A 140 -45.13 -12.87 -6.73
CA ASN A 140 -44.94 -12.61 -5.30
C ASN A 140 -43.53 -13.03 -4.87
N ILE A 141 -43.09 -14.20 -5.35
CA ILE A 141 -41.76 -14.73 -5.05
C ILE A 141 -40.65 -13.91 -5.72
N LYS A 142 -40.91 -13.41 -6.93
CA LYS A 142 -39.92 -12.63 -7.68
C LYS A 142 -39.54 -11.33 -6.97
N ASP A 143 -40.52 -10.46 -6.75
CA ASP A 143 -40.26 -9.17 -6.08
C ASP A 143 -40.03 -9.29 -4.57
N GLU A 144 -40.24 -10.49 -4.02
CA GLU A 144 -39.79 -10.79 -2.65
C GLU A 144 -38.26 -10.88 -2.62
N LEU A 145 -37.70 -11.60 -3.60
CA LEU A 145 -36.24 -11.72 -3.73
C LEU A 145 -35.59 -10.39 -4.13
N LYS A 146 -36.31 -9.58 -4.90
CA LYS A 146 -35.83 -8.25 -5.28
C LYS A 146 -35.79 -7.31 -4.08
N LYS A 147 -36.67 -7.54 -3.11
CA LYS A 147 -36.70 -6.75 -1.88
C LYS A 147 -35.56 -7.15 -0.94
N VAL A 148 -35.28 -8.45 -0.84
CA VAL A 148 -34.33 -8.97 0.16
C VAL A 148 -32.92 -9.23 -0.40
N CYS A 149 -32.83 -9.83 -1.59
CA CYS A 149 -31.54 -10.26 -2.13
C CYS A 149 -31.00 -9.32 -3.20
N SER A 150 -29.68 -9.20 -3.26
CA SER A 150 -29.00 -8.50 -4.35
C SER A 150 -28.78 -9.48 -5.51
N THR A 151 -28.23 -8.97 -6.61
CA THR A 151 -28.01 -9.80 -7.81
C THR A 151 -26.96 -10.88 -7.56
N ASN A 152 -25.88 -10.51 -6.86
CA ASN A 152 -24.79 -11.46 -6.55
C ASN A 152 -25.24 -12.65 -5.70
N ASP A 153 -26.23 -12.42 -4.84
CA ASP A 153 -26.84 -13.49 -4.06
C ASP A 153 -27.61 -14.45 -4.95
N LEU A 154 -28.36 -13.88 -5.90
CA LEU A 154 -29.16 -14.65 -6.85
C LEU A 154 -28.29 -15.37 -7.87
N LYS A 155 -27.14 -14.78 -8.20
CA LYS A 155 -26.17 -15.43 -9.07
C LYS A 155 -25.56 -16.66 -8.41
N GLU A 156 -25.12 -16.51 -7.17
CA GLU A 156 -24.51 -17.60 -6.40
C GLU A 156 -25.54 -18.63 -5.93
N LEU A 157 -26.82 -18.26 -5.92
CA LEU A 157 -27.91 -19.21 -5.69
C LEU A 157 -27.98 -20.25 -6.82
N LEU A 158 -27.96 -19.76 -8.06
CA LEU A 158 -28.02 -20.62 -9.23
C LEU A 158 -26.77 -21.48 -9.40
N ILE A 159 -25.60 -20.90 -9.13
CA ILE A 159 -24.32 -21.62 -9.25
C ILE A 159 -24.27 -22.80 -8.29
N PHE A 160 -24.76 -22.59 -7.07
CA PHE A 160 -24.83 -23.66 -6.07
C PHE A 160 -25.70 -24.82 -6.52
N ASN A 161 -26.78 -24.51 -7.25
CA ASN A 161 -27.69 -25.53 -7.78
C ASN A 161 -27.27 -26.08 -9.15
N LYS A 162 -26.03 -25.79 -9.56
CA LYS A 162 -25.47 -26.24 -10.84
C LYS A 162 -26.30 -25.73 -12.02
N GLN A 163 -26.64 -24.44 -11.99
CA GLN A 163 -27.43 -23.80 -13.03
C GLN A 163 -26.62 -22.74 -13.75
N GLN A 164 -26.85 -22.60 -15.05
CA GLN A 164 -26.20 -21.55 -15.85
C GLN A 164 -26.76 -20.20 -15.45
N VAL A 165 -25.87 -19.27 -15.12
CA VAL A 165 -26.26 -17.92 -14.71
C VAL A 165 -26.56 -17.08 -15.96
N PRO A 166 -27.81 -16.63 -16.12
CA PRO A 166 -28.19 -15.89 -17.32
C PRO A 166 -27.74 -14.43 -17.31
N SER A 167 -27.80 -13.80 -18.48
CA SER A 167 -27.50 -12.38 -18.62
C SER A 167 -28.78 -11.56 -18.42
N GLY A 168 -28.73 -10.60 -17.51
CA GLY A 168 -29.87 -9.72 -17.23
C GLY A 168 -30.36 -9.85 -15.81
N GLU A 169 -30.86 -8.73 -15.26
CA GLU A 169 -31.38 -8.72 -13.89
C GLU A 169 -32.71 -9.47 -13.83
N SER A 170 -33.65 -9.05 -14.66
CA SER A 170 -34.99 -9.65 -14.71
C SER A 170 -34.96 -11.16 -14.94
N ALA A 171 -34.08 -11.60 -15.84
CA ALA A 171 -33.96 -13.02 -16.19
C ALA A 171 -33.36 -13.87 -15.06
N ILE A 172 -32.52 -13.27 -14.22
CA ILE A 172 -31.88 -14.00 -13.12
C ILE A 172 -32.91 -14.44 -12.08
N LEU A 173 -33.69 -13.50 -11.56
CA LEU A 173 -34.72 -13.83 -10.56
C LEU A 173 -35.90 -14.62 -11.16
N ASP A 174 -36.05 -14.56 -12.49
CA ASP A 174 -37.05 -15.36 -13.19
C ASP A 174 -36.69 -16.84 -13.13
N ARG A 175 -35.41 -17.15 -13.27
CA ARG A 175 -34.92 -18.53 -13.19
C ARG A 175 -34.77 -19.02 -11.75
N VAL A 176 -34.44 -18.12 -10.84
CA VAL A 176 -34.36 -18.45 -9.41
C VAL A 176 -35.76 -18.78 -8.89
N ALA A 177 -36.74 -17.97 -9.26
CA ALA A 177 -38.14 -18.21 -8.90
C ALA A 177 -38.65 -19.52 -9.51
N ASP A 178 -38.28 -19.76 -10.77
CA ASP A 178 -38.59 -21.03 -11.43
C ASP A 178 -37.91 -22.20 -10.72
N GLY A 179 -36.65 -22.00 -10.32
CA GLY A 179 -35.88 -23.01 -9.62
C GLY A 179 -36.48 -23.41 -8.28
N MET A 180 -36.84 -22.41 -7.47
CA MET A 180 -37.38 -22.66 -6.13
C MET A 180 -38.75 -23.34 -6.17
N VAL A 181 -39.64 -22.85 -7.02
CA VAL A 181 -41.02 -23.33 -7.07
C VAL A 181 -41.12 -24.75 -7.62
N PHE A 182 -40.41 -25.03 -8.71
CA PHE A 182 -40.53 -26.29 -9.42
C PHE A 182 -39.35 -27.24 -9.21
N GLY A 183 -38.13 -26.72 -9.35
CA GLY A 183 -36.92 -27.51 -9.08
C GLY A 183 -35.69 -27.09 -9.86
N ALA A 184 -34.53 -27.55 -9.39
CA ALA A 184 -33.26 -27.31 -10.09
C ALA A 184 -33.18 -28.19 -11.33
N LEU A 185 -33.10 -27.55 -12.50
CA LEU A 185 -33.15 -28.26 -13.77
C LEU A 185 -31.88 -29.08 -14.01
N LEU A 186 -32.05 -30.38 -14.26
CA LEU A 186 -30.93 -31.26 -14.59
C LEU A 186 -30.41 -30.96 -16.00
N PRO A 187 -29.14 -31.32 -16.28
CA PRO A 187 -28.60 -31.12 -17.64
C PRO A 187 -29.38 -31.86 -18.73
N CYS A 188 -29.16 -31.45 -19.97
CA CYS A 188 -29.87 -32.01 -21.12
C CYS A 188 -29.42 -33.45 -21.39
N GLU A 189 -30.30 -34.23 -22.02
CA GLU A 189 -30.03 -35.65 -22.29
C GLU A 189 -28.84 -35.86 -23.24
N GLU A 190 -28.83 -35.15 -24.36
CA GLU A 190 -27.81 -35.34 -25.39
C GLU A 190 -26.67 -34.31 -25.27
N CYS A 191 -27.03 -33.03 -25.37
CA CYS A 191 -26.05 -31.95 -25.46
C CYS A 191 -25.48 -31.50 -24.11
N SER A 192 -26.10 -31.95 -23.01
CA SER A 192 -25.68 -31.60 -21.65
C SER A 192 -25.64 -30.09 -21.40
N GLY A 193 -26.65 -29.39 -21.91
CA GLY A 193 -26.78 -27.94 -21.74
C GLY A 193 -27.82 -27.60 -20.69
N GLN A 194 -28.29 -26.36 -20.72
CA GLN A 194 -29.24 -25.86 -19.72
C GLN A 194 -30.60 -25.60 -20.37
N LEU A 195 -31.65 -26.26 -19.87
CA LEU A 195 -33.01 -26.01 -20.33
C LEU A 195 -33.53 -24.73 -19.67
N VAL A 196 -34.35 -23.98 -20.42
CA VAL A 196 -34.90 -22.71 -19.93
C VAL A 196 -36.38 -22.59 -20.28
N PHE A 197 -37.19 -22.14 -19.33
CA PHE A 197 -38.61 -21.89 -19.57
C PHE A 197 -38.77 -20.70 -20.51
N LYS A 198 -39.55 -20.90 -21.57
CA LYS A 198 -39.83 -19.85 -22.55
C LYS A 198 -41.28 -19.92 -22.99
N SER A 199 -42.11 -19.08 -22.37
CA SER A 199 -43.52 -18.94 -22.73
C SER A 199 -44.38 -20.18 -22.46
N ASP A 200 -44.22 -21.21 -23.30
CA ASP A 200 -45.09 -22.40 -23.24
C ASP A 200 -44.37 -23.74 -23.04
N ALA A 201 -43.04 -23.72 -22.89
CA ALA A 201 -42.27 -24.95 -22.71
C ALA A 201 -40.84 -24.67 -22.24
N TYR A 202 -40.13 -25.74 -21.88
CA TYR A 202 -38.72 -25.67 -21.50
C TYR A 202 -37.84 -26.00 -22.70
N TYR A 203 -37.18 -24.98 -23.26
CA TYR A 203 -36.33 -25.13 -24.43
C TYR A 203 -34.87 -25.29 -24.02
N CYS A 204 -34.16 -26.23 -24.63
CA CYS A 204 -32.74 -26.42 -24.38
C CYS A 204 -31.94 -25.32 -25.08
N THR A 205 -31.01 -24.71 -24.33
CA THR A 205 -30.19 -23.61 -24.84
C THR A 205 -28.73 -24.02 -25.04
N GLY A 206 -28.47 -25.33 -25.01
CA GLY A 206 -27.11 -25.85 -25.16
C GLY A 206 -26.66 -25.93 -26.60
N ASP A 207 -25.61 -26.70 -26.83
CA ASP A 207 -25.02 -26.84 -28.17
C ASP A 207 -24.74 -28.31 -28.49
N VAL A 208 -25.60 -28.89 -29.33
CA VAL A 208 -25.37 -30.24 -29.86
C VAL A 208 -24.07 -30.32 -30.66
N THR A 209 -23.71 -29.20 -31.29
CA THR A 209 -22.42 -29.06 -31.97
C THR A 209 -22.02 -27.59 -32.04
N ALA A 210 -20.79 -27.33 -32.49
CA ALA A 210 -20.28 -25.96 -32.57
C ALA A 210 -21.00 -25.12 -33.63
N TRP A 211 -21.45 -25.79 -34.70
CA TRP A 211 -22.12 -25.12 -35.81
C TRP A 211 -23.60 -24.83 -35.55
N THR A 212 -24.26 -25.75 -34.84
CA THR A 212 -25.71 -25.69 -34.66
C THR A 212 -26.10 -25.71 -33.18
N LYS A 213 -27.21 -25.05 -32.87
CA LYS A 213 -27.75 -25.02 -31.50
C LYS A 213 -28.68 -26.22 -31.31
N CYS A 214 -28.81 -26.67 -30.06
CA CYS A 214 -29.71 -27.78 -29.73
C CYS A 214 -31.16 -27.33 -29.79
N MET A 215 -32.05 -28.27 -30.17
CA MET A 215 -33.46 -27.97 -30.37
C MET A 215 -34.38 -28.87 -29.53
N VAL A 216 -33.91 -29.26 -28.35
CA VAL A 216 -34.74 -30.05 -27.42
C VAL A 216 -35.81 -29.16 -26.79
N LYS A 217 -37.02 -29.67 -26.71
CA LYS A 217 -38.17 -28.94 -26.17
C LYS A 217 -39.07 -29.89 -25.40
N THR A 218 -39.59 -29.43 -24.25
CA THR A 218 -40.44 -30.26 -23.40
C THR A 218 -41.23 -29.44 -22.39
N GLN A 219 -42.37 -29.99 -21.97
CA GLN A 219 -43.18 -29.41 -20.90
C GLN A 219 -42.91 -30.10 -19.55
N THR A 220 -42.32 -31.29 -19.60
CA THR A 220 -41.99 -32.06 -18.40
C THR A 220 -40.50 -32.44 -18.40
N PRO A 221 -39.62 -31.49 -18.06
CA PRO A 221 -38.19 -31.75 -18.04
C PRO A 221 -37.75 -32.51 -16.79
N ASN A 222 -36.52 -33.04 -16.83
CA ASN A 222 -35.94 -33.75 -15.69
C ASN A 222 -35.31 -32.75 -14.73
N ARG A 223 -35.47 -32.98 -13.42
CA ARG A 223 -34.99 -32.04 -12.42
C ARG A 223 -34.99 -32.63 -11.00
N LYS A 224 -33.90 -32.40 -10.28
CA LYS A 224 -33.84 -32.74 -8.85
C LYS A 224 -34.37 -31.55 -8.05
N GLU A 225 -34.53 -31.73 -6.74
CA GLU A 225 -35.10 -30.70 -5.88
C GLU A 225 -34.14 -29.53 -5.69
N TRP A 226 -34.70 -28.32 -5.57
CA TRP A 226 -33.93 -27.10 -5.38
C TRP A 226 -33.37 -27.05 -3.97
N VAL A 227 -32.03 -26.95 -3.86
CA VAL A 227 -31.34 -26.92 -2.57
C VAL A 227 -30.84 -25.51 -2.28
N THR A 228 -31.54 -24.80 -1.40
CA THR A 228 -31.08 -23.50 -0.92
C THR A 228 -29.91 -23.71 0.05
N PRO A 229 -28.84 -22.90 -0.06
CA PRO A 229 -27.77 -23.00 0.92
C PRO A 229 -28.22 -22.61 2.33
N LYS A 230 -27.44 -22.99 3.34
CA LYS A 230 -27.72 -22.64 4.73
C LYS A 230 -27.93 -21.13 4.95
N GLU A 231 -27.24 -20.32 4.14
CA GLU A 231 -27.28 -18.87 4.28
C GLU A 231 -28.62 -18.31 3.77
N PHE A 232 -29.61 -18.28 4.66
CA PHE A 232 -30.94 -17.78 4.32
C PHE A 232 -31.77 -17.50 5.57
N ARG A 233 -31.66 -16.27 6.07
CA ARG A 233 -32.41 -15.85 7.27
C ARG A 233 -33.85 -15.44 6.94
N GLU A 234 -34.15 -15.25 5.65
CA GLU A 234 -35.50 -14.92 5.20
C GLU A 234 -36.08 -15.99 4.28
N ILE A 235 -35.49 -17.19 4.31
CA ILE A 235 -36.00 -18.31 3.53
C ILE A 235 -37.26 -18.89 4.16
N SER A 236 -37.34 -18.81 5.49
CA SER A 236 -38.53 -19.25 6.24
C SER A 236 -39.73 -18.33 5.98
N TYR A 237 -39.47 -17.07 5.63
CA TYR A 237 -40.52 -16.11 5.30
C TYR A 237 -41.03 -16.31 3.87
N LEU A 238 -40.11 -16.51 2.94
CA LEU A 238 -40.45 -16.71 1.53
C LEU A 238 -41.14 -18.05 1.30
N LYS A 239 -40.61 -19.10 1.92
CA LYS A 239 -41.18 -20.45 1.82
C LYS A 239 -42.50 -20.59 2.60
N LYS A 240 -42.75 -19.66 3.52
CA LYS A 240 -43.99 -19.67 4.31
C LYS A 240 -45.22 -19.18 3.53
N LEU A 241 -45.02 -18.73 2.29
CA LEU A 241 -46.12 -18.23 1.46
C LEU A 241 -46.93 -19.36 0.82
N LYS A 242 -47.36 -20.33 1.63
CA LYS A 242 -48.20 -21.44 1.19
C LYS A 242 -47.75 -22.07 -0.14
N VAL A 243 -46.51 -22.55 -0.16
CA VAL A 243 -45.94 -23.16 -1.37
C VAL A 243 -45.73 -24.66 -1.19
N LYS A 244 -46.52 -25.45 -1.90
CA LYS A 244 -46.43 -26.91 -1.86
C LYS A 244 -45.84 -27.45 -3.16
N LYS A 245 -45.70 -28.77 -3.25
CA LYS A 245 -45.18 -29.42 -4.46
C LYS A 245 -46.19 -29.35 -5.61
N GLN A 246 -45.72 -28.87 -6.75
CA GLN A 246 -46.57 -28.73 -7.93
C GLN A 246 -45.73 -28.57 -9.20
N ASP A 247 -46.29 -28.97 -10.34
CA ASP A 247 -45.60 -28.88 -11.62
C ASP A 247 -46.06 -27.63 -12.39
N ARG A 248 -45.25 -27.22 -13.36
CA ARG A 248 -45.56 -26.07 -14.21
C ARG A 248 -46.86 -26.30 -15.00
N ILE A 249 -47.79 -25.35 -14.87
CA ILE A 249 -49.02 -25.34 -15.65
C ILE A 249 -48.80 -24.45 -16.87
N PHE A 250 -49.33 -24.86 -18.02
CA PHE A 250 -49.11 -24.16 -19.28
C PHE A 250 -50.44 -23.62 -19.82
N PRO A 251 -50.37 -22.70 -20.80
CA PRO A 251 -51.60 -22.20 -21.43
C PRO A 251 -52.34 -23.26 -22.24
N PRO A 252 -53.61 -23.01 -22.60
CA PRO A 252 -54.38 -23.98 -23.38
C PRO A 252 -53.84 -24.17 -24.80
N ALA B 14 -4.98 -11.30 -50.32
CA ALA B 14 -6.01 -10.39 -50.90
C ALA B 14 -5.56 -8.93 -50.84
N ALA B 15 -6.33 -8.06 -51.48
CA ALA B 15 -6.06 -6.62 -51.51
C ALA B 15 -6.96 -5.87 -50.54
N VAL B 16 -6.89 -4.54 -50.56
CA VAL B 16 -7.65 -3.70 -49.64
C VAL B 16 -9.12 -3.61 -50.07
N ASP B 17 -10.02 -3.63 -49.09
CA ASP B 17 -11.45 -3.48 -49.32
C ASP B 17 -11.75 -2.00 -49.61
N PRO B 18 -12.38 -1.71 -50.77
CA PRO B 18 -12.70 -0.31 -51.11
C PRO B 18 -13.74 0.37 -50.20
N ASP B 19 -14.39 -0.39 -49.32
CA ASP B 19 -15.33 0.19 -48.35
C ASP B 19 -14.63 1.10 -47.34
N SER B 20 -13.34 0.88 -47.13
CA SER B 20 -12.52 1.75 -46.29
C SER B 20 -12.38 3.14 -46.89
N GLY B 21 -12.21 3.20 -48.21
CA GLY B 21 -11.98 4.45 -48.92
C GLY B 21 -10.49 4.79 -49.05
N LEU B 22 -9.64 3.93 -48.48
CA LEU B 22 -8.19 4.13 -48.52
C LEU B 22 -7.52 2.99 -49.29
N GLU B 23 -8.18 2.50 -50.34
CA GLU B 23 -7.70 1.31 -51.07
C GLU B 23 -6.41 1.55 -51.85
N HIS B 24 -6.35 2.65 -52.60
CA HIS B 24 -5.16 3.03 -53.35
C HIS B 24 -4.44 4.15 -52.60
N SER B 25 -3.95 3.82 -51.42
CA SER B 25 -3.24 4.77 -50.55
C SER B 25 -2.22 4.05 -49.66
N ALA B 26 -2.71 3.10 -48.86
CA ALA B 26 -1.86 2.30 -47.99
C ALA B 26 -2.11 0.81 -48.23
N HIS B 27 -1.02 0.03 -48.23
CA HIS B 27 -1.09 -1.41 -48.51
C HIS B 27 -1.58 -2.22 -47.30
N VAL B 28 -2.18 -3.36 -47.57
CA VAL B 28 -2.57 -4.31 -46.52
C VAL B 28 -1.32 -5.01 -45.99
N LEU B 29 -1.22 -5.14 -44.67
CA LEU B 29 0.02 -5.58 -44.02
C LEU B 29 0.07 -7.08 -43.76
N GLU B 30 1.29 -7.61 -43.69
CA GLU B 30 1.52 -9.01 -43.35
C GLU B 30 2.83 -9.14 -42.55
N LYS B 31 2.81 -9.99 -41.51
CA LYS B 31 4.00 -10.24 -40.70
C LYS B 31 4.72 -11.49 -41.21
N GLY B 32 5.61 -11.30 -42.17
CA GLY B 32 6.38 -12.41 -42.73
C GLY B 32 5.56 -13.32 -43.61
N GLY B 33 4.80 -14.21 -42.96
CA GLY B 33 3.99 -15.21 -43.66
C GLY B 33 2.49 -14.94 -43.57
N LYS B 34 1.97 -14.95 -42.35
CA LYS B 34 0.54 -14.76 -42.11
C LYS B 34 0.07 -13.35 -42.47
N VAL B 35 -0.86 -13.26 -43.43
CA VAL B 35 -1.39 -11.98 -43.88
C VAL B 35 -2.48 -11.50 -42.94
N PHE B 36 -2.33 -10.29 -42.40
CA PHE B 36 -3.31 -9.74 -41.46
C PHE B 36 -4.58 -9.30 -42.18
N SER B 37 -5.40 -10.30 -42.54
CA SER B 37 -6.66 -10.07 -43.24
C SER B 37 -7.44 -11.38 -43.29
N ALA B 38 -8.67 -11.35 -42.79
CA ALA B 38 -9.52 -12.55 -42.73
C ALA B 38 -10.98 -12.20 -43.02
N THR B 39 -11.66 -13.06 -43.77
CA THR B 39 -13.07 -12.89 -44.10
C THR B 39 -13.88 -14.02 -43.46
N LEU B 40 -14.65 -13.68 -42.43
CA LEU B 40 -15.39 -14.66 -41.64
C LEU B 40 -16.84 -14.79 -42.11
N GLY B 41 -17.49 -15.86 -41.68
CA GLY B 41 -18.89 -16.11 -42.03
C GLY B 41 -19.62 -16.91 -40.96
N LEU B 42 -20.92 -16.70 -40.85
CA LEU B 42 -21.75 -17.37 -39.85
C LEU B 42 -23.18 -17.49 -40.36
N VAL B 43 -23.71 -18.72 -40.37
CA VAL B 43 -25.08 -18.98 -40.80
C VAL B 43 -25.78 -19.94 -39.84
N ASP B 44 -27.02 -19.61 -39.49
CA ASP B 44 -27.90 -20.48 -38.72
C ASP B 44 -29.23 -20.57 -39.47
N ILE B 45 -29.48 -21.73 -40.07
CA ILE B 45 -30.68 -21.95 -40.88
C ILE B 45 -31.98 -21.72 -40.09
N VAL B 46 -31.97 -22.08 -38.81
CA VAL B 46 -33.17 -21.97 -37.97
C VAL B 46 -33.51 -20.50 -37.70
N LYS B 47 -32.52 -19.74 -37.23
CA LYS B 47 -32.69 -18.29 -36.99
C LYS B 47 -32.87 -17.52 -38.30
N GLY B 48 -32.22 -17.98 -39.36
CA GLY B 48 -32.25 -17.31 -40.65
C GLY B 48 -31.03 -16.42 -40.90
N THR B 49 -30.28 -16.15 -39.84
CA THR B 49 -29.06 -15.35 -39.95
C THR B 49 -28.07 -15.98 -40.94
N ASN B 50 -27.46 -15.10 -41.75
CA ASN B 50 -26.52 -15.51 -42.79
C ASN B 50 -25.63 -14.30 -43.07
N SER B 51 -24.55 -14.19 -42.30
CA SER B 51 -23.78 -12.95 -42.21
C SER B 51 -22.32 -13.10 -42.63
N TYR B 52 -21.68 -11.97 -42.89
CA TYR B 52 -20.24 -11.92 -43.16
C TYR B 52 -19.54 -11.05 -42.14
N TYR B 53 -18.22 -11.15 -42.08
CA TYR B 53 -17.40 -10.29 -41.23
C TYR B 53 -15.96 -10.24 -41.73
N LYS B 54 -15.64 -9.19 -42.50
CA LYS B 54 -14.29 -9.02 -43.03
C LYS B 54 -13.47 -8.11 -42.12
N LEU B 55 -12.32 -8.62 -41.68
CA LEU B 55 -11.39 -7.89 -40.84
C LEU B 55 -10.08 -7.69 -41.59
N GLN B 56 -9.48 -6.50 -41.46
CA GLN B 56 -8.23 -6.18 -42.16
C GLN B 56 -7.34 -5.29 -41.31
N LEU B 57 -6.05 -5.28 -41.65
CA LEU B 57 -5.08 -4.39 -41.03
C LEU B 57 -4.31 -3.62 -42.10
N LEU B 58 -4.74 -2.39 -42.37
CA LEU B 58 -4.14 -1.56 -43.41
C LEU B 58 -2.87 -0.88 -42.90
N TRP B 67 -3.99 1.58 -39.06
CA TRP B 67 -5.41 1.53 -39.40
C TRP B 67 -5.95 0.11 -39.33
N ILE B 68 -7.09 -0.06 -38.68
CA ILE B 68 -7.81 -1.33 -38.66
C ILE B 68 -9.19 -1.13 -39.29
N PHE B 69 -9.62 -2.08 -40.10
CA PHE B 69 -10.91 -1.97 -40.79
C PHE B 69 -11.80 -3.18 -40.51
N ARG B 70 -13.03 -2.89 -40.07
CA ARG B 70 -14.04 -3.92 -39.81
C ARG B 70 -15.24 -3.70 -40.72
N SER B 71 -15.65 -4.76 -41.42
CA SER B 71 -16.85 -4.75 -42.23
C SER B 71 -17.78 -5.86 -41.77
N TRP B 72 -19.08 -5.59 -41.76
CA TRP B 72 -20.06 -6.58 -41.30
C TRP B 72 -21.45 -6.34 -41.92
N GLY B 73 -22.26 -7.39 -41.96
CA GLY B 73 -23.62 -7.31 -42.49
C GLY B 73 -24.14 -8.65 -42.97
N ARG B 74 -25.31 -8.62 -43.60
CA ARG B 74 -25.92 -9.82 -44.18
C ARG B 74 -25.44 -9.98 -45.61
N VAL B 75 -24.75 -11.09 -45.88
CA VAL B 75 -24.18 -11.36 -47.21
C VAL B 75 -25.19 -11.19 -48.34
N GLY B 76 -24.84 -10.33 -49.31
CA GLY B 76 -25.62 -10.14 -50.52
C GLY B 76 -26.74 -9.13 -50.41
N THR B 77 -26.59 -8.16 -49.50
CA THR B 77 -27.61 -7.12 -49.30
C THR B 77 -27.02 -5.84 -48.73
N VAL B 78 -27.82 -4.78 -48.73
CA VAL B 78 -27.42 -3.48 -48.19
C VAL B 78 -27.42 -3.47 -46.65
N ILE B 79 -27.98 -4.52 -46.04
CA ILE B 79 -27.98 -4.67 -44.58
C ILE B 79 -26.54 -4.83 -44.08
N GLY B 80 -26.12 -3.93 -43.19
CA GLY B 80 -24.77 -3.96 -42.63
C GLY B 80 -24.16 -2.58 -42.51
N SER B 81 -22.93 -2.54 -42.02
CA SER B 81 -22.18 -1.30 -41.88
C SER B 81 -20.68 -1.60 -41.74
N ASN B 82 -19.88 -0.55 -41.53
CA ASN B 82 -18.44 -0.70 -41.39
C ASN B 82 -17.82 0.34 -40.46
N LYS B 83 -16.60 0.09 -40.01
CA LYS B 83 -15.86 1.04 -39.19
C LYS B 83 -14.37 1.06 -39.53
N LEU B 84 -13.96 2.12 -40.22
CA LEU B 84 -12.54 2.41 -40.40
C LEU B 84 -12.06 3.19 -39.18
N GLU B 85 -10.90 2.83 -38.67
CA GLU B 85 -10.39 3.42 -37.43
C GLU B 85 -8.86 3.43 -37.41
N GLN B 86 -8.27 4.62 -37.30
CA GLN B 86 -6.81 4.77 -37.21
C GLN B 86 -6.33 4.36 -35.83
N MET B 87 -5.17 3.71 -35.78
CA MET B 87 -4.59 3.22 -34.53
C MET B 87 -3.62 4.25 -33.93
N PRO B 88 -3.38 4.18 -32.60
CA PRO B 88 -2.34 5.00 -31.99
C PRO B 88 -0.92 4.61 -32.47
N SER B 89 -0.69 3.31 -32.68
CA SER B 89 0.60 2.82 -33.17
C SER B 89 0.46 1.49 -33.89
N LYS B 90 1.57 0.97 -34.40
CA LYS B 90 1.58 -0.28 -35.17
C LYS B 90 1.57 -1.55 -34.30
N GLU B 91 2.14 -1.47 -33.10
CA GLU B 91 2.09 -2.61 -32.17
C GLU B 91 0.72 -2.70 -31.47
N ASP B 92 0.02 -1.57 -31.39
CA ASP B 92 -1.36 -1.56 -30.89
C ASP B 92 -2.32 -2.16 -31.92
N ALA B 93 -1.93 -2.14 -33.18
CA ALA B 93 -2.70 -2.75 -34.26
C ALA B 93 -2.82 -4.26 -34.09
N ILE B 94 -1.68 -4.92 -33.85
CA ILE B 94 -1.64 -6.36 -33.57
C ILE B 94 -2.51 -6.70 -32.36
N GLU B 95 -2.45 -5.85 -31.34
CA GLU B 95 -3.26 -6.03 -30.13
C GLU B 95 -4.75 -5.93 -30.42
N HIS B 96 -5.13 -4.92 -31.21
CA HIS B 96 -6.54 -4.69 -31.55
C HIS B 96 -7.04 -5.73 -32.56
N PHE B 97 -6.17 -6.14 -33.48
CA PHE B 97 -6.52 -7.11 -34.52
C PHE B 97 -6.74 -8.51 -33.95
N MET B 98 -5.74 -9.03 -33.25
CA MET B 98 -5.80 -10.39 -32.70
C MET B 98 -6.86 -10.54 -31.60
N LYS B 99 -7.20 -9.43 -30.94
CA LYS B 99 -8.25 -9.41 -29.93
C LYS B 99 -9.63 -9.46 -30.59
N LEU B 100 -9.85 -8.59 -31.58
CA LEU B 100 -11.09 -8.59 -32.35
C LEU B 100 -11.31 -9.93 -33.06
N TYR B 101 -10.23 -10.48 -33.60
CA TYR B 101 -10.26 -11.78 -34.27
C TYR B 101 -10.81 -12.84 -33.32
N GLU B 102 -10.09 -13.10 -32.23
CA GLU B 102 -10.47 -14.14 -31.25
C GLU B 102 -11.85 -13.90 -30.65
N GLU B 103 -12.20 -12.63 -30.42
CA GLU B 103 -13.53 -12.27 -29.92
C GLU B 103 -14.64 -12.72 -30.87
N LYS B 104 -14.36 -12.68 -32.17
CA LYS B 104 -15.36 -12.97 -33.20
C LYS B 104 -15.28 -14.42 -33.69
N THR B 105 -14.07 -14.93 -33.87
CA THR B 105 -13.87 -16.29 -34.42
C THR B 105 -13.75 -17.37 -33.32
N GLY B 106 -13.20 -17.00 -32.16
CA GLY B 106 -13.05 -17.92 -31.04
C GLY B 106 -11.63 -18.43 -30.84
N ASN B 107 -10.91 -18.64 -31.94
CA ASN B 107 -9.55 -19.16 -31.91
C ASN B 107 -8.49 -18.06 -31.87
N ALA B 108 -7.25 -18.48 -31.68
CA ALA B 108 -6.09 -17.58 -31.77
C ALA B 108 -5.72 -17.38 -33.23
N TRP B 109 -4.86 -16.39 -33.49
CA TRP B 109 -4.47 -16.05 -34.86
C TRP B 109 -3.64 -17.17 -35.50
N HIS B 110 -2.75 -17.78 -34.71
CA HIS B 110 -2.02 -18.99 -35.14
C HIS B 110 -2.69 -20.27 -34.61
N SER B 111 -2.76 -21.31 -35.45
CA SER B 111 -3.30 -22.61 -35.03
C SER B 111 -2.89 -23.77 -35.96
N LYS B 112 -2.76 -24.96 -35.38
CA LYS B 112 -2.36 -26.15 -36.14
C LYS B 112 -3.52 -26.69 -36.95
N ASN B 113 -4.72 -26.65 -36.37
CA ASN B 113 -5.96 -26.97 -37.07
C ASN B 113 -7.06 -26.15 -36.45
N PHE B 114 -7.97 -25.64 -37.27
CA PHE B 114 -9.03 -24.76 -36.79
C PHE B 114 -10.19 -25.55 -36.18
N THR B 115 -10.87 -24.92 -35.23
CA THR B 115 -12.06 -25.50 -34.59
C THR B 115 -13.14 -24.43 -34.42
N LYS B 116 -14.33 -24.72 -34.95
CA LYS B 116 -15.49 -23.83 -34.83
C LYS B 116 -15.98 -23.78 -33.38
N TYR B 117 -16.52 -22.65 -32.97
CA TYR B 117 -17.09 -22.49 -31.63
C TYR B 117 -18.54 -21.96 -31.68
N PRO B 118 -19.39 -22.38 -30.73
CA PRO B 118 -20.79 -21.96 -30.62
C PRO B 118 -21.03 -20.46 -30.81
N LYS B 119 -21.84 -20.12 -31.80
CA LYS B 119 -22.21 -18.73 -32.12
C LYS B 119 -21.04 -17.79 -32.48
N LYS B 120 -19.82 -18.32 -32.55
CA LYS B 120 -18.69 -17.57 -33.06
C LYS B 120 -18.61 -17.77 -34.56
N PHE B 121 -17.82 -16.93 -35.23
CA PHE B 121 -17.66 -17.00 -36.69
C PHE B 121 -16.67 -18.09 -37.11
N TYR B 122 -16.64 -18.37 -38.41
CA TYR B 122 -15.68 -19.29 -39.01
C TYR B 122 -14.98 -18.60 -40.19
N PRO B 123 -13.63 -18.62 -40.22
CA PRO B 123 -12.87 -17.93 -41.26
C PRO B 123 -12.87 -18.69 -42.59
N LEU B 124 -13.13 -17.98 -43.69
CA LEU B 124 -13.10 -18.57 -45.02
C LEU B 124 -11.72 -18.42 -45.67
N GLU B 125 -11.24 -19.49 -46.26
CA GLU B 125 -9.87 -19.54 -46.80
C GLU B 125 -9.79 -18.85 -48.17
N ILE B 126 -9.32 -17.61 -48.17
CA ILE B 126 -9.08 -16.86 -49.41
C ILE B 126 -7.63 -17.04 -49.86
N ASP B 127 -7.42 -17.04 -51.18
CA ASP B 127 -6.08 -17.20 -51.75
C ASP B 127 -5.24 -15.95 -51.51
N LYS B 145 -6.06 -6.73 -85.81
CA LYS B 145 -4.73 -7.17 -86.22
C LYS B 145 -4.45 -8.64 -85.87
N SER B 146 -5.44 -9.31 -85.27
CA SER B 146 -5.31 -10.74 -84.97
C SER B 146 -5.48 -11.57 -86.24
N LYS B 147 -4.60 -12.55 -86.44
CA LYS B 147 -4.61 -13.40 -87.63
C LYS B 147 -5.27 -14.75 -87.37
N LEU B 148 -6.60 -14.73 -87.30
CA LEU B 148 -7.40 -15.96 -87.13
C LEU B 148 -8.73 -15.84 -87.87
N PRO B 149 -9.41 -16.98 -88.10
CA PRO B 149 -10.75 -16.94 -88.73
C PRO B 149 -11.80 -16.27 -87.84
N LYS B 150 -12.86 -15.77 -88.47
CA LYS B 150 -13.93 -15.07 -87.76
C LYS B 150 -14.73 -15.98 -86.82
N PRO B 151 -15.02 -17.23 -87.23
CA PRO B 151 -15.69 -18.16 -86.32
C PRO B 151 -14.83 -18.58 -85.11
N VAL B 152 -13.51 -18.67 -85.32
CA VAL B 152 -12.58 -19.02 -84.25
C VAL B 152 -12.47 -17.88 -83.24
N GLN B 153 -12.50 -16.64 -83.71
CA GLN B 153 -12.53 -15.47 -82.85
C GLN B 153 -13.83 -15.43 -82.02
N ASP B 154 -14.94 -15.79 -82.67
CA ASP B 154 -16.24 -15.88 -81.99
C ASP B 154 -16.28 -16.99 -80.95
N LEU B 155 -15.51 -18.06 -81.20
CA LEU B 155 -15.42 -19.17 -80.25
C LEU B 155 -14.76 -18.71 -78.94
N ILE B 156 -13.65 -17.99 -79.07
CA ILE B 156 -12.98 -17.39 -77.92
C ILE B 156 -13.88 -16.33 -77.27
N LYS B 157 -14.50 -15.50 -78.10
CA LYS B 157 -15.47 -14.50 -77.63
C LYS B 157 -16.56 -15.14 -76.78
N MET B 158 -17.00 -16.33 -77.17
CA MET B 158 -18.08 -17.03 -76.49
C MET B 158 -17.62 -17.71 -75.20
N ILE B 159 -16.45 -18.37 -75.24
CA ILE B 159 -15.97 -19.15 -74.09
C ILE B 159 -15.06 -18.38 -73.12
N PHE B 160 -14.76 -17.12 -73.42
CA PHE B 160 -13.96 -16.29 -72.50
C PHE B 160 -14.68 -15.01 -72.03
N ASP B 161 -15.96 -14.87 -72.36
CA ASP B 161 -16.78 -13.81 -71.80
C ASP B 161 -17.18 -14.25 -70.39
N VAL B 162 -16.52 -13.67 -69.38
CA VAL B 162 -16.68 -14.13 -68.00
C VAL B 162 -17.89 -13.48 -67.32
N GLU B 163 -18.35 -12.35 -67.84
CA GLU B 163 -19.57 -11.70 -67.33
C GLU B 163 -20.79 -12.57 -67.66
N SER B 164 -20.72 -13.30 -68.77
CA SER B 164 -21.74 -14.30 -69.11
C SER B 164 -21.69 -15.47 -68.13
N MET B 165 -20.49 -15.82 -67.68
CA MET B 165 -20.29 -16.85 -66.67
C MET B 165 -20.75 -16.40 -65.29
N LYS B 166 -20.63 -15.09 -65.03
CA LYS B 166 -21.12 -14.51 -63.76
C LYS B 166 -22.64 -14.65 -63.67
N LYS B 167 -23.34 -14.20 -64.72
CA LYS B 167 -24.79 -14.35 -64.81
C LYS B 167 -25.22 -15.81 -64.61
N ALA B 168 -24.46 -16.73 -65.18
CA ALA B 168 -24.72 -18.15 -65.05
C ALA B 168 -24.76 -18.62 -63.59
N MET B 169 -23.99 -17.98 -62.73
CA MET B 169 -23.95 -18.30 -61.30
C MET B 169 -25.07 -17.62 -60.50
N VAL B 170 -25.68 -16.57 -61.05
CA VAL B 170 -26.71 -15.82 -60.34
C VAL B 170 -27.91 -16.71 -59.99
N GLU B 171 -28.27 -17.60 -60.89
CA GLU B 171 -29.37 -18.54 -60.67
C GLU B 171 -29.07 -19.56 -59.56
N TYR B 172 -27.79 -19.88 -59.37
CA TYR B 172 -27.36 -20.77 -58.30
C TYR B 172 -27.39 -20.09 -56.92
N GLU B 173 -27.48 -18.77 -56.91
CA GLU B 173 -27.51 -17.96 -55.68
C GLU B 173 -26.16 -17.90 -54.96
N ILE B 174 -25.08 -18.04 -55.73
CA ILE B 174 -23.73 -17.78 -55.23
C ILE B 174 -23.57 -16.26 -55.08
N ASP B 175 -22.79 -15.84 -54.08
CA ASP B 175 -22.51 -14.42 -53.86
C ASP B 175 -21.82 -13.82 -55.10
N LEU B 176 -22.42 -12.75 -55.62
CA LEU B 176 -21.94 -12.13 -56.86
C LEU B 176 -20.94 -11.00 -56.59
N GLN B 177 -21.01 -10.43 -55.39
CA GLN B 177 -20.24 -9.23 -55.04
C GLN B 177 -18.73 -9.41 -55.12
N LYS B 178 -18.17 -10.22 -54.23
CA LYS B 178 -16.71 -10.31 -54.08
C LYS B 178 -16.10 -11.68 -54.41
N MET B 179 -16.86 -12.55 -55.08
CA MET B 179 -16.33 -13.85 -55.51
C MET B 179 -15.39 -13.79 -56.74
N PRO B 180 -15.55 -12.80 -57.64
CA PRO B 180 -14.59 -12.74 -58.75
C PRO B 180 -13.19 -12.30 -58.32
N LEU B 181 -13.11 -11.27 -57.48
CA LEU B 181 -11.82 -10.80 -56.96
C LEU B 181 -11.31 -11.69 -55.83
N GLY B 182 -12.22 -12.25 -55.03
CA GLY B 182 -11.87 -13.14 -53.93
C GLY B 182 -11.86 -14.60 -54.35
N LYS B 183 -10.68 -15.13 -54.65
CA LYS B 183 -10.54 -16.53 -55.05
C LYS B 183 -10.69 -17.46 -53.84
N LEU B 184 -11.71 -18.30 -53.87
CA LEU B 184 -11.95 -19.28 -52.82
C LEU B 184 -10.95 -20.43 -52.98
N SER B 185 -10.41 -20.89 -51.85
CA SER B 185 -9.29 -21.86 -51.86
C SER B 185 -9.68 -23.22 -52.43
N LYS B 186 -8.65 -24.00 -52.76
CA LYS B 186 -8.84 -25.34 -53.34
C LYS B 186 -9.18 -26.35 -52.24
N ARG B 187 -8.49 -26.24 -51.11
CA ARG B 187 -8.76 -27.09 -49.94
C ARG B 187 -10.15 -26.80 -49.36
N GLN B 188 -10.59 -25.56 -49.51
CA GLN B 188 -11.94 -25.13 -49.08
C GLN B 188 -13.02 -25.82 -49.90
N ILE B 189 -12.89 -25.75 -51.23
CA ILE B 189 -13.90 -26.29 -52.14
C ILE B 189 -13.97 -27.82 -52.04
N GLN B 190 -12.83 -28.46 -51.77
CA GLN B 190 -12.79 -29.91 -51.53
C GLN B 190 -13.59 -30.28 -50.27
N ALA B 191 -13.52 -29.44 -49.25
CA ALA B 191 -14.31 -29.62 -48.02
C ALA B 191 -15.79 -29.34 -48.29
N ALA B 192 -16.08 -28.37 -49.15
CA ALA B 192 -17.44 -28.07 -49.56
C ALA B 192 -18.04 -29.26 -50.33
N TYR B 193 -17.23 -29.89 -51.17
CA TYR B 193 -17.61 -31.13 -51.84
C TYR B 193 -17.88 -32.25 -50.83
N SER B 194 -16.99 -32.37 -49.85
CA SER B 194 -17.11 -33.40 -48.82
C SER B 194 -18.39 -33.26 -48.00
N ILE B 195 -18.79 -32.02 -47.72
CA ILE B 195 -20.03 -31.75 -46.98
C ILE B 195 -21.24 -32.22 -47.80
N LEU B 196 -21.23 -31.93 -49.11
CA LEU B 196 -22.30 -32.37 -50.00
C LEU B 196 -22.40 -33.91 -50.04
N SER B 197 -21.24 -34.57 -50.11
CA SER B 197 -21.21 -36.04 -50.12
C SER B 197 -21.69 -36.62 -48.78
N GLU B 198 -21.45 -35.89 -47.69
CA GLU B 198 -21.95 -36.28 -46.37
C GLU B 198 -23.48 -36.13 -46.29
N VAL B 199 -24.03 -35.14 -47.00
CA VAL B 199 -25.48 -34.91 -47.00
C VAL B 199 -26.20 -36.04 -47.74
N GLN B 200 -25.69 -36.43 -48.89
CA GLN B 200 -26.27 -37.54 -49.66
C GLN B 200 -26.26 -38.84 -48.86
N GLN B 201 -25.15 -39.09 -48.17
CA GLN B 201 -25.05 -40.24 -47.27
C GLN B 201 -26.08 -40.15 -46.15
N ALA B 202 -26.26 -38.94 -45.62
CA ALA B 202 -27.25 -38.69 -44.57
C ALA B 202 -28.69 -38.81 -45.08
N VAL B 203 -28.92 -38.35 -46.30
CA VAL B 203 -30.24 -38.44 -46.93
C VAL B 203 -30.60 -39.87 -47.31
N SER B 204 -29.62 -40.64 -47.80
CA SER B 204 -29.85 -42.00 -48.28
C SER B 204 -30.37 -42.94 -47.19
N GLN B 205 -29.77 -42.88 -46.01
CA GLN B 205 -30.16 -43.77 -44.90
C GLN B 205 -30.99 -43.05 -43.82
N GLY B 206 -31.74 -42.03 -44.25
CA GLY B 206 -32.67 -41.30 -43.37
C GLY B 206 -32.09 -40.91 -42.03
N SER B 207 -31.00 -40.15 -42.05
CA SER B 207 -30.34 -39.70 -40.82
C SER B 207 -31.13 -38.59 -40.13
N SER B 208 -30.67 -38.19 -38.95
CA SER B 208 -31.35 -37.18 -38.13
C SER B 208 -31.47 -35.83 -38.83
N ASP B 209 -32.43 -35.03 -38.38
CA ASP B 209 -32.59 -33.66 -38.89
C ASP B 209 -31.42 -32.79 -38.46
N SER B 210 -30.92 -33.03 -37.25
CA SER B 210 -29.74 -32.32 -36.72
C SER B 210 -28.49 -32.61 -37.56
N GLN B 211 -28.29 -33.89 -37.89
CA GLN B 211 -27.22 -34.30 -38.79
C GLN B 211 -27.28 -33.53 -40.11
N ILE B 212 -28.48 -33.45 -40.69
CA ILE B 212 -28.70 -32.69 -41.92
C ILE B 212 -28.56 -31.18 -41.69
N LEU B 213 -29.11 -30.69 -40.59
CA LEU B 213 -29.04 -29.26 -40.25
C LEU B 213 -27.59 -28.78 -40.20
N ASP B 214 -26.73 -29.57 -39.55
CA ASP B 214 -25.31 -29.26 -39.42
C ASP B 214 -24.62 -29.11 -40.77
N LEU B 215 -24.84 -30.09 -41.66
CA LEU B 215 -24.20 -30.08 -42.97
C LEU B 215 -24.71 -28.92 -43.83
N SER B 216 -26.00 -28.60 -43.70
CA SER B 216 -26.58 -27.46 -44.41
C SER B 216 -25.98 -26.15 -43.90
N ASN B 217 -25.87 -26.02 -42.58
CA ASN B 217 -25.17 -24.89 -41.97
C ASN B 217 -23.72 -24.84 -42.46
N ARG B 218 -23.00 -25.95 -42.28
CA ARG B 218 -21.59 -26.05 -42.68
C ARG B 218 -21.34 -25.60 -44.12
N PHE B 219 -22.21 -26.01 -45.03
CA PHE B 219 -22.04 -25.71 -46.45
C PHE B 219 -22.18 -24.22 -46.75
N TYR B 220 -23.27 -23.62 -46.28
CA TYR B 220 -23.55 -22.20 -46.55
C TYR B 220 -22.58 -21.25 -45.85
N THR B 221 -21.98 -21.70 -44.74
CA THR B 221 -20.92 -20.94 -44.10
C THR B 221 -19.69 -20.99 -44.99
N LEU B 222 -19.33 -22.19 -45.44
CA LEU B 222 -18.11 -22.42 -46.22
C LEU B 222 -18.17 -21.77 -47.61
N ILE B 223 -19.36 -21.77 -48.21
CA ILE B 223 -19.59 -21.10 -49.50
C ILE B 223 -20.71 -20.08 -49.33
N PRO B 224 -20.37 -18.78 -49.38
CA PRO B 224 -21.36 -17.72 -49.11
C PRO B 224 -22.41 -17.59 -50.21
N HIS B 225 -23.68 -17.76 -49.83
CA HIS B 225 -24.81 -17.66 -50.76
C HIS B 225 -25.55 -16.34 -50.55
N ASP B 226 -26.36 -15.97 -51.54
CA ASP B 226 -27.18 -14.76 -51.47
C ASP B 226 -28.65 -15.13 -51.60
N PHE B 227 -29.32 -15.22 -50.45
CA PHE B 227 -30.77 -15.48 -50.42
C PHE B 227 -31.56 -14.20 -50.13
N GLY B 228 -30.86 -13.10 -49.90
CA GLY B 228 -31.50 -11.82 -49.60
C GLY B 228 -32.03 -11.77 -48.19
N MET B 229 -33.34 -11.53 -48.05
CA MET B 229 -33.98 -11.36 -46.74
C MET B 229 -34.70 -12.64 -46.26
N LYS B 230 -34.49 -13.77 -46.93
CA LYS B 230 -35.13 -15.03 -46.54
C LYS B 230 -34.12 -16.09 -46.11
N LYS B 231 -34.62 -17.13 -45.44
CA LYS B 231 -33.79 -18.14 -44.80
C LYS B 231 -33.12 -19.07 -45.81
N PRO B 232 -31.85 -19.45 -45.56
CA PRO B 232 -31.19 -20.50 -46.35
C PRO B 232 -31.97 -21.82 -46.29
N PRO B 233 -32.25 -22.43 -47.47
CA PRO B 233 -33.02 -23.67 -47.49
C PRO B 233 -32.19 -24.90 -47.13
N LEU B 234 -32.80 -25.85 -46.43
CA LEU B 234 -32.10 -27.05 -45.97
C LEU B 234 -31.79 -28.01 -47.12
N LEU B 235 -30.60 -28.60 -47.08
CA LEU B 235 -30.21 -29.60 -48.07
C LEU B 235 -30.74 -30.97 -47.63
N ASN B 236 -32.01 -31.21 -47.92
CA ASN B 236 -32.69 -32.45 -47.52
C ASN B 236 -33.04 -33.40 -48.68
N ASN B 237 -33.05 -32.86 -49.89
CA ASN B 237 -33.41 -33.66 -51.08
C ASN B 237 -32.20 -34.39 -51.67
N ALA B 238 -32.46 -35.28 -52.60
CA ALA B 238 -31.42 -36.01 -53.32
C ALA B 238 -30.88 -35.17 -54.50
N ASP B 239 -31.72 -34.30 -55.05
CA ASP B 239 -31.33 -33.44 -56.18
C ASP B 239 -30.83 -32.05 -55.75
N SER B 240 -31.10 -31.68 -54.51
CA SER B 240 -30.60 -30.41 -53.95
C SER B 240 -29.08 -30.45 -53.81
N VAL B 241 -28.57 -31.56 -53.30
CA VAL B 241 -27.12 -31.81 -53.25
C VAL B 241 -26.53 -31.86 -54.67
N GLN B 242 -27.25 -32.50 -55.59
CA GLN B 242 -26.83 -32.55 -57.00
C GLN B 242 -26.77 -31.16 -57.62
N ALA B 243 -27.74 -30.31 -57.27
CA ALA B 243 -27.78 -28.93 -57.74
C ALA B 243 -26.58 -28.14 -57.22
N LYS B 244 -26.26 -28.32 -55.94
CA LYS B 244 -25.11 -27.66 -55.33
C LYS B 244 -23.78 -28.31 -55.74
N VAL B 245 -23.83 -29.58 -56.14
CA VAL B 245 -22.66 -30.25 -56.69
C VAL B 245 -22.34 -29.70 -58.08
N GLU B 246 -23.38 -29.48 -58.88
CA GLU B 246 -23.24 -28.87 -60.20
C GLU B 246 -22.72 -27.44 -60.10
N MET B 247 -23.18 -26.71 -59.11
CA MET B 247 -22.71 -25.35 -58.83
C MET B 247 -21.20 -25.31 -58.65
N LEU B 248 -20.69 -26.17 -57.77
CA LEU B 248 -19.25 -26.24 -57.50
C LEU B 248 -18.45 -26.60 -58.75
N ASP B 249 -18.99 -27.52 -59.56
CA ASP B 249 -18.35 -27.90 -60.83
C ASP B 249 -18.24 -26.70 -61.77
N ASN B 250 -19.33 -25.95 -61.90
CA ASN B 250 -19.35 -24.74 -62.73
C ASN B 250 -18.48 -23.63 -62.16
N LEU B 251 -18.65 -23.35 -60.87
CA LEU B 251 -17.86 -22.33 -60.16
C LEU B 251 -16.37 -22.58 -60.31
N LEU B 252 -15.95 -23.84 -60.23
CA LEU B 252 -14.54 -24.21 -60.38
C LEU B 252 -14.02 -23.79 -61.75
N ASP B 253 -14.79 -24.11 -62.80
CA ASP B 253 -14.38 -23.83 -64.18
C ASP B 253 -14.30 -22.33 -64.51
N ILE B 254 -15.05 -21.51 -63.79
CA ILE B 254 -14.99 -20.05 -63.97
C ILE B 254 -13.67 -19.51 -63.39
N GLU B 255 -13.29 -20.02 -62.22
CA GLU B 255 -12.01 -19.66 -61.61
C GLU B 255 -10.84 -20.20 -62.42
N VAL B 256 -11.05 -21.33 -63.10
CA VAL B 256 -10.08 -21.87 -64.05
C VAL B 256 -9.99 -20.96 -65.28
N ALA B 257 -11.14 -20.51 -65.77
CA ALA B 257 -11.19 -19.59 -66.91
C ALA B 257 -10.50 -18.26 -66.59
N TYR B 258 -10.61 -17.81 -65.35
CA TYR B 258 -9.86 -16.64 -64.87
C TYR B 258 -8.36 -16.93 -64.85
N SER B 259 -7.98 -18.11 -64.36
CA SER B 259 -6.57 -18.50 -64.26
C SER B 259 -5.87 -18.51 -65.62
N LEU B 260 -6.58 -18.93 -66.66
CA LEU B 260 -6.08 -18.86 -68.03
C LEU B 260 -5.97 -17.40 -68.48
N LEU B 261 -7.08 -16.68 -68.38
CA LEU B 261 -7.16 -15.29 -68.84
C LEU B 261 -6.13 -14.38 -68.15
N ARG B 262 -5.98 -14.53 -66.84
CA ARG B 262 -4.99 -13.75 -66.08
C ARG B 262 -3.63 -14.44 -66.13
N GLY B 263 -2.72 -13.92 -66.96
CA GLY B 263 -1.36 -14.46 -67.06
C GLY B 263 -0.72 -14.30 -68.42
N GLY B 264 0.33 -15.07 -68.67
CA GLY B 264 1.07 -15.03 -69.92
C GLY B 264 2.20 -14.01 -69.91
N SER B 265 2.56 -13.54 -71.10
CA SER B 265 3.62 -12.53 -71.25
C SER B 265 3.08 -11.33 -72.03
N ASP B 266 2.74 -10.27 -71.29
CA ASP B 266 2.16 -9.07 -71.89
C ASP B 266 3.22 -8.24 -72.61
N ASP B 267 3.55 -8.64 -73.84
CA ASP B 267 4.50 -7.93 -74.69
C ASP B 267 3.79 -7.43 -75.95
N SER B 268 4.15 -6.22 -76.38
CA SER B 268 3.53 -5.62 -77.56
C SER B 268 3.97 -6.33 -78.85
N SER B 269 3.24 -7.39 -79.20
CA SER B 269 3.52 -8.16 -80.41
C SER B 269 2.28 -8.87 -80.92
N LYS B 270 1.75 -9.80 -80.12
CA LYS B 270 0.55 -10.55 -80.49
C LYS B 270 -0.72 -9.75 -80.18
N ASP B 271 -1.85 -10.22 -80.71
CA ASP B 271 -3.14 -9.56 -80.51
C ASP B 271 -3.88 -10.17 -79.31
N PRO B 272 -4.85 -9.42 -78.74
CA PRO B 272 -5.57 -9.87 -77.54
C PRO B 272 -6.27 -11.22 -77.68
N ILE B 273 -6.90 -11.46 -78.83
CA ILE B 273 -7.60 -12.72 -79.09
C ILE B 273 -6.61 -13.87 -79.28
N ASP B 274 -5.48 -13.58 -79.91
CA ASP B 274 -4.41 -14.57 -80.10
C ASP B 274 -3.76 -15.01 -78.78
N VAL B 275 -3.67 -14.09 -77.83
CA VAL B 275 -3.13 -14.40 -76.51
C VAL B 275 -4.01 -15.44 -75.81
N ASN B 276 -5.32 -15.25 -75.87
CA ASN B 276 -6.27 -16.18 -75.27
C ASN B 276 -6.38 -17.50 -76.04
N TYR B 277 -6.08 -17.48 -77.35
CA TYR B 277 -6.08 -18.70 -78.16
C TYR B 277 -4.93 -19.63 -77.78
N GLU B 278 -3.75 -19.06 -77.64
CA GLU B 278 -2.55 -19.82 -77.26
C GLU B 278 -2.66 -20.40 -75.85
N LYS B 279 -3.42 -19.72 -74.99
CA LYS B 279 -3.67 -20.18 -73.62
C LYS B 279 -4.55 -21.44 -73.57
N LEU B 280 -5.43 -21.61 -74.56
CA LEU B 280 -6.27 -22.80 -74.66
C LEU B 280 -5.45 -24.08 -74.89
N LYS B 281 -4.27 -23.94 -75.49
CA LYS B 281 -3.34 -25.05 -75.70
C LYS B 281 -3.94 -26.12 -76.62
N THR B 282 -4.56 -25.69 -77.71
CA THR B 282 -5.20 -26.58 -78.67
C THR B 282 -5.09 -26.02 -80.09
N ASP B 283 -5.16 -26.92 -81.08
CA ASP B 283 -5.15 -26.52 -82.49
C ASP B 283 -6.56 -26.67 -83.07
N ILE B 284 -7.28 -25.55 -83.13
CA ILE B 284 -8.65 -25.53 -83.64
C ILE B 284 -8.65 -25.13 -85.11
N LYS B 285 -9.44 -25.85 -85.91
CA LYS B 285 -9.60 -25.56 -87.34
C LYS B 285 -11.08 -25.55 -87.71
N VAL B 286 -11.42 -24.75 -88.72
CA VAL B 286 -12.81 -24.63 -89.18
C VAL B 286 -13.04 -25.61 -90.33
N VAL B 287 -13.89 -26.61 -90.09
CA VAL B 287 -14.31 -27.54 -91.15
C VAL B 287 -15.32 -26.80 -92.03
N ASP B 288 -15.03 -26.73 -93.33
CA ASP B 288 -15.89 -26.02 -94.27
C ASP B 288 -17.20 -26.76 -94.47
N ARG B 289 -18.26 -26.01 -94.77
CA ARG B 289 -19.59 -26.59 -94.98
C ARG B 289 -19.64 -27.43 -96.26
N ASP B 290 -18.79 -27.10 -97.23
CA ASP B 290 -18.67 -27.86 -98.47
C ASP B 290 -17.97 -29.21 -98.31
N SER B 291 -17.26 -29.38 -97.19
CA SER B 291 -16.52 -30.61 -96.92
C SER B 291 -17.44 -31.83 -96.83
N GLU B 292 -16.91 -32.98 -97.23
CA GLU B 292 -17.67 -34.24 -97.24
C GLU B 292 -17.85 -34.80 -95.82
N GLU B 293 -16.84 -34.60 -94.98
CA GLU B 293 -16.91 -35.01 -93.57
C GLU B 293 -17.89 -34.14 -92.77
N ALA B 294 -18.07 -32.89 -93.20
CA ALA B 294 -19.02 -31.98 -92.58
C ALA B 294 -20.46 -32.43 -92.77
N GLU B 295 -20.74 -33.05 -93.92
CA GLU B 295 -22.06 -33.60 -94.21
C GLU B 295 -22.40 -34.78 -93.29
N ILE B 296 -21.38 -35.49 -92.83
CA ILE B 296 -21.57 -36.63 -91.92
C ILE B 296 -22.02 -36.14 -90.54
N ILE B 297 -21.40 -35.07 -90.06
CA ILE B 297 -21.75 -34.49 -88.76
C ILE B 297 -23.17 -33.91 -88.77
N ARG B 298 -23.48 -33.10 -89.79
CA ARG B 298 -24.83 -32.54 -89.94
C ARG B 298 -25.88 -33.63 -90.06
N LYS B 299 -25.50 -34.76 -90.66
CA LYS B 299 -26.36 -35.95 -90.71
C LYS B 299 -26.49 -36.55 -89.32
N TYR B 300 -25.35 -36.66 -88.62
CA TYR B 300 -25.31 -37.19 -87.25
C TYR B 300 -26.13 -36.33 -86.29
N VAL B 301 -26.18 -35.03 -86.53
CA VAL B 301 -27.02 -34.11 -85.76
C VAL B 301 -28.49 -34.30 -86.11
N LYS B 302 -28.81 -34.18 -87.40
CA LYS B 302 -30.18 -34.28 -87.90
C LYS B 302 -30.83 -35.64 -87.60
N ASN B 303 -30.04 -36.71 -87.74
CA ASN B 303 -30.57 -38.07 -87.60
C ASN B 303 -30.86 -38.45 -86.15
N THR B 304 -29.90 -38.19 -85.27
CA THR B 304 -29.97 -38.67 -83.89
C THR B 304 -30.57 -37.64 -82.93
N HIS B 305 -31.69 -37.04 -83.34
CA HIS B 305 -32.47 -36.19 -82.44
C HIS B 305 -33.53 -37.07 -81.77
N ALA B 306 -33.73 -36.85 -80.48
CA ALA B 306 -34.62 -37.71 -79.68
C ALA B 306 -36.09 -37.39 -79.94
N THR B 307 -36.90 -38.44 -80.06
CA THR B 307 -38.35 -38.30 -80.24
C THR B 307 -39.02 -37.66 -79.02
N THR B 308 -38.47 -37.92 -77.84
CA THR B 308 -39.01 -37.40 -76.58
C THR B 308 -38.57 -35.96 -76.31
N HIS B 309 -37.36 -35.60 -76.76
CA HIS B 309 -36.83 -34.24 -76.57
C HIS B 309 -37.29 -33.32 -77.71
N ASN B 310 -38.60 -33.08 -77.76
CA ASN B 310 -39.18 -32.24 -78.82
C ASN B 310 -39.41 -30.78 -78.39
N ALA B 311 -38.80 -30.39 -77.27
CA ALA B 311 -38.93 -29.03 -76.75
C ALA B 311 -38.18 -28.01 -77.61
N TYR B 312 -37.11 -28.45 -78.27
CA TYR B 312 -36.30 -27.57 -79.11
C TYR B 312 -35.89 -28.24 -80.43
N ASP B 313 -35.32 -27.44 -81.34
CA ASP B 313 -34.88 -27.89 -82.65
C ASP B 313 -33.47 -27.38 -82.92
N LEU B 314 -32.56 -28.29 -83.24
CA LEU B 314 -31.14 -27.93 -83.46
C LEU B 314 -30.91 -27.29 -84.81
N GLU B 315 -29.76 -26.62 -84.93
CA GLU B 315 -29.36 -25.94 -86.15
C GLU B 315 -27.86 -25.66 -86.08
N VAL B 316 -27.08 -26.42 -86.83
CA VAL B 316 -25.62 -26.35 -86.76
C VAL B 316 -25.10 -25.07 -87.41
N ILE B 317 -24.58 -24.16 -86.57
CA ILE B 317 -24.00 -22.92 -87.06
C ILE B 317 -22.59 -23.18 -87.60
N ASP B 318 -21.78 -23.90 -86.83
CA ASP B 318 -20.39 -24.17 -87.20
C ASP B 318 -19.93 -25.58 -86.85
N ILE B 319 -18.88 -26.03 -87.53
CA ILE B 319 -18.16 -27.26 -87.21
C ILE B 319 -16.69 -26.92 -87.02
N PHE B 320 -16.13 -27.30 -85.88
CA PHE B 320 -14.70 -27.09 -85.60
C PHE B 320 -14.00 -28.42 -85.36
N LYS B 321 -12.92 -28.66 -86.10
CA LYS B 321 -12.05 -29.80 -85.83
C LYS B 321 -11.07 -29.41 -84.74
N ILE B 322 -11.05 -30.17 -83.65
CA ILE B 322 -10.28 -29.83 -82.46
C ILE B 322 -9.17 -30.84 -82.20
N GLU B 323 -7.99 -30.34 -81.84
CA GLU B 323 -6.81 -31.16 -81.60
C GLU B 323 -6.08 -30.62 -80.37
N ARG B 324 -6.21 -31.34 -79.25
CA ARG B 324 -5.59 -30.91 -77.99
C ARG B 324 -4.08 -31.16 -77.98
N GLU B 325 -3.38 -30.47 -77.07
CA GLU B 325 -1.94 -30.60 -76.92
C GLU B 325 -1.58 -31.93 -76.24
N GLY B 326 -1.02 -32.85 -77.02
CA GLY B 326 -0.57 -34.14 -76.49
C GLY B 326 -1.67 -35.12 -76.15
N GLU B 327 -2.86 -34.91 -76.73
CA GLU B 327 -3.98 -35.83 -76.53
C GLU B 327 -3.84 -37.07 -77.42
N CYS B 328 -3.06 -36.94 -78.50
CA CYS B 328 -2.75 -38.08 -79.36
C CYS B 328 -1.61 -38.92 -78.79
N GLN B 329 -0.74 -38.28 -78.03
CA GLN B 329 0.39 -38.96 -77.38
C GLN B 329 -0.10 -39.92 -76.28
N ARG B 330 -1.12 -39.49 -75.55
CA ARG B 330 -1.72 -40.30 -74.48
C ARG B 330 -2.74 -41.32 -74.99
N TYR B 331 -3.29 -41.09 -76.18
CA TYR B 331 -4.32 -41.95 -76.76
C TYR B 331 -3.74 -43.08 -77.63
N LYS B 332 -2.47 -42.97 -78.00
CA LYS B 332 -1.75 -44.01 -78.76
C LYS B 332 -1.98 -45.43 -78.22
N PRO B 333 -1.87 -45.62 -76.89
CA PRO B 333 -2.18 -46.92 -76.27
C PRO B 333 -3.53 -47.53 -76.69
N PHE B 334 -4.57 -46.70 -76.78
CA PHE B 334 -5.93 -47.20 -77.02
C PHE B 334 -6.34 -47.24 -78.50
N LYS B 335 -5.43 -46.88 -79.40
CA LYS B 335 -5.65 -47.10 -80.83
C LYS B 335 -5.45 -48.58 -81.18
N GLN B 336 -4.77 -49.31 -80.29
CA GLN B 336 -4.65 -50.76 -80.38
C GLN B 336 -5.98 -51.41 -79.98
N LEU B 337 -6.70 -50.76 -79.07
CA LEU B 337 -7.95 -51.27 -78.53
C LEU B 337 -9.06 -51.28 -79.58
N HIS B 338 -9.87 -52.34 -79.57
CA HIS B 338 -10.97 -52.50 -80.53
C HIS B 338 -12.20 -51.71 -80.09
N ASN B 339 -13.23 -51.72 -80.94
CA ASN B 339 -14.51 -51.08 -80.63
C ASN B 339 -14.36 -49.61 -80.22
N ARG B 340 -14.01 -48.77 -81.20
CA ARG B 340 -13.85 -47.33 -80.97
C ARG B 340 -15.02 -46.60 -81.62
N ARG B 341 -15.64 -45.69 -80.85
CA ARG B 341 -16.88 -45.03 -81.27
C ARG B 341 -16.77 -43.50 -81.18
N LEU B 342 -17.35 -42.82 -82.16
CA LEU B 342 -17.41 -41.36 -82.19
C LEU B 342 -18.76 -40.94 -81.58
N LEU B 343 -18.71 -40.36 -80.38
CA LEU B 343 -19.90 -40.12 -79.58
C LEU B 343 -20.04 -38.68 -79.09
N TRP B 344 -21.27 -38.26 -78.83
CA TRP B 344 -21.57 -36.89 -78.38
C TRP B 344 -21.26 -36.70 -76.91
N HIS B 345 -20.97 -35.45 -76.54
CA HIS B 345 -20.80 -35.05 -75.14
C HIS B 345 -21.01 -33.55 -74.98
N GLY B 346 -22.10 -33.17 -74.32
CA GLY B 346 -22.43 -31.77 -74.12
C GLY B 346 -22.11 -31.28 -72.73
N SER B 347 -21.86 -29.97 -72.62
CA SER B 347 -21.59 -29.33 -71.33
C SER B 347 -21.80 -27.83 -71.48
N ARG B 348 -21.90 -27.13 -70.35
CA ARG B 348 -22.12 -25.69 -70.35
C ARG B 348 -21.04 -24.94 -71.13
N THR B 349 -21.45 -23.86 -71.80
CA THR B 349 -20.51 -22.98 -72.50
C THR B 349 -19.41 -22.42 -71.57
N THR B 350 -19.71 -22.34 -70.29
CA THR B 350 -18.75 -21.88 -69.28
C THR B 350 -17.62 -22.89 -69.07
N ASN B 351 -17.94 -24.17 -69.18
CA ASN B 351 -16.98 -25.25 -68.95
C ASN B 351 -15.96 -25.42 -70.09
N PHE B 352 -16.36 -25.05 -71.31
CA PHE B 352 -15.51 -25.26 -72.50
C PHE B 352 -14.19 -24.49 -72.47
N ALA B 353 -14.10 -23.46 -71.63
CA ALA B 353 -12.83 -22.77 -71.39
C ALA B 353 -11.81 -23.72 -70.74
N GLY B 354 -12.29 -24.55 -69.81
CA GLY B 354 -11.45 -25.51 -69.11
C GLY B 354 -11.33 -26.87 -69.81
N ILE B 355 -12.37 -27.26 -70.54
CA ILE B 355 -12.39 -28.54 -71.24
C ILE B 355 -11.33 -28.59 -72.36
N LEU B 356 -11.11 -27.45 -73.01
CA LEU B 356 -10.07 -27.34 -74.04
C LEU B 356 -8.66 -27.42 -73.45
N SER B 357 -8.45 -26.74 -72.33
CA SER B 357 -7.12 -26.63 -71.73
C SER B 357 -6.66 -27.90 -70.99
N GLN B 358 -7.60 -28.62 -70.38
CA GLN B 358 -7.28 -29.81 -69.58
C GLN B 358 -7.90 -31.11 -70.12
N GLY B 359 -8.64 -31.04 -71.22
CA GLY B 359 -9.36 -32.20 -71.74
C GLY B 359 -10.57 -32.52 -70.87
N LEU B 360 -11.22 -33.65 -71.16
CA LEU B 360 -12.36 -34.09 -70.35
C LEU B 360 -11.86 -34.79 -69.09
N ARG B 361 -12.34 -34.32 -67.94
CA ARG B 361 -11.87 -34.77 -66.63
C ARG B 361 -12.96 -35.50 -65.88
N ILE B 362 -12.57 -36.46 -65.06
CA ILE B 362 -13.50 -37.20 -64.20
C ILE B 362 -13.74 -36.36 -62.94
N ALA B 363 -14.91 -36.53 -62.34
CA ALA B 363 -15.23 -35.82 -61.09
C ALA B 363 -14.23 -36.17 -59.99
N PRO B 364 -13.93 -35.21 -59.09
CA PRO B 364 -12.98 -35.47 -58.02
C PRO B 364 -13.49 -36.51 -57.02
N PRO B 365 -12.58 -37.13 -56.26
CA PRO B 365 -12.96 -38.21 -55.33
C PRO B 365 -13.77 -37.70 -54.12
N GLU B 366 -13.65 -36.41 -53.81
CA GLU B 366 -14.40 -35.81 -52.70
C GLU B 366 -15.87 -35.57 -53.07
N ALA B 367 -16.11 -35.30 -54.34
CA ALA B 367 -17.45 -34.95 -54.82
C ALA B 367 -18.47 -36.09 -54.61
N PRO B 368 -19.77 -35.74 -54.55
CA PRO B 368 -20.80 -36.75 -54.39
C PRO B 368 -21.06 -37.54 -55.68
N VAL B 369 -21.57 -38.76 -55.54
CA VAL B 369 -21.88 -39.63 -56.68
C VAL B 369 -23.30 -39.40 -57.20
N THR B 370 -24.04 -38.48 -56.56
CA THR B 370 -25.41 -38.18 -56.95
C THR B 370 -25.45 -37.52 -58.32
N GLY B 371 -26.45 -37.89 -59.12
CA GLY B 371 -26.58 -37.39 -60.49
C GLY B 371 -26.02 -38.38 -61.50
N TYR B 372 -24.85 -38.94 -61.18
CA TYR B 372 -24.22 -39.96 -62.02
C TYR B 372 -25.01 -41.26 -61.95
N MET B 373 -25.14 -41.92 -63.10
CA MET B 373 -25.90 -43.18 -63.18
C MET B 373 -25.01 -44.36 -62.79
N PHE B 374 -23.78 -44.37 -63.30
CA PHE B 374 -22.84 -45.48 -63.07
C PHE B 374 -21.51 -44.99 -62.49
N GLY B 375 -21.57 -44.08 -61.53
CA GLY B 375 -20.37 -43.58 -60.86
C GLY B 375 -19.64 -42.50 -61.63
N LYS B 376 -18.55 -42.00 -61.05
CA LYS B 376 -17.79 -40.90 -61.62
C LYS B 376 -16.96 -41.34 -62.82
N GLY B 377 -17.04 -40.57 -63.90
CA GLY B 377 -16.33 -40.88 -65.14
C GLY B 377 -16.80 -39.95 -66.25
N ILE B 378 -16.25 -40.11 -67.45
CA ILE B 378 -16.67 -39.30 -68.60
C ILE B 378 -17.85 -39.99 -69.26
N TYR B 379 -18.98 -39.27 -69.35
CA TYR B 379 -20.20 -39.81 -69.96
C TYR B 379 -20.35 -39.36 -71.40
N PHE B 380 -20.87 -40.25 -72.25
CA PHE B 380 -21.09 -39.98 -73.67
C PHE B 380 -22.43 -40.53 -74.12
N ALA B 381 -22.97 -39.96 -75.19
CA ALA B 381 -24.21 -40.44 -75.80
C ALA B 381 -24.06 -40.58 -77.31
N ASP B 382 -24.85 -41.49 -77.88
CA ASP B 382 -24.89 -41.66 -79.33
C ASP B 382 -25.88 -40.71 -80.01
N MET B 383 -26.68 -40.00 -79.20
CA MET B 383 -27.66 -39.06 -79.73
C MET B 383 -27.25 -37.62 -79.37
N VAL B 384 -27.34 -36.74 -80.36
CA VAL B 384 -26.94 -35.34 -80.18
C VAL B 384 -27.85 -34.60 -79.20
N SER B 385 -29.14 -34.94 -79.21
CA SER B 385 -30.13 -34.26 -78.38
C SER B 385 -29.90 -34.51 -76.89
N LYS B 386 -29.70 -35.76 -76.51
CA LYS B 386 -29.45 -36.13 -75.11
C LYS B 386 -28.24 -35.37 -74.55
N SER B 387 -27.18 -35.29 -75.35
CA SER B 387 -25.99 -34.52 -74.98
C SER B 387 -26.26 -33.01 -75.01
N ALA B 388 -27.06 -32.56 -75.98
CA ALA B 388 -27.36 -31.14 -76.16
C ALA B 388 -28.10 -30.49 -74.99
N ASN B 389 -28.79 -31.30 -74.18
CA ASN B 389 -29.46 -30.80 -72.98
C ASN B 389 -28.49 -30.25 -71.93
N TYR B 390 -27.26 -30.75 -71.95
CA TYR B 390 -26.24 -30.34 -70.98
C TYR B 390 -25.55 -29.01 -71.34
N CYS B 391 -25.87 -28.48 -72.52
CA CYS B 391 -25.41 -27.15 -72.92
C CYS B 391 -26.09 -26.05 -72.10
N HIS B 392 -27.31 -26.34 -71.62
CA HIS B 392 -28.11 -25.39 -70.84
C HIS B 392 -28.34 -24.08 -71.60
N THR B 393 -29.22 -24.15 -72.60
CA THR B 393 -29.61 -22.98 -73.39
C THR B 393 -31.07 -22.63 -73.14
N SER B 394 -31.42 -21.38 -73.45
CA SER B 394 -32.78 -20.87 -73.26
C SER B 394 -33.20 -20.04 -74.47
N GLN B 395 -34.39 -19.45 -74.40
CA GLN B 395 -34.90 -18.61 -75.48
C GLN B 395 -34.11 -17.30 -75.56
N GLY B 396 -33.60 -16.83 -74.42
CA GLY B 396 -32.76 -15.63 -74.37
C GLY B 396 -31.33 -15.89 -74.78
N ASP B 397 -30.80 -17.05 -74.41
CA ASP B 397 -29.44 -17.47 -74.75
C ASP B 397 -29.49 -18.69 -75.67
N PRO B 398 -29.53 -18.48 -77.00
CA PRO B 398 -29.77 -19.55 -77.95
C PRO B 398 -28.55 -20.42 -78.27
N ILE B 399 -27.38 -19.80 -78.45
CA ILE B 399 -26.18 -20.54 -78.88
C ILE B 399 -25.63 -21.47 -77.79
N GLY B 400 -25.03 -22.57 -78.21
CA GLY B 400 -24.47 -23.57 -77.30
C GLY B 400 -23.46 -24.48 -77.97
N LEU B 401 -22.58 -25.07 -77.17
CA LEU B 401 -21.49 -25.91 -77.68
C LEU B 401 -21.64 -27.37 -77.25
N ILE B 402 -21.30 -28.28 -78.18
CA ILE B 402 -21.37 -29.72 -77.93
C ILE B 402 -20.14 -30.39 -78.57
N LEU B 403 -19.67 -31.48 -77.97
CA LEU B 403 -18.43 -32.14 -78.41
C LEU B 403 -18.67 -33.47 -79.12
N LEU B 404 -17.67 -33.90 -79.87
CA LEU B 404 -17.64 -35.22 -80.49
C LEU B 404 -16.24 -35.80 -80.30
N GLY B 405 -16.13 -36.89 -79.54
CA GLY B 405 -14.83 -37.47 -79.20
C GLY B 405 -14.71 -38.93 -79.56
N GLU B 406 -13.56 -39.31 -80.13
CA GLU B 406 -13.23 -40.70 -80.38
C GLU B 406 -12.91 -41.37 -79.04
N VAL B 407 -13.90 -42.03 -78.47
CA VAL B 407 -13.77 -42.66 -77.15
C VAL B 407 -13.59 -44.17 -77.30
N ALA B 408 -12.43 -44.68 -76.89
CA ALA B 408 -12.12 -46.09 -76.99
C ALA B 408 -12.88 -46.88 -75.94
N LEU B 409 -13.99 -47.49 -76.35
CA LEU B 409 -14.85 -48.24 -75.45
C LEU B 409 -14.24 -49.61 -75.15
N GLY B 410 -13.89 -50.35 -76.21
CA GLY B 410 -13.28 -51.67 -76.08
C GLY B 410 -14.28 -52.73 -75.65
N ASN B 411 -13.81 -53.69 -74.87
CA ASN B 411 -14.68 -54.72 -74.29
C ASN B 411 -15.62 -54.07 -73.27
N MET B 412 -16.90 -54.00 -73.61
CA MET B 412 -17.87 -53.21 -72.86
C MET B 412 -18.55 -54.01 -71.75
N TYR B 413 -18.82 -53.34 -70.64
CA TYR B 413 -19.61 -53.92 -69.55
C TYR B 413 -21.03 -53.35 -69.62
N GLU B 414 -21.97 -54.18 -70.05
CA GLU B 414 -23.33 -53.73 -70.34
C GLU B 414 -24.23 -53.80 -69.10
N LEU B 415 -24.92 -52.69 -68.82
CA LEU B 415 -25.81 -52.58 -67.67
C LEU B 415 -27.19 -52.07 -68.09
N LYS B 416 -28.22 -52.54 -67.40
CA LYS B 416 -29.60 -52.15 -67.68
C LYS B 416 -30.06 -51.09 -66.69
N HIS B 417 -30.01 -51.43 -65.41
CA HIS B 417 -30.43 -50.53 -64.33
C HIS B 417 -29.25 -49.73 -63.78
N ALA B 418 -29.56 -48.64 -63.08
CA ALA B 418 -28.53 -47.78 -62.49
C ALA B 418 -27.79 -48.51 -61.37
N SER B 419 -26.46 -48.40 -61.38
CA SER B 419 -25.62 -49.10 -60.41
C SER B 419 -24.29 -48.37 -60.24
N HIS B 420 -24.08 -47.81 -59.04
CA HIS B 420 -22.85 -47.06 -58.75
C HIS B 420 -21.68 -48.01 -58.57
N ILE B 421 -20.81 -48.08 -59.58
CA ILE B 421 -19.66 -49.00 -59.58
C ILE B 421 -18.39 -48.30 -59.11
N SER B 422 -17.53 -49.05 -58.43
CA SER B 422 -16.24 -48.56 -57.96
C SER B 422 -15.13 -49.08 -58.88
N LYS B 423 -15.09 -50.40 -59.03
CA LYS B 423 -14.10 -51.07 -59.87
C LYS B 423 -14.80 -51.81 -61.00
N LEU B 424 -14.15 -51.87 -62.16
CA LEU B 424 -14.71 -52.54 -63.33
C LEU B 424 -14.47 -54.04 -63.22
N PRO B 425 -15.33 -54.86 -63.85
CA PRO B 425 -15.04 -56.29 -63.93
C PRO B 425 -13.78 -56.57 -64.78
N LYS B 426 -13.22 -57.76 -64.61
CA LYS B 426 -11.97 -58.12 -65.29
C LYS B 426 -12.12 -58.09 -66.81
N GLY B 427 -11.13 -57.49 -67.48
CA GLY B 427 -11.10 -57.43 -68.94
C GLY B 427 -12.01 -56.39 -69.57
N LYS B 428 -12.72 -55.61 -68.74
CA LYS B 428 -13.64 -54.60 -69.23
C LYS B 428 -12.99 -53.23 -69.15
N HIS B 429 -13.02 -52.50 -70.27
CA HIS B 429 -12.39 -51.18 -70.36
C HIS B 429 -13.40 -50.04 -70.36
N SER B 430 -14.69 -50.37 -70.32
CA SER B 430 -15.75 -49.36 -70.32
C SER B 430 -17.08 -49.94 -69.86
N VAL B 431 -18.07 -49.07 -69.69
CA VAL B 431 -19.43 -49.48 -69.30
C VAL B 431 -20.45 -48.88 -70.26
N LYS B 432 -21.53 -49.61 -70.50
CA LYS B 432 -22.61 -49.15 -71.38
C LYS B 432 -23.95 -49.21 -70.67
N GLY B 433 -24.69 -48.11 -70.74
CA GLY B 433 -26.08 -48.07 -70.27
C GLY B 433 -27.01 -48.39 -71.43
N LEU B 434 -27.65 -49.56 -71.37
CA LEU B 434 -28.52 -50.02 -72.45
C LEU B 434 -29.86 -49.31 -72.40
N GLY B 435 -30.23 -48.65 -73.50
CA GLY B 435 -31.48 -47.90 -73.59
C GLY B 435 -32.52 -48.57 -74.46
N LYS B 436 -33.73 -48.02 -74.46
CA LYS B 436 -34.83 -48.50 -75.30
C LYS B 436 -34.53 -48.24 -76.77
N THR B 437 -34.30 -46.96 -77.10
CA THR B 437 -33.99 -46.54 -78.45
C THR B 437 -32.49 -46.56 -78.70
N THR B 438 -32.09 -47.07 -79.87
CA THR B 438 -30.69 -47.10 -80.28
C THR B 438 -30.59 -46.75 -81.77
N PRO B 439 -29.52 -46.02 -82.15
CA PRO B 439 -29.33 -45.74 -83.57
C PRO B 439 -29.06 -47.02 -84.37
N ASP B 440 -29.67 -47.12 -85.54
CA ASP B 440 -29.65 -48.35 -86.34
C ASP B 440 -28.23 -48.91 -86.50
N PRO B 441 -27.96 -50.10 -85.92
CA PRO B 441 -26.63 -50.70 -86.02
C PRO B 441 -26.28 -51.22 -87.43
N SER B 442 -27.29 -51.41 -88.28
CA SER B 442 -27.08 -51.80 -89.67
C SER B 442 -26.84 -50.59 -90.59
N ALA B 443 -26.75 -49.40 -90.00
CA ALA B 443 -26.44 -48.17 -90.75
C ALA B 443 -25.32 -47.39 -90.05
N ASN B 444 -24.35 -48.11 -89.49
CA ASN B 444 -23.24 -47.50 -88.76
C ASN B 444 -22.09 -47.15 -89.71
N ILE B 445 -22.00 -45.88 -90.08
CA ILE B 445 -20.97 -45.39 -90.98
C ILE B 445 -19.62 -45.26 -90.25
N SER B 446 -18.53 -45.51 -90.96
CA SER B 446 -17.18 -45.38 -90.40
C SER B 446 -16.59 -44.00 -90.70
N LEU B 447 -15.56 -43.63 -89.95
CA LEU B 447 -14.91 -42.32 -90.09
C LEU B 447 -13.49 -42.36 -89.52
N ASP B 448 -12.50 -42.40 -90.42
CA ASP B 448 -11.08 -42.44 -90.03
C ASP B 448 -10.77 -43.62 -89.09
N GLY B 449 -11.40 -44.76 -89.34
CA GLY B 449 -11.27 -45.93 -88.47
C GLY B 449 -12.00 -45.77 -87.14
N VAL B 450 -13.13 -45.07 -87.17
CA VAL B 450 -13.97 -44.86 -85.99
C VAL B 450 -15.43 -45.08 -86.38
N ASP B 451 -16.14 -45.87 -85.59
CA ASP B 451 -17.53 -46.22 -85.89
C ASP B 451 -18.48 -45.11 -85.46
N VAL B 452 -19.15 -44.50 -86.44
CA VAL B 452 -20.11 -43.42 -86.20
C VAL B 452 -21.53 -43.95 -86.33
N PRO B 453 -22.25 -44.10 -85.19
CA PRO B 453 -23.61 -44.62 -85.24
C PRO B 453 -24.64 -43.51 -85.49
N LEU B 454 -24.75 -43.07 -86.75
CA LEU B 454 -25.64 -41.96 -87.12
C LEU B 454 -26.98 -42.42 -87.72
N GLY B 455 -27.38 -43.65 -87.42
CA GLY B 455 -28.68 -44.17 -87.85
C GLY B 455 -29.80 -43.63 -86.97
N THR B 456 -31.02 -43.66 -87.49
CA THR B 456 -32.19 -43.21 -86.73
C THR B 456 -32.62 -44.27 -85.71
N GLY B 457 -33.48 -43.87 -84.78
CA GLY B 457 -33.83 -44.70 -83.63
C GLY B 457 -34.71 -45.90 -83.96
N ILE B 458 -34.30 -47.07 -83.47
CA ILE B 458 -35.12 -48.28 -83.50
C ILE B 458 -35.05 -48.98 -82.14
N SER B 459 -35.90 -49.99 -81.94
CA SER B 459 -35.97 -50.70 -80.67
C SER B 459 -34.71 -51.51 -80.41
N SER B 460 -34.32 -51.60 -79.13
CA SER B 460 -33.12 -52.33 -78.72
C SER B 460 -33.40 -53.82 -78.56
N GLY B 461 -32.35 -54.59 -78.28
CA GLY B 461 -32.46 -56.03 -78.09
C GLY B 461 -33.19 -56.45 -76.84
N VAL B 462 -33.03 -55.67 -75.77
CA VAL B 462 -33.65 -55.97 -74.47
C VAL B 462 -34.39 -54.74 -73.94
N ASN B 463 -35.57 -54.96 -73.36
CA ASN B 463 -36.44 -53.89 -72.89
C ASN B 463 -36.72 -53.92 -71.38
N ASP B 464 -35.85 -54.60 -70.64
CA ASP B 464 -35.96 -54.68 -69.17
C ASP B 464 -35.00 -53.69 -68.50
N THR B 465 -34.92 -52.49 -69.07
CA THR B 465 -33.97 -51.46 -68.61
C THR B 465 -34.72 -50.23 -68.09
N SER B 466 -34.02 -49.42 -67.29
CA SER B 466 -34.55 -48.17 -66.78
C SER B 466 -33.91 -46.96 -67.47
N LEU B 467 -33.46 -47.16 -68.71
CA LEU B 467 -32.90 -46.10 -69.55
C LEU B 467 -33.67 -46.03 -70.87
N LEU B 468 -33.94 -44.82 -71.33
CA LEU B 468 -34.61 -44.62 -72.62
C LEU B 468 -33.61 -44.54 -73.78
N TYR B 469 -32.41 -44.03 -73.50
CA TYR B 469 -31.36 -43.91 -74.52
C TYR B 469 -30.01 -44.33 -73.95
N ASN B 470 -29.06 -44.60 -74.85
CA ASN B 470 -27.77 -45.16 -74.46
C ASN B 470 -26.83 -44.18 -73.74
N GLU B 471 -26.00 -44.72 -72.87
CA GLU B 471 -24.93 -43.96 -72.21
C GLU B 471 -23.62 -44.73 -72.31
N TYR B 472 -22.55 -44.04 -72.67
CA TYR B 472 -21.22 -44.65 -72.79
C TYR B 472 -20.27 -44.00 -71.78
N ILE B 473 -19.68 -44.83 -70.93
CA ILE B 473 -18.92 -44.36 -69.78
C ILE B 473 -17.49 -44.90 -69.81
N VAL B 474 -16.52 -44.00 -69.65
CA VAL B 474 -15.10 -44.38 -69.53
C VAL B 474 -14.56 -43.87 -68.21
N TYR B 475 -13.74 -44.70 -67.56
CA TYR B 475 -13.21 -44.39 -66.23
C TYR B 475 -11.71 -44.15 -66.29
N ASP B 476 -11.30 -43.40 -67.32
CA ASP B 476 -9.91 -43.04 -67.53
C ASP B 476 -9.87 -41.93 -68.58
N ILE B 477 -9.26 -40.80 -68.21
CA ILE B 477 -9.20 -39.64 -69.10
C ILE B 477 -8.38 -39.89 -70.38
N ALA B 478 -7.58 -40.95 -70.38
CA ALA B 478 -6.78 -41.31 -71.55
C ALA B 478 -7.59 -41.97 -72.67
N GLN B 479 -8.70 -42.61 -72.32
CA GLN B 479 -9.53 -43.31 -73.30
C GLN B 479 -10.26 -42.38 -74.27
N VAL B 480 -10.47 -41.12 -73.87
CA VAL B 480 -11.13 -40.14 -74.72
C VAL B 480 -10.12 -39.38 -75.60
N ASN B 481 -10.56 -39.06 -76.82
CA ASN B 481 -9.78 -38.23 -77.74
C ASN B 481 -10.74 -37.34 -78.53
N LEU B 482 -10.81 -36.06 -78.16
CA LEU B 482 -11.75 -35.13 -78.76
C LEU B 482 -11.43 -34.85 -80.22
N LYS B 483 -12.45 -34.98 -81.08
CA LYS B 483 -12.28 -34.82 -82.52
C LYS B 483 -12.90 -33.52 -83.03
N TYR B 484 -14.19 -33.32 -82.74
CA TYR B 484 -14.93 -32.17 -83.26
C TYR B 484 -15.65 -31.39 -82.16
N LEU B 485 -15.71 -30.07 -82.33
CA LEU B 485 -16.48 -29.17 -81.49
C LEU B 485 -17.52 -28.47 -82.36
N LEU B 486 -18.79 -28.55 -81.97
CA LEU B 486 -19.87 -27.94 -82.74
C LEU B 486 -20.46 -26.71 -82.04
N LYS B 487 -21.10 -25.85 -82.82
CA LYS B 487 -21.82 -24.68 -82.30
C LYS B 487 -23.25 -24.73 -82.81
N LEU B 488 -24.21 -24.79 -81.88
CA LEU B 488 -25.61 -25.10 -82.22
C LEU B 488 -26.57 -24.01 -81.75
N LYS B 489 -27.47 -23.60 -82.65
CA LYS B 489 -28.58 -22.72 -82.29
C LYS B 489 -29.79 -23.57 -81.95
N PHE B 490 -30.53 -23.17 -80.92
CA PHE B 490 -31.74 -23.89 -80.48
C PHE B 490 -32.97 -23.08 -80.84
N ASN B 491 -33.97 -23.75 -81.42
CA ASN B 491 -35.25 -23.12 -81.78
C ASN B 491 -36.40 -23.71 -80.99
N PHE B 492 -36.94 -22.92 -80.06
CA PHE B 492 -38.02 -23.36 -79.18
C PHE B 492 -39.36 -22.88 -79.74
N LYS B 493 -40.44 -23.14 -79.00
CA LYS B 493 -41.76 -22.63 -79.35
C LYS B 493 -42.43 -22.02 -78.11
N THR B 494 -42.36 -20.69 -78.00
CA THR B 494 -43.00 -19.95 -76.90
C THR B 494 -43.56 -18.63 -77.40
N ASP C 6 22.06 38.87 33.85
CA ASP C 6 23.26 39.49 34.49
C ASP C 6 23.02 40.96 34.79
N LYS C 7 22.54 41.69 33.78
CA LYS C 7 22.28 43.13 33.90
C LYS C 7 20.90 43.37 34.52
N LEU C 8 20.70 44.59 35.03
CA LEU C 8 19.40 44.98 35.59
C LEU C 8 18.40 45.31 34.49
N TYR C 9 18.83 46.12 33.52
CA TYR C 9 17.96 46.57 32.43
C TYR C 9 18.20 45.80 31.14
N ARG C 10 17.29 45.99 30.18
CA ARG C 10 17.34 45.26 28.91
CA ARG C 10 17.33 45.25 28.91
C ARG C 10 16.58 46.05 27.83
N VAL C 11 17.21 46.19 26.66
CA VAL C 11 16.58 46.90 25.53
C VAL C 11 16.66 46.06 24.26
N GLU C 12 15.58 46.06 23.48
CA GLU C 12 15.52 45.34 22.21
C GLU C 12 14.32 45.80 21.39
N TYR C 13 14.23 45.31 20.16
CA TYR C 13 13.06 45.51 19.32
C TYR C 13 12.06 44.40 19.62
N ALA C 14 10.82 44.78 19.90
CA ALA C 14 9.79 43.83 20.34
C ALA C 14 9.78 42.56 19.50
N LYS C 15 10.12 41.44 20.14
CA LYS C 15 10.12 40.15 19.46
C LYS C 15 8.71 39.70 19.07
N SER C 16 7.70 40.26 19.75
CA SER C 16 6.31 40.09 19.34
C SER C 16 5.45 41.24 19.88
N GLY C 17 4.40 41.58 19.14
CA GLY C 17 3.47 42.64 19.56
C GLY C 17 2.40 42.10 20.47
N ARG C 18 2.83 41.44 21.54
CA ARG C 18 1.96 40.69 22.44
C ARG C 18 2.04 41.19 23.87
N ALA C 19 3.28 41.36 24.36
CA ALA C 19 3.53 41.81 25.72
C ALA C 19 3.00 43.22 25.96
N SER C 20 2.44 43.45 27.15
CA SER C 20 1.91 44.74 27.53
C SER C 20 2.94 45.56 28.30
N CYS C 21 2.65 46.86 28.47
CA CYS C 21 3.56 47.80 29.11
C CYS C 21 3.18 48.01 30.57
N LYS C 22 4.15 47.96 31.46
CA LYS C 22 3.89 47.93 32.90
C LYS C 22 3.23 49.20 33.43
N LYS C 23 3.57 50.35 32.85
CA LYS C 23 3.04 51.64 33.30
C LYS C 23 1.63 51.89 32.78
N CYS C 24 1.49 51.96 31.47
CA CYS C 24 0.21 52.35 30.83
C CYS C 24 -0.71 51.17 30.53
N SER C 25 -0.15 49.96 30.47
CA SER C 25 -0.92 48.72 30.28
C SER C 25 -1.59 48.60 28.90
N GLU C 26 -0.82 48.91 27.85
CA GLU C 26 -1.25 48.70 26.48
C GLU C 26 -0.22 47.83 25.76
N SER C 27 -0.64 47.18 24.67
CA SER C 27 0.21 46.26 23.95
C SER C 27 1.37 46.96 23.24
N ILE C 28 2.59 46.58 23.61
CA ILE C 28 3.80 47.10 22.95
C ILE C 28 3.90 46.44 21.58
N PRO C 29 3.80 47.23 20.49
CA PRO C 29 3.74 46.66 19.15
C PRO C 29 5.06 46.01 18.71
N LYS C 30 4.98 45.12 17.72
CA LYS C 30 6.13 44.33 17.27
C LYS C 30 7.19 45.20 16.58
N ASP C 31 8.44 44.79 16.72
CA ASP C 31 9.60 45.48 16.12
C ASP C 31 9.75 46.94 16.57
N SER C 32 9.19 47.28 17.73
CA SER C 32 9.28 48.61 18.28
C SER C 32 10.31 48.64 19.40
N LEU C 33 11.04 49.76 19.52
CA LEU C 33 12.02 49.93 20.58
C LEU C 33 11.32 49.92 21.94
N ARG C 34 11.70 48.97 22.78
CA ARG C 34 11.13 48.84 24.12
C ARG C 34 12.25 48.58 25.13
N MET C 35 12.04 49.02 26.37
CA MET C 35 13.00 48.82 27.45
C MET C 35 12.39 48.01 28.58
N ALA C 36 13.23 47.29 29.31
CA ALA C 36 12.79 46.41 30.38
C ALA C 36 13.59 46.64 31.66
N ILE C 37 13.03 46.18 32.78
CA ILE C 37 13.72 46.12 34.06
C ILE C 37 13.51 44.72 34.63
N MET C 38 14.62 44.00 34.88
CA MET C 38 14.55 42.60 35.25
C MET C 38 14.22 42.45 36.74
N VAL C 39 13.16 41.72 37.04
CA VAL C 39 12.73 41.49 38.42
C VAL C 39 12.66 39.99 38.72
N GLN C 40 12.54 39.66 40.00
CA GLN C 40 12.41 38.27 40.43
C GLN C 40 10.95 37.85 40.26
N SER C 41 10.72 36.75 39.56
CA SER C 41 9.37 36.24 39.35
C SER C 41 8.83 35.56 40.61
N PRO C 42 7.64 35.97 41.09
CA PRO C 42 7.01 35.27 42.22
C PRO C 42 6.66 33.81 41.95
N MET C 43 6.48 33.45 40.68
CA MET C 43 5.95 32.15 40.30
C MET C 43 7.03 31.06 40.13
N PHE C 44 8.28 31.46 39.88
CA PHE C 44 9.36 30.49 39.70
C PHE C 44 10.73 31.09 39.98
N ASP C 45 11.73 30.20 40.11
CA ASP C 45 13.10 30.61 40.40
C ASP C 45 13.78 31.13 39.13
N GLY C 46 13.58 32.40 38.84
CA GLY C 46 14.20 33.04 37.68
C GLY C 46 13.81 34.48 37.50
N LYS C 47 14.68 35.24 36.86
CA LYS C 47 14.41 36.65 36.55
C LYS C 47 13.40 36.78 35.41
N VAL C 48 12.66 37.88 35.41
CA VAL C 48 11.65 38.12 34.38
C VAL C 48 11.66 39.61 33.99
N PRO C 49 11.57 39.91 32.68
CA PRO C 49 11.58 41.31 32.24
C PRO C 49 10.22 42.01 32.41
N HIS C 50 10.26 43.21 32.99
CA HIS C 50 9.08 44.08 33.04
C HIS C 50 9.14 45.06 31.87
N TRP C 51 8.47 44.72 30.77
CA TRP C 51 8.54 45.52 29.55
C TRP C 51 7.80 46.84 29.66
N TYR C 52 8.43 47.91 29.18
CA TYR C 52 7.84 49.23 29.11
C TYR C 52 7.86 49.72 27.67
N HIS C 53 6.92 50.59 27.32
CA HIS C 53 7.06 51.39 26.10
C HIS C 53 8.27 52.29 26.29
N PHE C 54 9.07 52.48 25.25
CA PHE C 54 10.25 53.33 25.34
C PHE C 54 9.90 54.73 25.83
N SER C 55 8.74 55.23 25.42
CA SER C 55 8.23 56.53 25.89
C SER C 55 7.90 56.50 27.38
N CYS C 56 7.26 55.42 27.83
CA CYS C 56 6.83 55.29 29.23
C CYS C 56 7.97 54.98 30.20
N PHE C 57 9.08 54.44 29.69
CA PHE C 57 10.18 53.99 30.54
C PHE C 57 10.81 55.09 31.39
N TRP C 58 10.81 56.33 30.89
CA TRP C 58 11.52 57.42 31.54
C TRP C 58 10.63 58.26 32.49
N LYS C 59 9.37 57.86 32.66
CA LYS C 59 8.46 58.53 33.59
C LYS C 59 8.30 57.78 34.92
N VAL C 60 8.72 56.51 34.97
CA VAL C 60 8.66 55.73 36.21
C VAL C 60 9.66 56.20 37.25
N GLY C 61 10.72 56.88 36.81
CA GLY C 61 11.72 57.45 37.71
C GLY C 61 13.10 56.83 37.62
N HIS C 62 13.28 55.86 36.71
CA HIS C 62 14.58 55.21 36.53
C HIS C 62 15.51 56.12 35.74
N SER C 63 16.77 56.19 36.16
CA SER C 63 17.77 57.05 35.52
C SER C 63 19.07 56.27 35.29
N ILE C 64 19.19 55.70 34.09
CA ILE C 64 20.40 54.99 33.69
C ILE C 64 21.45 56.02 33.28
N ARG C 65 22.55 56.07 34.02
CA ARG C 65 23.61 57.05 33.79
C ARG C 65 24.33 56.80 32.47
N HIS C 66 24.77 55.56 32.28
CA HIS C 66 25.48 55.15 31.06
C HIS C 66 24.81 53.89 30.49
N PRO C 67 23.92 54.05 29.49
CA PRO C 67 23.19 52.92 28.89
C PRO C 67 24.06 51.78 28.36
N ASP C 68 25.14 52.11 27.67
CA ASP C 68 25.99 51.10 27.02
C ASP C 68 26.59 50.09 27.99
N VAL C 69 26.86 50.50 29.23
CA VAL C 69 27.45 49.62 30.25
C VAL C 69 26.40 49.02 31.20
N GLU C 70 25.23 49.66 31.30
CA GLU C 70 24.18 49.22 32.23
C GLU C 70 23.09 48.40 31.55
N VAL C 71 22.60 48.89 30.40
CA VAL C 71 21.52 48.22 29.69
C VAL C 71 22.03 47.10 28.80
N ASP C 72 21.36 45.96 28.84
CA ASP C 72 21.71 44.80 28.03
C ASP C 72 21.09 44.92 26.64
N GLY C 73 21.81 44.43 25.62
CA GLY C 73 21.33 44.47 24.25
C GLY C 73 21.51 45.82 23.55
N PHE C 74 22.31 46.69 24.15
CA PHE C 74 22.54 48.03 23.61
C PHE C 74 23.37 48.00 22.32
N SER C 75 24.41 47.18 22.32
CA SER C 75 25.28 47.05 21.15
C SER C 75 24.58 46.38 19.96
N GLU C 76 23.62 45.51 20.25
CA GLU C 76 22.87 44.81 19.20
C GLU C 76 21.85 45.71 18.49
N LEU C 77 21.52 46.87 19.09
CA LEU C 77 20.60 47.83 18.47
C LEU C 77 21.19 48.46 17.21
N ARG C 78 20.33 49.13 16.45
CA ARG C 78 20.75 49.89 15.29
C ARG C 78 21.42 51.19 15.76
N TRP C 79 22.41 51.67 15.00
CA TRP C 79 23.26 52.78 15.45
C TRP C 79 22.48 54.04 15.82
N ASP C 80 21.56 54.45 14.95
CA ASP C 80 20.76 55.65 15.19
C ASP C 80 19.82 55.48 16.40
N ASP C 81 19.37 54.25 16.65
CA ASP C 81 18.54 53.95 17.81
C ASP C 81 19.34 53.97 19.12
N GLN C 82 20.62 53.58 19.05
CA GLN C 82 21.52 53.65 20.20
C GLN C 82 21.69 55.08 20.69
N GLN C 83 21.81 56.02 19.75
CA GLN C 83 21.95 57.44 20.08
C GLN C 83 20.69 58.03 20.70
N LYS C 84 19.52 57.52 20.33
CA LYS C 84 18.26 57.95 20.93
C LYS C 84 18.20 57.56 22.40
N VAL C 85 18.67 56.35 22.72
CA VAL C 85 18.75 55.88 24.10
C VAL C 85 19.79 56.69 24.87
N LYS C 86 20.93 56.96 24.22
CA LYS C 86 22.03 57.68 24.86
C LYS C 86 21.67 59.13 25.20
N LYS C 87 20.98 59.81 24.29
CA LYS C 87 20.53 61.18 24.53
C LYS C 87 19.36 61.25 25.52
N THR C 88 18.39 60.35 25.35
CA THR C 88 17.22 60.30 26.23
C THR C 88 17.58 59.85 27.66
N ALA C 89 18.70 59.14 27.79
CA ALA C 89 19.22 58.76 29.11
C ALA C 89 19.53 59.98 29.96
N GLU C 90 20.08 61.02 29.34
CA GLU C 90 20.41 62.27 30.02
C GLU C 90 19.17 63.16 30.22
N ALA C 91 18.20 63.05 29.31
CA ALA C 91 16.96 63.82 29.41
C ALA C 91 15.84 63.16 28.61
N SER C 117 46.75 64.10 22.55
CA SER C 117 45.31 64.38 22.28
C SER C 117 44.97 64.37 20.78
N LYS C 118 45.96 64.64 19.93
CA LYS C 118 45.74 64.66 18.48
C LYS C 118 45.55 63.25 17.94
N LYS C 119 46.52 62.37 18.18
CA LYS C 119 46.42 60.97 17.78
C LYS C 119 45.40 60.21 18.65
N GLU C 120 45.24 60.64 19.90
CA GLU C 120 44.30 60.01 20.82
C GLU C 120 42.86 60.23 20.36
N LYS C 121 42.51 61.47 20.05
CA LYS C 121 41.15 61.81 19.61
C LYS C 121 40.87 61.35 18.18
N ASP C 122 41.92 61.22 17.36
CA ASP C 122 41.77 60.79 15.97
C ASP C 122 41.39 59.31 15.91
N LYS C 123 42.18 58.46 16.58
CA LYS C 123 41.89 57.02 16.61
C LYS C 123 40.56 56.76 17.34
N ASP C 124 40.26 57.59 18.34
CA ASP C 124 39.00 57.53 19.07
C ASP C 124 37.81 57.84 18.16
N SER C 125 37.92 58.94 17.40
CA SER C 125 36.85 59.37 16.51
C SER C 125 36.74 58.48 15.27
N LYS C 126 37.88 58.03 14.75
CA LYS C 126 37.92 57.19 13.55
C LYS C 126 37.43 55.75 13.84
N LEU C 127 37.54 55.32 15.09
CA LEU C 127 37.03 54.01 15.49
C LEU C 127 35.50 54.02 15.55
N GLU C 128 34.93 55.08 16.12
CA GLU C 128 33.48 55.25 16.16
C GLU C 128 32.87 55.34 14.76
N LYS C 129 33.67 55.82 13.80
CA LYS C 129 33.29 55.81 12.40
C LYS C 129 33.23 54.38 11.88
N ALA C 130 34.24 53.58 12.23
CA ALA C 130 34.31 52.16 11.84
C ALA C 130 33.34 51.29 12.62
N LEU C 131 32.91 51.75 13.80
CA LEU C 131 31.96 51.00 14.63
C LEU C 131 30.56 51.13 14.07
N LYS C 132 30.20 52.33 13.64
CA LYS C 132 28.95 52.56 12.90
C LYS C 132 28.98 51.80 11.57
N ALA C 133 30.13 51.85 10.91
CA ALA C 133 30.32 51.14 9.63
C ALA C 133 30.03 49.65 9.76
N GLN C 134 30.42 49.05 10.88
CA GLN C 134 30.19 47.63 11.14
C GLN C 134 28.76 47.37 11.62
N ASN C 135 28.21 48.28 12.43
CA ASN C 135 26.86 48.13 12.97
C ASN C 135 25.81 48.03 11.87
N ASP C 136 25.74 49.07 11.02
CA ASP C 136 24.74 49.12 9.96
C ASP C 136 25.14 48.34 8.69
N LEU C 137 26.32 47.73 8.70
CA LEU C 137 26.69 46.75 7.65
C LEU C 137 25.93 45.45 7.90
N ILE C 138 25.99 44.96 9.13
CA ILE C 138 25.28 43.75 9.52
C ILE C 138 23.77 43.95 9.41
N TRP C 139 23.28 45.11 9.83
CA TRP C 139 21.86 45.41 9.77
C TRP C 139 21.33 45.48 8.33
N ASN C 140 22.13 46.03 7.41
CA ASN C 140 21.82 45.96 5.99
C ASN C 140 21.75 44.51 5.52
N ILE C 141 22.71 43.70 5.97
CA ILE C 141 22.76 42.27 5.64
C ILE C 141 21.63 41.48 6.30
N LYS C 142 21.25 41.86 7.52
CA LYS C 142 20.19 41.17 8.25
C LYS C 142 18.84 41.25 7.55
N ASP C 143 18.33 42.46 7.37
CA ASP C 143 17.03 42.67 6.71
C ASP C 143 17.06 42.44 5.19
N GLU C 144 18.26 42.26 4.62
CA GLU C 144 18.39 41.77 3.25
C GLU C 144 17.98 40.31 3.18
N LEU C 145 18.47 39.51 4.13
CA LEU C 145 18.11 38.09 4.23
C LEU C 145 16.64 37.90 4.63
N LYS C 146 16.12 38.83 5.43
CA LYS C 146 14.70 38.81 5.82
C LYS C 146 13.79 39.10 4.63
N LYS C 147 14.29 39.89 3.68
CA LYS C 147 13.56 40.20 2.45
C LYS C 147 13.55 39.02 1.48
N VAL C 148 14.68 38.33 1.36
CA VAL C 148 14.86 37.29 0.34
C VAL C 148 14.64 35.86 0.86
N CYS C 149 15.19 35.54 2.03
CA CYS C 149 15.18 34.17 2.55
C CYS C 149 14.12 33.95 3.62
N SER C 150 13.56 32.73 3.64
CA SER C 150 12.68 32.30 4.72
C SER C 150 13.54 31.74 5.86
N THR C 151 12.89 31.37 6.97
CA THR C 151 13.59 30.85 8.14
C THR C 151 14.27 29.51 7.85
N ASN C 152 13.57 28.63 7.14
CA ASN C 152 14.10 27.30 6.80
C ASN C 152 15.37 27.36 5.94
N ASP C 153 15.48 28.39 5.11
CA ASP C 153 16.69 28.62 4.33
C ASP C 153 17.84 29.02 5.24
N LEU C 154 17.56 29.90 6.19
CA LEU C 154 18.55 30.37 7.16
C LEU C 154 18.95 29.28 8.15
N LYS C 155 18.01 28.38 8.46
CA LYS C 155 18.31 27.22 9.31
C LYS C 155 19.27 26.27 8.62
N GLU C 156 18.97 25.93 7.36
CA GLU C 156 19.80 25.02 6.58
C GLU C 156 21.12 25.67 6.11
N LEU C 157 21.19 27.00 6.15
CA LEU C 157 22.44 27.71 5.91
C LEU C 157 23.44 27.41 7.03
N LEU C 158 22.98 27.52 8.28
CA LEU C 158 23.83 27.27 9.45
C LEU C 158 24.22 25.79 9.57
N ILE C 159 23.29 24.89 9.28
CA ILE C 159 23.55 23.45 9.37
C ILE C 159 24.64 23.02 8.39
N PHE C 160 24.61 23.60 7.19
CA PHE C 160 25.63 23.33 6.17
C PHE C 160 27.02 23.76 6.63
N ASN C 161 27.08 24.85 7.39
CA ASN C 161 28.34 25.37 7.93
C ASN C 161 28.73 24.75 9.28
N LYS C 162 28.04 23.67 9.67
CA LYS C 162 28.30 22.97 10.93
C LYS C 162 28.09 23.88 12.14
N GLN C 163 26.98 24.63 12.12
CA GLN C 163 26.65 25.57 13.20
C GLN C 163 25.37 25.12 13.90
N GLN C 164 25.31 25.35 15.21
CA GLN C 164 24.13 25.07 16.00
C GLN C 164 23.02 26.05 15.64
N VAL C 165 21.85 25.53 15.29
CA VAL C 165 20.71 26.35 14.91
C VAL C 165 20.03 26.88 16.18
N PRO C 166 20.02 28.21 16.37
CA PRO C 166 19.44 28.78 17.59
C PRO C 166 17.91 28.84 17.59
N SER C 167 17.36 29.08 18.77
CA SER C 167 15.92 29.26 18.94
C SER C 167 15.57 30.75 18.77
N GLY C 168 14.63 31.03 17.87
CA GLY C 168 14.17 32.40 17.62
C GLY C 168 14.44 32.86 16.20
N GLU C 169 13.56 33.70 15.68
CA GLU C 169 13.71 34.23 14.33
C GLU C 169 14.85 35.24 14.29
N SER C 170 14.77 36.26 15.14
CA SER C 170 15.78 37.31 15.20
C SER C 170 17.19 36.78 15.41
N ALA C 171 17.32 35.79 16.29
CA ALA C 171 18.62 35.20 16.62
C ALA C 171 19.22 34.38 15.47
N ILE C 172 18.38 33.80 14.62
CA ILE C 172 18.86 32.98 13.50
C ILE C 172 19.61 33.84 12.48
N LEU C 173 18.97 34.90 11.98
CA LEU C 173 19.62 35.80 11.01
C LEU C 173 20.75 36.63 11.63
N ASP C 174 20.76 36.75 12.95
CA ASP C 174 21.83 37.43 13.67
C ASP C 174 23.12 36.60 13.59
N ARG C 175 22.99 35.28 13.69
CA ARG C 175 24.14 34.36 13.59
C ARG C 175 24.54 34.09 12.14
N VAL C 176 23.58 34.10 11.22
CA VAL C 176 23.86 33.96 9.79
C VAL C 176 24.63 35.18 9.30
N ALA C 177 24.19 36.37 9.70
CA ALA C 177 24.88 37.62 9.36
C ALA C 177 26.28 37.66 9.98
N ASP C 178 26.40 37.20 11.22
CA ASP C 178 27.69 37.04 11.88
C ASP C 178 28.57 36.04 11.13
N GLY C 179 27.97 34.93 10.71
CA GLY C 179 28.67 33.88 9.98
C GLY C 179 29.24 34.35 8.66
N MET C 180 28.42 35.04 7.87
CA MET C 180 28.82 35.51 6.54
C MET C 180 29.92 36.57 6.59
N VAL C 181 29.74 37.55 7.48
CA VAL C 181 30.65 38.70 7.55
C VAL C 181 32.04 38.31 8.10
N PHE C 182 32.06 37.51 9.16
CA PHE C 182 33.31 37.20 9.86
C PHE C 182 33.80 35.77 9.61
N GLY C 183 32.91 34.79 9.73
CA GLY C 183 33.25 33.41 9.41
C GLY C 183 32.46 32.36 10.18
N ALA C 184 32.50 31.12 9.68
CA ALA C 184 31.87 29.98 10.34
C ALA C 184 32.68 29.59 11.57
N LEU C 185 32.05 29.69 12.74
CA LEU C 185 32.75 29.47 14.01
C LEU C 185 33.10 27.99 14.22
N LEU C 186 34.38 27.72 14.46
CA LEU C 186 34.83 26.36 14.74
C LEU C 186 34.39 25.95 16.14
N PRO C 187 34.31 24.63 16.40
CA PRO C 187 33.96 24.13 17.73
C PRO C 187 34.91 24.61 18.84
N CYS C 188 34.46 24.49 20.08
CA CYS C 188 35.22 24.95 21.24
C CYS C 188 36.44 24.04 21.49
N GLU C 189 37.46 24.59 22.13
CA GLU C 189 38.71 23.87 22.38
C GLU C 189 38.52 22.66 23.29
N GLU C 190 37.85 22.85 24.43
CA GLU C 190 37.69 21.80 25.43
C GLU C 190 36.35 21.07 25.30
N CYS C 191 35.25 21.83 25.41
CA CYS C 191 33.91 21.25 25.49
C CYS C 191 33.29 20.90 24.13
N SER C 192 33.92 21.36 23.05
CA SER C 192 33.45 21.11 21.68
C SER C 192 32.02 21.59 21.44
N GLY C 193 31.68 22.75 21.99
CA GLY C 193 30.36 23.36 21.83
C GLY C 193 30.37 24.48 20.80
N GLN C 194 29.37 25.34 20.85
CA GLN C 194 29.21 26.43 19.90
C GLN C 194 29.41 27.78 20.58
N LEU C 195 30.38 28.55 20.10
CA LEU C 195 30.59 29.92 20.58
C LEU C 195 29.54 30.85 19.96
N VAL C 196 29.12 31.85 20.73
CA VAL C 196 28.09 32.80 20.27
C VAL C 196 28.47 34.22 20.66
N PHE C 197 28.31 35.16 19.72
CA PHE C 197 28.54 36.57 20.01
C PHE C 197 27.47 37.09 20.95
N LYS C 198 27.91 37.73 22.03
CA LYS C 198 27.01 38.31 23.03
C LYS C 198 27.57 39.66 23.49
N SER C 199 27.05 40.74 22.92
CA SER C 199 27.38 42.11 23.30
C SER C 199 28.83 42.51 23.05
N ASP C 200 29.76 42.01 23.86
CA ASP C 200 31.17 42.43 23.82
C ASP C 200 32.19 41.31 23.57
N ALA C 201 31.73 40.08 23.41
CA ALA C 201 32.64 38.94 23.20
C ALA C 201 31.91 37.70 22.70
N TYR C 202 32.68 36.69 22.30
CA TYR C 202 32.15 35.39 21.90
C TYR C 202 32.17 34.41 23.07
N TYR C 203 31.00 34.12 23.62
CA TYR C 203 30.86 33.23 24.78
C TYR C 203 30.53 31.81 24.33
N CYS C 204 31.19 30.82 24.92
CA CYS C 204 30.89 29.41 24.63
C CYS C 204 29.58 29.01 25.31
N THR C 205 28.72 28.34 24.56
CA THR C 205 27.40 27.93 25.06
C THR C 205 27.31 26.41 25.21
N GLY C 206 28.46 25.73 25.17
CA GLY C 206 28.50 24.28 25.27
C GLY C 206 28.42 23.78 26.70
N ASP C 207 28.81 22.52 26.90
CA ASP C 207 28.75 21.89 28.21
C ASP C 207 30.05 21.13 28.52
N VAL C 208 30.88 21.72 29.37
CA VAL C 208 32.08 21.06 29.88
C VAL C 208 31.72 19.78 30.65
N THR C 209 30.54 19.79 31.28
CA THR C 209 29.99 18.60 31.93
C THR C 209 28.46 18.70 32.00
N ALA C 210 27.81 17.62 32.42
CA ALA C 210 26.35 17.57 32.50
C ALA C 210 25.81 18.51 33.59
N TRP C 211 26.58 18.69 34.65
CA TRP C 211 26.15 19.51 35.79
C TRP C 211 26.38 21.00 35.57
N THR C 212 27.48 21.35 34.88
CA THR C 212 27.89 22.74 34.72
C THR C 212 28.04 23.14 33.26
N LYS C 213 27.77 24.42 32.98
CA LYS C 213 27.93 24.97 31.64
C LYS C 213 29.36 25.47 31.45
N CYS C 214 29.83 25.47 30.21
CA CYS C 214 31.18 25.96 29.89
C CYS C 214 31.24 27.48 29.99
N MET C 215 32.40 28.00 30.37
CA MET C 215 32.60 29.43 30.61
C MET C 215 33.75 30.03 29.78
N VAL C 216 33.96 29.49 28.58
CA VAL C 216 34.99 30.03 27.68
C VAL C 216 34.48 31.35 27.08
N LYS C 217 35.39 32.33 27.01
CA LYS C 217 35.06 33.67 26.51
C LYS C 217 36.25 34.23 25.75
N THR C 218 35.99 34.89 24.63
CA THR C 218 37.05 35.45 23.80
C THR C 218 36.54 36.50 22.80
N GLN C 219 37.43 37.39 22.41
CA GLN C 219 37.15 38.38 21.35
C GLN C 219 37.71 37.93 20.00
N THR C 220 38.64 36.98 20.02
CA THR C 220 39.25 36.45 18.80
C THR C 220 39.12 34.92 18.76
N PRO C 221 37.93 34.41 18.41
CA PRO C 221 37.70 32.97 18.36
C PRO C 221 38.27 32.33 17.08
N ASN C 222 38.37 31.01 17.09
CA ASN C 222 38.84 30.26 15.93
C ASN C 222 37.69 30.01 14.97
N ARG C 223 37.96 30.13 13.67
CA ARG C 223 36.91 30.00 12.65
C ARG C 223 37.46 29.85 11.24
N LYS C 224 36.89 28.91 10.49
CA LYS C 224 37.17 28.77 9.06
C LYS C 224 36.23 29.69 8.29
N GLU C 225 36.44 29.80 6.98
CA GLU C 225 35.66 30.71 6.14
C GLU C 225 34.23 30.20 5.93
N TRP C 226 33.28 31.13 5.85
CA TRP C 226 31.88 30.80 5.66
C TRP C 226 31.64 30.31 4.22
N VAL C 227 31.11 29.11 4.09
CA VAL C 227 30.85 28.50 2.79
C VAL C 227 29.34 28.48 2.51
N THR C 228 28.89 29.40 1.65
CA THR C 228 27.52 29.41 1.18
C THR C 228 27.33 28.27 0.17
N PRO C 229 26.22 27.52 0.28
CA PRO C 229 25.95 26.50 -0.74
C PRO C 229 25.72 27.09 -2.14
N LYS C 230 25.83 26.26 -3.17
CA LYS C 230 25.58 26.68 -4.55
C LYS C 230 24.22 27.37 -4.74
N GLU C 231 23.23 26.97 -3.93
CA GLU C 231 21.87 27.50 -4.05
C GLU C 231 21.79 28.92 -3.50
N PHE C 232 22.08 29.89 -4.36
CA PHE C 232 22.04 31.30 -3.98
C PHE C 232 22.02 32.20 -5.22
N ARG C 233 20.81 32.52 -5.69
CA ARG C 233 20.63 33.39 -6.85
C ARG C 233 20.74 34.87 -6.50
N GLU C 234 20.69 35.19 -5.21
CA GLU C 234 20.82 36.56 -4.73
C GLU C 234 22.03 36.73 -3.81
N ILE C 235 22.96 35.78 -3.87
CA ILE C 235 24.21 35.86 -3.11
C ILE C 235 25.16 36.89 -3.72
N SER C 236 25.10 37.03 -5.04
CA SER C 236 25.89 38.03 -5.76
C SER C 236 25.43 39.45 -5.46
N TYR C 237 24.16 39.60 -5.09
CA TYR C 237 23.60 40.90 -4.73
C TYR C 237 23.97 41.28 -3.29
N LEU C 238 23.86 40.32 -2.38
CA LEU C 238 24.18 40.54 -0.97
C LEU C 238 25.68 40.74 -0.74
N LYS C 239 26.49 39.92 -1.39
CA LYS C 239 27.95 40.01 -1.30
C LYS C 239 28.51 41.22 -2.06
N LYS C 240 27.71 41.79 -2.96
CA LYS C 240 28.11 42.98 -3.72
C LYS C 240 28.06 44.28 -2.91
N LEU C 241 27.59 44.21 -1.66
CA LEU C 241 27.47 45.39 -0.80
C LEU C 241 28.82 45.76 -0.15
N LYS C 242 29.86 45.88 -0.97
CA LYS C 242 31.20 46.30 -0.53
C LYS C 242 31.64 45.63 0.79
N VAL C 243 31.69 44.30 0.78
CA VAL C 243 32.08 43.53 1.96
C VAL C 243 33.44 42.84 1.76
N LYS C 244 34.45 43.31 2.48
CA LYS C 244 35.80 42.74 2.42
C LYS C 244 36.12 41.98 3.70
N LYS C 245 37.33 41.42 3.77
CA LYS C 245 37.77 40.68 4.95
C LYS C 245 38.04 41.62 6.13
N GLN C 246 37.43 41.32 7.27
CA GLN C 246 37.58 42.13 8.48
C GLN C 246 37.16 41.36 9.72
N ASP C 247 37.72 41.73 10.87
CA ASP C 247 37.42 41.08 12.15
C ASP C 247 36.40 41.90 12.93
N ARG C 248 35.74 41.24 13.89
CA ARG C 248 34.76 41.90 14.76
C ARG C 248 35.41 43.02 15.57
N ILE C 249 34.82 44.22 15.48
CA ILE C 249 35.22 45.36 16.29
C ILE C 249 34.30 45.42 17.51
N PHE C 250 34.88 45.75 18.66
CA PHE C 250 34.14 45.75 19.93
C PHE C 250 34.07 47.16 20.51
N PRO C 251 33.17 47.38 21.50
CA PRO C 251 33.11 48.69 22.15
C PRO C 251 34.37 49.01 22.98
N PRO C 252 34.55 50.30 23.36
CA PRO C 252 35.72 50.68 24.14
C PRO C 252 35.73 50.07 25.55
N ALA D 14 7.48 8.05 50.69
CA ALA D 14 7.02 9.34 51.30
C ALA D 14 5.49 9.46 51.31
N ALA D 15 4.99 10.50 51.96
CA ALA D 15 3.56 10.75 52.05
C ALA D 15 3.14 11.87 51.10
N VAL D 16 1.87 12.27 51.17
CA VAL D 16 1.32 13.30 50.28
C VAL D 16 1.78 14.70 50.71
N ASP D 17 2.08 15.54 49.72
CA ASP D 17 2.46 16.93 49.97
C ASP D 17 1.21 17.74 50.31
N PRO D 18 1.19 18.41 51.48
CA PRO D 18 0.01 19.20 51.86
C PRO D 18 -0.28 20.44 50.99
N ASP D 19 0.63 20.77 50.08
CA ASP D 19 0.40 21.87 49.13
C ASP D 19 -0.74 21.56 48.15
N SER D 20 -1.01 20.28 47.93
CA SER D 20 -2.14 19.84 47.11
C SER D 20 -3.47 20.19 47.77
N GLY D 21 -3.54 20.04 49.09
CA GLY D 21 -4.77 20.26 49.84
C GLY D 21 -5.61 18.99 49.98
N LEU D 22 -5.13 17.89 49.40
CA LEU D 22 -5.83 16.61 49.43
C LEU D 22 -4.98 15.57 50.16
N GLU D 23 -4.25 15.99 51.18
CA GLU D 23 -3.30 15.12 51.88
C GLU D 23 -3.96 13.99 52.66
N HIS D 24 -4.98 14.32 53.45
CA HIS D 24 -5.74 13.34 54.21
C HIS D 24 -7.07 13.07 53.50
N SER D 25 -6.97 12.50 52.31
CA SER D 25 -8.14 12.19 51.47
C SER D 25 -7.85 10.99 50.56
N ALA D 26 -6.82 11.12 49.73
CA ALA D 26 -6.40 10.05 48.83
C ALA D 26 -4.91 9.75 49.01
N HIS D 27 -4.57 8.46 49.00
CA HIS D 27 -3.20 8.01 49.23
C HIS D 27 -2.31 8.19 47.99
N VAL D 28 -1.00 8.34 48.22
CA VAL D 28 -0.01 8.38 47.13
C VAL D 28 0.18 6.96 46.59
N LEU D 29 0.22 6.85 45.26
CA LEU D 29 0.16 5.54 44.59
C LEU D 29 1.54 4.96 44.28
N GLU D 30 1.62 3.64 44.20
CA GLU D 30 2.82 2.92 43.80
C GLU D 30 2.46 1.67 43.00
N LYS D 31 3.21 1.40 41.94
CA LYS D 31 3.00 0.21 41.12
C LYS D 31 3.94 -0.91 41.58
N GLY D 32 3.48 -1.70 42.55
CA GLY D 32 4.25 -2.81 43.09
C GLY D 32 5.43 -2.37 43.93
N GLY D 33 6.51 -1.97 43.25
CA GLY D 33 7.75 -1.57 43.92
C GLY D 33 8.03 -0.08 43.83
N LYS D 34 8.18 0.42 42.61
CA LYS D 34 8.51 1.83 42.38
C LYS D 34 7.37 2.75 42.78
N VAL D 35 7.64 3.64 43.74
CA VAL D 35 6.65 4.59 44.24
C VAL D 35 6.56 5.80 43.30
N PHE D 36 5.36 6.08 42.81
CA PHE D 36 5.15 7.20 41.88
C PHE D 36 5.23 8.54 42.62
N SER D 37 6.45 8.94 42.94
CA SER D 37 6.73 10.19 43.64
C SER D 37 8.23 10.45 43.63
N ALA D 38 8.62 11.61 43.12
CA ALA D 38 10.04 11.98 43.02
C ALA D 38 10.25 13.45 43.31
N THR D 39 11.33 13.76 44.02
CA THR D 39 11.67 15.13 44.37
C THR D 39 12.99 15.49 43.68
N LEU D 40 12.91 16.36 42.69
CA LEU D 40 14.06 16.71 41.86
C LEU D 40 14.71 18.01 42.34
N GLY D 41 15.94 18.26 41.88
CA GLY D 41 16.68 19.46 42.24
C GLY D 41 17.66 19.88 41.16
N LEU D 42 17.91 21.19 41.08
CA LEU D 42 18.81 21.76 40.08
C LEU D 42 19.44 23.05 40.60
N VAL D 43 20.77 23.11 40.58
CA VAL D 43 21.52 24.29 41.02
C VAL D 43 22.64 24.64 40.05
N ASP D 44 22.75 25.93 39.75
CA ASP D 44 23.86 26.47 38.97
C ASP D 44 24.43 27.67 39.74
N ILE D 45 25.62 27.48 40.32
CA ILE D 45 26.26 28.50 41.15
C ILE D 45 26.48 29.82 40.40
N VAL D 46 26.77 29.73 39.10
CA VAL D 46 27.06 30.93 38.29
C VAL D 46 25.79 31.76 38.08
N LYS D 47 24.72 31.11 37.62
CA LYS D 47 23.42 31.77 37.44
C LYS D 47 22.80 32.17 38.78
N GLY D 48 23.04 31.36 39.81
CA GLY D 48 22.46 31.59 41.13
C GLY D 48 21.22 30.74 41.38
N THR D 49 20.66 30.17 40.31
CA THR D 49 19.49 29.30 40.42
C THR D 49 19.76 28.12 41.37
N ASN D 50 18.76 27.83 42.19
CA ASN D 50 18.84 26.78 43.20
C ASN D 50 17.40 26.37 43.50
N SER D 51 16.90 25.42 42.71
CA SER D 51 15.46 25.15 42.65
C SER D 51 15.11 23.71 43.02
N TYR D 52 13.82 23.49 43.31
CA TYR D 52 13.28 22.17 43.56
C TYR D 52 12.18 21.86 42.55
N TYR D 53 11.80 20.59 42.47
CA TYR D 53 10.68 20.16 41.65
C TYR D 53 10.13 18.82 42.14
N LYS D 54 9.08 18.88 42.94
CA LYS D 54 8.45 17.67 43.47
C LYS D 54 7.27 17.25 42.61
N LEU D 55 7.33 16.00 42.13
CA LEU D 55 6.28 15.41 41.32
C LEU D 55 5.66 14.25 42.08
N GLN D 56 4.34 14.12 42.01
CA GLN D 56 3.61 13.06 42.71
C GLN D 56 2.42 12.55 41.90
N LEU D 57 1.98 11.34 42.24
CA LEU D 57 0.77 10.77 41.65
C LEU D 57 -0.18 10.30 42.74
N LEU D 58 -1.17 11.14 43.06
CA LEU D 58 -2.12 10.87 44.12
C LEU D 58 -3.22 9.92 43.64
N TRP D 67 -5.25 11.90 39.89
CA TRP D 67 -4.69 13.20 40.23
C TRP D 67 -3.17 13.19 40.11
N ILE D 68 -2.62 14.22 39.45
CA ILE D 68 -1.18 14.43 39.39
C ILE D 68 -0.88 15.79 40.03
N PHE D 69 0.20 15.84 40.80
CA PHE D 69 0.58 17.08 41.49
C PHE D 69 2.02 17.49 41.17
N ARG D 70 2.18 18.74 40.74
CA ARG D 70 3.48 19.31 40.45
C ARG D 70 3.75 20.50 41.37
N SER D 71 4.89 20.49 42.04
CA SER D 71 5.34 21.61 42.86
C SER D 71 6.70 22.08 42.36
N TRP D 72 6.92 23.38 42.36
CA TRP D 72 8.17 23.96 41.89
C TRP D 72 8.46 25.32 42.53
N GLY D 73 9.73 25.70 42.55
CA GLY D 73 10.15 26.97 43.12
C GLY D 73 11.61 26.98 43.57
N ARG D 74 12.00 28.05 44.24
CA ARG D 74 13.36 28.17 44.79
C ARG D 74 13.38 27.61 46.21
N VAL D 75 14.17 26.57 46.42
CA VAL D 75 14.26 25.88 47.72
C VAL D 75 14.49 26.85 48.90
N GLY D 76 13.60 26.77 49.88
CA GLY D 76 13.72 27.53 51.12
C GLY D 76 13.16 28.94 51.08
N THR D 77 12.18 29.18 50.20
CA THR D 77 11.56 30.51 50.04
C THR D 77 10.13 30.43 49.51
N VAL D 78 9.43 31.56 49.56
CA VAL D 78 8.06 31.66 49.06
C VAL D 78 8.01 31.72 47.52
N ILE D 79 9.18 31.90 46.89
CA ILE D 79 9.28 31.90 45.42
C ILE D 79 8.92 30.53 44.87
N GLY D 80 7.90 30.50 44.00
CA GLY D 80 7.45 29.26 43.39
C GLY D 80 5.93 29.17 43.30
N SER D 81 5.44 28.06 42.78
CA SER D 81 4.01 27.81 42.67
C SER D 81 3.75 26.32 42.50
N ASN D 82 2.48 25.95 42.31
CA ASN D 82 2.11 24.54 42.15
C ASN D 82 0.88 24.36 41.26
N LYS D 83 0.67 23.14 40.80
CA LYS D 83 -0.51 22.80 40.01
C LYS D 83 -1.04 21.41 40.35
N LEU D 84 -2.16 21.38 41.07
CA LEU D 84 -2.94 20.16 41.26
C LEU D 84 -3.87 20.01 40.07
N GLU D 85 -3.98 18.80 39.54
CA GLU D 85 -4.75 18.55 38.32
C GLU D 85 -5.30 17.12 38.30
N GLN D 86 -6.62 17.00 38.23
CA GLN D 86 -7.28 15.68 38.15
C GLN D 86 -7.12 15.11 36.75
N MET D 87 -6.93 13.79 36.68
CA MET D 87 -6.72 13.09 35.41
C MET D 87 -8.05 12.56 34.85
N PRO D 88 -8.10 12.32 33.53
CA PRO D 88 -9.26 11.64 32.95
C PRO D 88 -9.39 10.18 33.42
N SER D 89 -8.25 9.50 33.57
CA SER D 89 -8.24 8.12 34.04
C SER D 89 -6.91 7.76 34.73
N LYS D 90 -6.81 6.53 35.21
CA LYS D 90 -5.61 6.06 35.94
C LYS D 90 -4.46 5.64 35.03
N GLU D 91 -4.77 5.14 33.83
CA GLU D 91 -3.72 4.80 32.85
C GLU D 91 -3.17 6.05 32.17
N ASP D 92 -3.97 7.12 32.12
CA ASP D 92 -3.53 8.41 31.62
C ASP D 92 -2.58 9.09 32.62
N ALA D 93 -2.70 8.71 33.89
CA ALA D 93 -1.82 9.20 34.94
C ALA D 93 -0.37 8.78 34.71
N ILE D 94 -0.17 7.49 34.45
CA ILE D 94 1.15 6.94 34.12
C ILE D 94 1.74 7.65 32.90
N GLU D 95 0.89 7.92 31.91
CA GLU D 95 1.31 8.61 30.69
C GLU D 95 1.75 10.05 30.99
N HIS D 96 0.97 10.75 31.81
CA HIS D 96 1.26 12.14 32.17
C HIS D 96 2.44 12.24 33.14
N PHE D 97 2.56 11.26 34.04
CA PHE D 97 3.62 11.24 35.04
C PHE D 97 4.99 10.96 34.43
N MET D 98 5.10 9.84 33.70
CA MET D 98 6.37 9.43 33.09
C MET D 98 6.84 10.39 32.00
N LYS D 99 5.90 11.09 31.38
CA LYS D 99 6.23 12.10 30.36
C LYS D 99 6.78 13.38 31.02
N LEU D 100 6.08 13.88 32.04
CA LEU D 100 6.55 15.02 32.83
C LEU D 100 7.90 14.73 33.48
N TYR D 101 8.05 13.52 34.00
CA TYR D 101 9.30 13.09 34.61
C TYR D 101 10.45 13.25 33.61
N GLU D 102 10.40 12.50 32.51
CA GLU D 102 11.47 12.52 31.50
C GLU D 102 11.72 13.90 30.91
N GLU D 103 10.65 14.68 30.74
CA GLU D 103 10.76 16.05 30.26
C GLU D 103 11.61 16.92 31.19
N LYS D 104 11.51 16.66 32.49
CA LYS D 104 12.18 17.48 33.51
C LYS D 104 13.52 16.89 33.94
N THR D 105 13.58 15.56 34.09
CA THR D 105 14.80 14.90 34.57
C THR D 105 15.73 14.42 33.44
N GLY D 106 15.15 14.06 32.29
CA GLY D 106 15.92 13.61 31.13
C GLY D 106 15.89 12.11 30.90
N ASN D 107 15.86 11.34 31.99
CA ASN D 107 15.86 9.88 31.94
C ASN D 107 14.46 9.26 31.94
N ALA D 108 14.40 7.95 31.75
CA ALA D 108 13.15 7.19 31.88
C ALA D 108 12.88 6.88 33.35
N TRP D 109 11.67 6.42 33.65
CA TRP D 109 11.26 6.14 35.03
C TRP D 109 11.96 4.93 35.64
N HIS D 110 12.09 3.85 34.86
CA HIS D 110 12.69 2.62 35.35
C HIS D 110 14.16 2.62 34.94
N SER D 111 15.02 3.02 35.87
CA SER D 111 16.46 3.06 35.64
C SER D 111 17.16 3.21 36.99
N LYS D 112 18.03 2.26 37.33
CA LYS D 112 18.81 2.31 38.57
C LYS D 112 20.05 3.20 38.35
N ASN D 113 20.79 2.89 37.29
CA ASN D 113 22.00 3.63 36.94
C ASN D 113 21.68 4.97 36.26
N PHE D 114 21.56 6.02 37.07
CA PHE D 114 21.10 7.32 36.58
C PHE D 114 22.23 8.14 35.94
N THR D 115 21.85 9.02 35.02
CA THR D 115 22.78 9.94 34.35
C THR D 115 22.16 11.34 34.23
N LYS D 116 22.87 12.34 34.75
CA LYS D 116 22.44 13.74 34.68
C LYS D 116 22.53 14.25 33.24
N TYR D 117 21.63 15.18 32.88
CA TYR D 117 21.63 15.80 31.56
C TYR D 117 21.65 17.34 31.67
N PRO D 118 22.31 18.01 30.70
CA PRO D 118 22.42 19.48 30.63
C PRO D 118 21.11 20.24 30.89
N LYS D 119 21.13 21.09 31.92
CA LYS D 119 19.98 21.92 32.32
C LYS D 119 18.69 21.15 32.69
N LYS D 120 18.75 19.82 32.69
CA LYS D 120 17.66 19.00 33.22
C LYS D 120 17.87 18.82 34.72
N PHE D 121 16.83 18.37 35.40
CA PHE D 121 16.89 18.15 36.85
C PHE D 121 17.57 16.83 37.21
N TYR D 122 17.87 16.67 38.49
CA TYR D 122 18.41 15.42 39.04
C TYR D 122 17.55 14.98 40.22
N PRO D 123 17.10 13.72 40.23
CA PRO D 123 16.22 13.22 41.29
C PRO D 123 16.99 12.91 42.57
N LEU D 124 16.45 13.37 43.70
CA LEU D 124 17.06 13.09 45.00
C LEU D 124 16.44 11.83 45.58
N GLU D 125 17.29 10.96 46.09
CA GLU D 125 16.87 9.64 46.57
C GLU D 125 16.24 9.73 47.95
N ILE D 126 14.91 9.73 48.00
CA ILE D 126 14.16 9.72 49.24
C ILE D 126 13.85 8.27 49.64
N ASP D 127 13.82 8.00 50.94
CA ASP D 127 13.51 6.67 51.47
C ASP D 127 12.05 6.33 51.26
N LYS D 145 4.55 8.51 85.72
CA LYS D 145 4.51 7.09 86.06
C LYS D 145 5.78 6.33 85.64
N SER D 146 6.75 7.05 85.06
CA SER D 146 8.03 6.45 84.69
C SER D 146 8.89 6.26 85.94
N LYS D 147 9.51 5.07 86.04
CA LYS D 147 10.33 4.72 87.20
C LYS D 147 11.83 4.89 86.91
N LEU D 148 12.28 6.14 86.90
CA LEU D 148 13.70 6.46 86.71
C LEU D 148 14.08 7.71 87.52
N PRO D 149 15.39 7.94 87.73
CA PRO D 149 15.84 9.16 88.41
C PRO D 149 15.55 10.43 87.60
N LYS D 150 15.48 11.56 88.29
CA LYS D 150 15.17 12.85 87.66
C LYS D 150 16.29 13.32 86.71
N PRO D 151 17.57 13.14 87.09
CA PRO D 151 18.65 13.49 86.16
C PRO D 151 18.71 12.61 84.91
N VAL D 152 18.34 11.34 85.05
CA VAL D 152 18.31 10.40 83.92
C VAL D 152 17.18 10.75 82.96
N GLN D 153 16.04 11.19 83.50
CA GLN D 153 14.94 11.68 82.67
C GLN D 153 15.34 12.94 81.91
N ASP D 154 16.08 13.83 82.59
CA ASP D 154 16.60 15.04 81.97
C ASP D 154 17.64 14.75 80.89
N LEU D 155 18.37 13.65 81.05
CA LEU D 155 19.35 13.23 80.05
C LEU D 155 18.65 12.84 78.74
N ILE D 156 17.59 12.05 78.86
CA ILE D 156 16.76 11.69 77.69
C ILE D 156 16.08 12.94 77.13
N LYS D 157 15.55 13.77 78.02
CA LYS D 157 14.93 15.05 77.65
C LYS D 157 15.89 15.90 76.81
N MET D 158 17.17 15.87 77.17
CA MET D 158 18.20 16.67 76.51
C MET D 158 18.63 16.07 75.17
N ILE D 159 18.84 14.76 75.13
CA ILE D 159 19.38 14.09 73.93
C ILE D 159 18.32 13.56 72.95
N PHE D 160 17.03 13.71 73.29
CA PHE D 160 15.95 13.31 72.38
C PHE D 160 15.00 14.46 72.00
N ASP D 161 15.34 15.68 72.39
CA ASP D 161 14.62 16.86 71.90
C ASP D 161 15.13 17.15 70.50
N VAL D 162 14.33 16.80 69.50
CA VAL D 162 14.77 16.87 68.11
C VAL D 162 14.58 18.26 67.50
N GLU D 163 13.69 19.06 68.09
CA GLU D 163 13.51 20.45 67.67
C GLU D 163 14.75 21.28 68.01
N SER D 164 15.45 20.89 69.08
CA SER D 164 16.75 21.48 69.41
C SER D 164 17.80 21.08 68.38
N MET D 165 17.70 19.85 67.87
CA MET D 165 18.57 19.36 66.81
C MET D 165 18.26 20.02 65.47
N LYS D 166 16.99 20.38 65.25
CA LYS D 166 16.59 21.11 64.04
C LYS D 166 17.25 22.49 64.00
N LYS D 167 17.10 23.24 65.09
CA LYS D 167 17.76 24.54 65.24
C LYS D 167 19.26 24.44 64.98
N ALA D 168 19.87 23.37 65.48
CA ALA D 168 21.30 23.14 65.31
C ALA D 168 21.72 23.09 63.84
N MET D 169 20.81 22.63 62.97
CA MET D 169 21.06 22.57 61.53
C MET D 169 20.80 23.88 60.79
N VAL D 170 20.05 24.79 61.41
CA VAL D 170 19.69 26.07 60.77
C VAL D 170 20.93 26.90 60.42
N GLU D 171 21.92 26.88 61.31
CA GLU D 171 23.18 27.59 61.07
C GLU D 171 23.99 27.01 59.91
N TYR D 172 23.83 25.70 59.67
CA TYR D 172 24.49 25.04 58.53
C TYR D 172 23.83 25.38 57.19
N GLU D 173 22.61 25.94 57.23
CA GLU D 173 21.84 26.31 56.04
C GLU D 173 21.30 25.09 55.28
N ILE D 174 21.06 24.00 56.00
CA ILE D 174 20.34 22.85 55.46
C ILE D 174 18.85 23.23 55.38
N ASP D 175 18.16 22.70 54.38
CA ASP D 175 16.73 22.96 54.22
C ASP D 175 15.96 22.47 55.43
N LEU D 176 15.18 23.38 56.04
CA LEU D 176 14.46 23.08 57.28
C LEU D 176 13.05 22.55 57.03
N GLN D 177 12.51 22.89 55.86
CA GLN D 177 11.10 22.61 55.53
C GLN D 177 10.74 21.12 55.55
N LYS D 178 11.28 20.34 54.61
CA LYS D 178 10.84 18.96 54.41
C LYS D 178 11.93 17.89 54.65
N MET D 179 13.02 18.26 55.31
CA MET D 179 14.06 17.30 55.67
C MET D 179 13.71 16.37 56.86
N PRO D 180 12.84 16.83 57.81
CA PRO D 180 12.49 15.90 58.87
C PRO D 180 11.57 14.76 58.41
N LEU D 181 10.55 15.08 57.62
CA LEU D 181 9.64 14.08 57.08
C LEU D 181 10.27 13.33 55.90
N GLY D 182 11.10 14.03 55.13
CA GLY D 182 11.80 13.43 53.99
C GLY D 182 13.17 12.91 54.34
N LYS D 183 13.25 11.59 54.57
CA LYS D 183 14.52 10.94 54.91
C LYS D 183 15.42 10.81 53.68
N LEU D 184 16.57 11.48 53.71
CA LEU D 184 17.55 11.40 52.63
C LEU D 184 18.28 10.05 52.70
N SER D 185 18.50 9.43 51.55
CA SER D 185 19.01 8.05 51.48
C SER D 185 20.45 7.90 51.99
N LYS D 186 20.83 6.66 52.25
CA LYS D 186 22.16 6.34 52.76
C LYS D 186 23.19 6.37 51.62
N ARG D 187 22.82 5.81 50.48
CA ARG D 187 23.65 5.82 49.28
C ARG D 187 23.86 7.25 48.77
N GLN D 188 22.86 8.10 48.99
CA GLN D 188 22.92 9.51 48.63
C GLN D 188 23.97 10.26 49.46
N ILE D 189 23.90 10.10 50.78
CA ILE D 189 24.80 10.81 51.70
C ILE D 189 26.25 10.35 51.53
N GLN D 190 26.44 9.07 51.20
CA GLN D 190 27.76 8.54 50.87
C GLN D 190 28.36 9.21 49.64
N ALA D 191 27.51 9.50 48.65
CA ALA D 191 27.93 10.23 47.46
C ALA D 191 28.20 11.70 47.78
N ALA D 192 27.40 12.27 48.68
CA ALA D 192 27.62 13.62 49.17
C ALA D 192 28.96 13.74 49.90
N TYR D 193 29.30 12.72 50.70
CA TYR D 193 30.61 12.62 51.32
C TYR D 193 31.72 12.54 50.26
N SER D 194 31.50 11.70 49.25
CA SER D 194 32.47 11.50 48.17
C SER D 194 32.77 12.79 47.42
N ILE D 195 31.73 13.60 47.19
CA ILE D 195 31.91 14.89 46.52
C ILE D 195 32.79 15.82 47.37
N LEU D 196 32.55 15.86 48.68
CA LEU D 196 33.37 16.67 49.59
C LEU D 196 34.83 16.22 49.58
N SER D 197 35.06 14.91 49.57
CA SER D 197 36.42 14.36 49.51
C SER D 197 37.10 14.68 48.18
N GLU D 198 36.31 14.75 47.11
CA GLU D 198 36.82 15.15 45.79
C GLU D 198 37.20 16.64 45.76
N VAL D 199 36.48 17.47 46.54
CA VAL D 199 36.77 18.90 46.60
C VAL D 199 38.10 19.15 47.31
N GLN D 200 38.32 18.48 48.44
CA GLN D 200 39.58 18.61 49.18
C GLN D 200 40.77 18.19 48.32
N GLN D 201 40.61 17.09 47.59
CA GLN D 201 41.62 16.64 46.64
C GLN D 201 41.87 17.69 45.56
N ALA D 202 40.79 18.30 45.08
CA ALA D 202 40.87 19.36 44.08
C ALA D 202 41.50 20.64 44.64
N VAL D 203 41.18 20.97 45.89
CA VAL D 203 41.73 22.15 46.56
C VAL D 203 43.22 21.98 46.89
N SER D 204 43.60 20.77 47.31
CA SER D 204 44.97 20.49 47.75
C SER D 204 46.01 20.70 46.64
N GLN D 205 45.72 20.21 45.44
CA GLN D 205 46.65 20.32 44.31
C GLN D 205 46.24 21.40 43.30
N GLY D 206 45.55 22.44 43.79
CA GLY D 206 45.17 23.60 42.97
C GLY D 206 44.57 23.26 41.63
N SER D 207 43.47 22.50 41.65
CA SER D 207 42.80 22.09 40.41
C SER D 207 42.01 23.25 39.80
N SER D 208 41.45 23.01 38.61
CA SER D 208 40.72 24.04 37.86
C SER D 208 39.50 24.57 38.61
N ASP D 209 39.07 25.78 38.24
CA ASP D 209 37.87 26.37 38.80
C ASP D 209 36.63 25.58 38.35
N SER D 210 36.65 25.08 37.12
CA SER D 210 35.57 24.25 36.58
C SER D 210 35.43 22.95 37.36
N GLN D 211 36.57 22.30 37.64
CA GLN D 211 36.61 21.10 38.49
C GLN D 211 35.94 21.38 39.85
N ILE D 212 36.28 22.50 40.46
CA ILE D 212 35.68 22.92 41.73
C ILE D 212 34.21 23.31 41.56
N LEU D 213 33.91 24.04 40.49
CA LEU D 213 32.54 24.48 40.20
C LEU D 213 31.59 23.29 40.13
N ASP D 214 32.01 22.25 39.43
CA ASP D 214 31.22 21.03 39.25
C ASP D 214 30.89 20.37 40.59
N LEU D 215 31.89 20.21 41.44
CA LEU D 215 31.69 19.56 42.74
C LEU D 215 30.81 20.39 43.65
N SER D 216 30.95 21.71 43.58
CA SER D 216 30.11 22.63 44.35
C SER D 216 28.65 22.54 43.87
N ASN D 217 28.46 22.52 42.56
CA ASN D 217 27.13 22.29 41.97
C ASN D 217 26.59 20.94 42.41
N ARG D 218 27.38 19.89 42.18
CA ARG D 218 27.00 18.52 42.51
C ARG D 218 26.53 18.37 43.97
N PHE D 219 27.23 19.01 44.89
CA PHE D 219 26.93 18.89 46.32
C PHE D 219 25.59 19.54 46.69
N TYR D 220 25.39 20.78 46.27
CA TYR D 220 24.17 21.52 46.61
C TYR D 220 22.93 20.97 45.91
N THR D 221 23.11 20.30 44.77
CA THR D 221 22.00 19.60 44.14
C THR D 221 21.63 18.39 44.99
N LEU D 222 22.65 17.62 45.39
CA LEU D 222 22.47 16.37 46.12
C LEU D 222 21.92 16.60 47.53
N ILE D 223 22.35 17.69 48.16
CA ILE D 223 21.85 18.08 49.47
C ILE D 223 21.27 19.50 49.39
N PRO D 224 19.93 19.63 49.48
CA PRO D 224 19.28 20.93 49.29
C PRO D 224 19.56 21.92 50.42
N HIS D 225 20.16 23.06 50.07
CA HIS D 225 20.48 24.11 51.04
C HIS D 225 19.51 25.27 50.90
N ASP D 226 19.45 26.12 51.93
CA ASP D 226 18.61 27.31 51.95
C ASP D 226 19.47 28.56 52.10
N PHE D 227 19.78 29.20 50.96
CA PHE D 227 20.52 30.46 50.96
C PHE D 227 19.60 31.67 50.74
N GLY D 228 18.31 31.40 50.53
CA GLY D 228 17.33 32.46 50.29
C GLY D 228 17.44 33.04 48.89
N MET D 229 17.67 34.35 48.81
CA MET D 229 17.71 35.06 47.52
C MET D 229 19.13 35.31 47.01
N LYS D 230 20.14 34.68 47.62
CA LYS D 230 21.52 34.86 47.20
C LYS D 230 22.15 33.56 46.71
N LYS D 231 23.27 33.70 46.00
CA LYS D 231 23.90 32.59 45.29
C LYS D 231 24.57 31.59 46.25
N PRO D 232 24.46 30.28 45.96
CA PRO D 232 25.24 29.27 46.69
C PRO D 232 26.75 29.54 46.61
N PRO D 233 27.44 29.55 47.76
CA PRO D 233 28.88 29.85 47.77
C PRO D 233 29.73 28.65 47.35
N LEU D 234 30.81 28.92 46.61
CA LEU D 234 31.68 27.88 46.09
C LEU D 234 32.50 27.21 47.19
N LEU D 235 32.63 25.88 47.10
CA LEU D 235 33.46 25.12 48.04
C LEU D 235 34.92 25.16 47.57
N ASN D 236 35.59 26.26 47.89
CA ASN D 236 36.99 26.48 47.47
C ASN D 236 38.01 26.43 48.60
N ASN D 237 37.57 26.57 49.84
CA ASN D 237 38.46 26.57 51.00
C ASN D 237 38.74 25.16 51.51
N ALA D 238 39.70 25.05 52.44
CA ALA D 238 40.03 23.78 53.09
C ALA D 238 39.10 23.52 54.27
N ASP D 239 38.58 24.57 54.88
CA ASP D 239 37.68 24.45 56.03
C ASP D 239 36.19 24.50 55.65
N SER D 240 35.89 24.93 54.42
CA SER D 240 34.52 24.94 53.91
C SER D 240 34.02 23.50 53.71
N VAL D 241 34.88 22.66 53.14
CA VAL D 241 34.60 21.22 53.03
C VAL D 241 34.48 20.59 54.42
N GLN D 242 35.34 20.99 55.34
CA GLN D 242 35.29 20.50 56.73
C GLN D 242 33.99 20.91 57.41
N ALA D 243 33.52 22.13 57.12
CA ALA D 243 32.26 22.62 57.66
C ALA D 243 31.08 21.80 57.13
N LYS D 244 31.11 21.51 55.83
CA LYS D 244 30.07 20.69 55.20
C LYS D 244 30.23 19.20 55.54
N VAL D 245 31.44 18.78 55.88
CA VAL D 245 31.68 17.42 56.37
C VAL D 245 31.08 17.25 57.77
N GLU D 246 31.26 18.26 58.61
CA GLU D 246 30.68 18.28 59.95
C GLU D 246 29.16 18.29 59.90
N MET D 247 28.61 19.03 58.95
CA MET D 247 27.16 19.08 58.71
C MET D 247 26.59 17.68 58.48
N LEU D 248 27.20 16.95 57.55
CA LEU D 248 26.76 15.59 57.23
C LEU D 248 26.84 14.66 58.43
N ASP D 249 27.91 14.79 59.22
CA ASP D 249 28.07 13.99 60.45
C ASP D 249 26.94 14.27 61.44
N ASN D 250 26.61 15.54 61.62
CA ASN D 250 25.51 15.94 62.51
C ASN D 250 24.15 15.54 61.94
N LEU D 251 23.92 15.86 60.67
CA LEU D 251 22.68 15.52 59.98
C LEU D 251 22.38 14.02 60.07
N LEU D 252 23.41 13.20 59.91
CA LEU D 252 23.27 11.74 60.00
C LEU D 252 22.73 11.33 61.37
N ASP D 253 23.32 11.88 62.43
CA ASP D 253 22.95 11.53 63.80
C ASP D 253 21.53 11.96 64.18
N ILE D 254 21.00 12.99 63.53
CA ILE D 254 19.62 13.43 63.75
C ILE D 254 18.64 12.42 63.16
N GLU D 255 18.95 11.94 61.95
CA GLU D 255 18.15 10.90 61.30
C GLU D 255 18.26 9.57 62.04
N VAL D 256 19.41 9.34 62.67
CA VAL D 256 19.59 8.18 63.55
C VAL D 256 18.74 8.35 64.81
N ALA D 257 18.73 9.56 65.37
CA ALA D 257 17.92 9.88 66.55
C ALA D 257 16.42 9.70 66.27
N TYR D 258 16.00 10.04 65.05
CA TYR D 258 14.65 9.77 64.59
C TYR D 258 14.38 8.26 64.50
N SER D 259 15.34 7.53 63.94
CA SER D 259 15.21 6.08 63.75
C SER D 259 15.00 5.34 65.08
N LEU D 260 15.68 5.81 66.13
CA LEU D 260 15.47 5.28 67.48
C LEU D 260 14.08 5.67 67.99
N LEU D 261 13.79 6.96 67.97
CA LEU D 261 12.52 7.50 68.49
C LEU D 261 11.30 6.89 67.81
N ARG D 262 11.35 6.77 66.48
CA ARG D 262 10.26 6.16 65.72
C ARG D 262 10.42 4.63 65.66
N GLY D 263 9.64 3.92 66.49
CA GLY D 263 9.66 2.46 66.49
C GLY D 263 9.34 1.84 67.83
N GLY D 264 9.70 0.57 67.99
CA GLY D 264 9.43 -0.18 69.22
C GLY D 264 8.09 -0.88 69.19
N SER D 265 7.54 -1.13 70.37
CA SER D 265 6.23 -1.78 70.52
C SER D 265 5.31 -0.90 71.36
N ASP D 266 4.42 -0.17 70.70
CA ASP D 266 3.51 0.75 71.37
C ASP D 266 2.38 0.00 72.08
N ASP D 267 2.69 -0.50 73.28
CA ASP D 267 1.71 -1.18 74.12
C ASP D 267 1.51 -0.41 75.41
N SER D 268 0.27 -0.36 75.89
CA SER D 268 -0.05 0.37 77.12
C SER D 268 0.49 -0.35 78.35
N SER D 269 1.75 -0.07 78.69
CA SER D 269 2.41 -0.67 79.84
C SER D 269 3.52 0.22 80.38
N LYS D 270 4.55 0.45 79.57
CA LYS D 270 5.69 1.28 79.95
C LYS D 270 5.37 2.77 79.74
N ASP D 271 6.22 3.62 80.31
CA ASP D 271 6.05 5.08 80.20
C ASP D 271 6.85 5.63 79.00
N PRO D 272 6.48 6.83 78.51
CA PRO D 272 7.12 7.41 77.32
C PRO D 272 8.64 7.58 77.44
N ILE D 273 9.10 8.03 78.60
CA ILE D 273 10.54 8.23 78.84
C ILE D 273 11.27 6.89 78.93
N ASP D 274 10.62 5.89 79.53
CA ASP D 274 11.18 4.54 79.63
C ASP D 274 11.33 3.86 78.27
N VAL D 275 10.40 4.15 77.35
CA VAL D 275 10.47 3.60 75.99
C VAL D 275 11.74 4.09 75.30
N ASN D 276 12.02 5.39 75.42
CA ASN D 276 13.22 5.98 74.83
C ASN D 276 14.52 5.58 75.54
N TYR D 277 14.42 5.24 76.82
CA TYR D 277 15.59 4.77 77.59
C TYR D 277 16.04 3.39 77.11
N GLU D 278 15.08 2.48 76.95
CA GLU D 278 15.36 1.12 76.49
C GLU D 278 15.90 1.10 75.05
N LYS D 279 15.52 2.10 74.27
CA LYS D 279 16.01 2.25 72.90
C LYS D 279 17.49 2.63 72.83
N LEU D 280 17.98 3.35 73.84
CA LEU D 280 19.40 3.70 73.91
C LEU D 280 20.31 2.48 74.07
N LYS D 281 19.78 1.39 74.62
CA LYS D 281 20.50 0.12 74.74
C LYS D 281 21.74 0.26 75.63
N THR D 282 21.57 0.93 76.77
CA THR D 282 22.66 1.16 77.72
C THR D 282 22.13 1.18 79.15
N ASP D 283 23.01 0.87 80.11
CA ASP D 283 22.68 0.92 81.53
C ASP D 283 23.33 2.16 82.17
N ILE D 284 22.53 3.22 82.30
CA ILE D 284 23.01 4.48 82.87
C ILE D 284 22.68 4.54 84.36
N LYS D 285 23.65 4.98 85.16
CA LYS D 285 23.47 5.16 86.61
C LYS D 285 23.98 6.52 87.03
N VAL D 286 23.38 7.07 88.09
CA VAL D 286 23.77 8.38 88.61
C VAL D 286 24.80 8.19 89.73
N VAL D 287 26.03 8.65 89.49
CA VAL D 287 27.06 8.66 90.51
C VAL D 287 26.75 9.82 91.47
N ASP D 288 26.62 9.50 92.76
CA ASP D 288 26.27 10.49 93.77
C ASP D 288 27.44 11.45 94.00
N ARG D 289 27.12 12.69 94.36
CA ARG D 289 28.12 13.72 94.61
C ARG D 289 28.96 13.40 95.85
N ASP D 290 28.37 12.66 96.80
CA ASP D 290 29.07 12.23 98.00
C ASP D 290 30.08 11.12 97.74
N SER D 291 29.97 10.44 96.59
CA SER D 291 30.86 9.33 96.25
C SER D 291 32.32 9.78 96.14
N GLU D 292 33.23 8.86 96.47
CA GLU D 292 34.66 9.13 96.45
C GLU D 292 35.21 9.18 95.02
N GLU D 293 34.66 8.34 94.14
CA GLU D 293 35.03 8.35 92.73
C GLU D 293 34.54 9.61 92.01
N ALA D 294 33.44 10.19 92.50
CA ALA D 294 32.90 11.43 91.95
C ALA D 294 33.84 12.62 92.19
N GLU D 295 34.54 12.59 93.33
CA GLU D 295 35.54 13.61 93.65
C GLU D 295 36.73 13.58 92.70
N ILE D 296 37.04 12.40 92.16
CA ILE D 296 38.14 12.23 91.22
C ILE D 296 37.81 12.91 89.88
N ILE D 297 36.58 12.72 89.41
CA ILE D 297 36.13 13.32 88.15
C ILE D 297 36.08 14.84 88.26
N ARG D 298 35.46 15.36 89.31
CA ARG D 298 35.41 16.81 89.54
C ARG D 298 36.81 17.41 89.68
N LYS D 299 37.75 16.63 90.20
CA LYS D 299 39.15 17.02 90.24
C LYS D 299 39.73 17.00 88.83
N TYR D 300 39.42 15.93 88.08
CA TYR D 300 39.87 15.79 86.69
C TYR D 300 39.33 16.91 85.79
N VAL D 301 38.13 17.40 86.10
CA VAL D 301 37.55 18.55 85.41
C VAL D 301 38.25 19.84 85.81
N LYS D 302 38.29 20.10 87.12
CA LYS D 302 38.87 21.33 87.67
C LYS D 302 40.36 21.46 87.35
N ASN D 303 41.09 20.36 87.40
CA ASN D 303 42.55 20.37 87.23
C ASN D 303 42.97 20.60 85.79
N THR D 304 42.36 19.84 84.87
CA THR D 304 42.80 19.81 83.48
C THR D 304 42.02 20.79 82.59
N HIS D 305 41.87 22.02 83.05
CA HIS D 305 41.32 23.10 82.24
C HIS D 305 42.49 23.82 81.58
N ALA D 306 42.34 24.16 80.30
CA ALA D 306 43.44 24.73 79.51
C ALA D 306 43.66 26.21 79.84
N THR D 307 44.93 26.59 79.95
CA THR D 307 45.30 27.98 80.20
C THR D 307 44.92 28.90 79.04
N THR D 308 44.93 28.36 77.82
CA THR D 308 44.60 29.12 76.62
C THR D 308 43.09 29.22 76.39
N HIS D 309 42.34 28.19 76.79
CA HIS D 309 40.89 28.19 76.65
C HIS D 309 40.22 28.87 77.84
N ASN D 310 40.44 30.18 77.97
CA ASN D 310 39.90 30.96 79.08
C ASN D 310 38.60 31.70 78.72
N ALA D 311 37.99 31.33 77.59
CA ALA D 311 36.75 31.95 77.14
C ALA D 311 35.55 31.56 78.00
N TYR D 312 35.60 30.37 78.60
CA TYR D 312 34.51 29.87 79.45
C TYR D 312 35.03 29.20 80.72
N ASP D 313 34.10 28.90 81.63
CA ASP D 313 34.41 28.25 82.90
C ASP D 313 33.44 27.09 83.13
N LEU D 314 33.98 25.90 83.37
CA LEU D 314 33.15 24.70 83.55
C LEU D 314 32.50 24.62 84.92
N GLU D 315 31.48 23.78 85.00
CA GLU D 315 30.73 23.57 86.23
C GLU D 315 29.94 22.27 86.12
N VAL D 316 30.39 21.23 86.81
CA VAL D 316 29.82 19.89 86.68
C VAL D 316 28.45 19.82 87.34
N ILE D 317 27.40 19.70 86.54
CA ILE D 317 26.04 19.56 87.05
C ILE D 317 25.81 18.13 87.52
N ASP D 318 26.17 17.16 86.68
CA ASP D 318 25.95 15.74 86.98
C ASP D 318 27.11 14.84 86.55
N ILE D 319 27.16 13.66 87.16
CA ILE D 319 28.06 12.58 86.76
C ILE D 319 27.22 11.32 86.52
N PHE D 320 27.36 10.73 85.34
CA PHE D 320 26.64 9.49 85.01
C PHE D 320 27.63 8.38 84.69
N LYS D 321 27.50 7.25 85.37
CA LYS D 321 28.26 6.05 85.02
C LYS D 321 27.52 5.33 83.90
N ILE D 322 28.20 5.10 82.79
CA ILE D 322 27.57 4.56 81.57
C ILE D 322 28.13 3.18 81.23
N GLU D 323 27.23 2.28 80.85
CA GLU D 323 27.58 0.90 80.50
C GLU D 323 26.79 0.48 79.28
N ARG D 324 27.47 0.41 78.13
CA ARG D 324 26.84 0.04 76.86
C ARG D 324 26.53 -1.45 76.77
N GLU D 325 25.62 -1.81 75.87
CA GLU D 325 25.23 -3.19 75.65
C GLU D 325 26.33 -3.95 74.91
N GLY D 326 27.01 -4.85 75.60
CA GLY D 326 28.04 -5.70 75.00
C GLY D 326 29.34 -4.98 74.68
N GLU D 327 29.58 -3.83 75.31
CA GLU D 327 30.84 -3.10 75.12
C GLU D 327 31.96 -3.71 75.95
N CYS D 328 31.61 -4.45 77.00
CA CYS D 328 32.58 -5.19 77.80
C CYS D 328 32.95 -6.52 77.14
N GLN D 329 32.03 -7.08 76.36
CA GLN D 329 32.25 -8.33 75.65
C GLN D 329 33.29 -8.14 74.53
N ARG D 330 33.23 -6.99 73.86
CA ARG D 330 34.17 -6.66 72.78
C ARG D 330 35.50 -6.09 73.29
N TYR D 331 35.51 -5.56 74.53
CA TYR D 331 36.69 -4.93 75.11
C TYR D 331 37.57 -5.92 75.89
N LYS D 332 37.02 -7.09 76.22
CA LYS D 332 37.76 -8.16 76.90
C LYS D 332 39.16 -8.41 76.31
N PRO D 333 39.27 -8.51 74.97
CA PRO D 333 40.57 -8.64 74.31
C PRO D 333 41.63 -7.61 74.77
N PHE D 334 41.23 -6.36 74.94
CA PHE D 334 42.17 -5.27 75.21
C PHE D 334 42.39 -4.98 76.70
N LYS D 335 41.76 -5.77 77.58
CA LYS D 335 42.07 -5.72 79.01
C LYS D 335 43.40 -6.44 79.28
N GLN D 336 43.81 -7.28 78.34
CA GLN D 336 45.14 -7.90 78.37
C GLN D 336 46.20 -6.86 78.00
N LEU D 337 45.82 -5.92 77.14
CA LEU D 337 46.74 -4.89 76.63
C LEU D 337 47.15 -3.92 77.74
N HIS D 338 48.43 -3.53 77.71
CA HIS D 338 48.99 -2.61 78.71
C HIS D 338 48.67 -1.15 78.37
N ASN D 339 49.07 -0.24 79.24
CA ASN D 339 48.90 1.20 79.02
C ASN D 339 47.46 1.60 78.67
N ARG D 340 46.58 1.49 79.66
CA ARG D 340 45.17 1.87 79.50
C ARG D 340 44.91 3.19 80.22
N ARG D 341 44.27 4.13 79.53
CA ARG D 341 44.08 5.49 80.03
C ARG D 341 42.63 5.93 79.99
N LEU D 342 42.21 6.66 81.03
CA LEU D 342 40.87 7.23 81.12
C LEU D 342 40.93 8.66 80.58
N LEU D 343 40.34 8.88 79.41
CA LEU D 343 40.53 10.14 78.67
C LEU D 343 39.20 10.79 78.24
N TRP D 344 39.24 12.11 78.06
CA TRP D 344 38.06 12.89 77.69
C TRP D 344 37.72 12.74 76.21
N HIS D 345 36.44 12.93 75.89
CA HIS D 345 35.99 12.99 74.50
C HIS D 345 34.64 13.71 74.42
N GLY D 346 34.65 14.90 73.82
CA GLY D 346 33.45 15.71 73.69
C GLY D 346 32.84 15.67 72.30
N SER D 347 31.53 15.90 72.25
CA SER D 347 30.81 15.94 70.98
C SER D 347 29.48 16.66 71.20
N ARG D 348 28.83 17.06 70.10
CA ARG D 348 27.55 17.77 70.17
C ARG D 348 26.50 16.98 70.94
N THR D 349 25.64 17.70 71.66
CA THR D 349 24.51 17.10 72.37
C THR D 349 23.58 16.31 71.43
N THR D 350 23.58 16.69 70.15
CA THR D 350 22.79 16.02 69.13
C THR D 350 23.33 14.61 68.83
N ASN D 351 24.65 14.46 68.90
CA ASN D 351 25.32 13.19 68.59
C ASN D 351 25.15 12.11 69.68
N PHE D 352 24.96 12.54 70.92
CA PHE D 352 24.89 11.62 72.06
C PHE D 352 23.71 10.65 72.00
N ALA D 353 22.69 10.97 71.21
CA ALA D 353 21.59 10.04 70.95
C ALA D 353 22.10 8.80 70.21
N GLY D 354 23.03 9.00 69.27
CA GLY D 354 23.62 7.92 68.50
C GLY D 354 24.87 7.29 69.12
N ILE D 355 25.61 8.08 69.89
CA ILE D 355 26.84 7.62 70.53
C ILE D 355 26.54 6.56 71.60
N LEU D 356 25.41 6.70 72.29
CA LEU D 356 24.98 5.71 73.28
C LEU D 356 24.52 4.40 72.63
N SER D 357 23.80 4.50 71.52
CA SER D 357 23.21 3.33 70.87
C SER D 357 24.21 2.50 70.07
N GLN D 358 25.20 3.16 69.46
CA GLN D 358 26.18 2.48 68.60
C GLN D 358 27.63 2.58 69.09
N GLY D 359 27.85 3.24 70.23
CA GLY D 359 29.21 3.46 70.73
C GLY D 359 29.92 4.54 69.91
N LEU D 360 31.21 4.74 70.18
CA LEU D 360 32.00 5.69 69.40
C LEU D 360 32.44 5.05 68.08
N ARG D 361 32.14 5.73 66.98
CA ARG D 361 32.37 5.20 65.64
C ARG D 361 33.42 6.02 64.90
N ILE D 362 34.16 5.36 64.03
CA ILE D 362 35.15 6.01 63.19
C ILE D 362 34.43 6.60 61.97
N ALA D 363 34.98 7.68 61.42
CA ALA D 363 34.41 8.29 60.23
C ALA D 363 34.35 7.29 59.08
N PRO D 364 33.32 7.41 58.22
CA PRO D 364 33.21 6.47 57.10
C PRO D 364 34.34 6.63 56.08
N PRO D 365 34.59 5.59 55.26
CA PRO D 365 35.69 5.63 54.30
C PRO D 365 35.48 6.62 53.14
N GLU D 366 34.23 6.97 52.89
CA GLU D 366 33.89 7.93 51.84
C GLU D 366 34.19 9.37 52.27
N ALA D 367 34.05 9.65 53.56
CA ALA D 367 34.21 11.00 54.12
C ALA D 367 35.62 11.56 53.89
N PRO D 368 35.75 12.91 53.90
CA PRO D 368 37.06 13.54 53.74
C PRO D 368 37.92 13.43 55.00
N VAL D 369 39.23 13.48 54.81
CA VAL D 369 40.18 13.41 55.94
C VAL D 369 40.48 14.81 56.52
N THR D 370 39.87 15.85 55.94
CA THR D 370 40.07 17.22 56.40
C THR D 370 39.50 17.43 57.79
N GLY D 371 40.22 18.19 58.62
CA GLY D 371 39.84 18.41 60.02
C GLY D 371 40.59 17.48 60.95
N TYR D 372 40.70 16.21 60.57
CA TYR D 372 41.44 15.22 61.35
C TYR D 372 42.94 15.51 61.26
N MET D 373 43.64 15.32 62.37
CA MET D 373 45.08 15.58 62.43
C MET D 373 45.86 14.36 61.96
N PHE D 374 45.45 13.18 62.42
CA PHE D 374 46.16 11.93 62.10
C PHE D 374 45.22 10.89 61.48
N GLY D 375 44.36 11.32 60.57
CA GLY D 375 43.46 10.41 59.87
C GLY D 375 42.21 10.05 60.66
N LYS D 376 41.35 9.24 60.06
CA LYS D 376 40.06 8.88 60.64
C LYS D 376 40.21 7.89 61.78
N GLY D 377 39.56 8.17 62.89
CA GLY D 377 39.62 7.33 64.09
C GLY D 377 38.95 8.03 65.26
N ILE D 378 38.93 7.38 66.42
CA ILE D 378 38.35 8.00 67.61
C ILE D 378 39.42 8.83 68.30
N TYR D 379 39.15 10.13 68.47
CA TYR D 379 40.10 11.05 69.10
C TYR D 379 39.76 11.27 70.57
N PHE D 380 40.80 11.39 71.40
CA PHE D 380 40.66 11.61 72.83
C PHE D 380 41.66 12.65 73.32
N ALA D 381 41.33 13.30 74.44
CA ALA D 381 42.24 14.25 75.07
C ALA D 381 42.35 13.99 76.57
N ASP D 382 43.49 14.38 77.14
CA ASP D 382 43.72 14.28 78.58
C ASP D 382 43.18 15.50 79.34
N MET D 383 42.78 16.53 78.59
CA MET D 383 42.25 17.75 79.20
C MET D 383 40.76 17.88 78.89
N VAL D 384 39.98 18.23 79.92
CA VAL D 384 38.52 18.35 79.78
C VAL D 384 38.13 19.51 78.87
N SER D 385 38.90 20.60 78.92
CA SER D 385 38.60 21.81 78.17
C SER D 385 38.70 21.59 76.66
N LYS D 386 39.80 20.99 76.22
CA LYS D 386 40.02 20.70 74.80
C LYS D 386 38.88 19.87 74.22
N SER D 387 38.45 18.86 74.96
CA SER D 387 37.30 18.04 74.58
C SER D 387 35.98 18.81 74.69
N ALA D 388 35.87 19.66 75.72
CA ALA D 388 34.64 20.43 75.98
C ALA D 388 34.27 21.42 74.86
N ASN D 389 35.25 21.82 74.04
CA ASN D 389 34.98 22.69 72.90
C ASN D 389 34.11 22.03 71.83
N TYR D 390 34.15 20.71 71.77
CA TYR D 390 33.37 19.94 70.78
C TYR D 390 31.90 19.76 71.18
N CYS D 391 31.54 20.18 72.39
CA CYS D 391 30.15 20.20 72.82
C CYS D 391 29.34 21.26 72.07
N HIS D 392 30.03 22.32 71.63
CA HIS D 392 29.40 23.45 70.93
C HIS D 392 28.27 24.08 71.76
N THR D 393 28.66 24.81 72.79
CA THR D 393 27.73 25.55 73.65
C THR D 393 27.90 27.04 73.47
N SER D 394 26.87 27.79 73.85
CA SER D 394 26.86 29.25 73.74
C SER D 394 26.27 29.86 75.00
N GLN D 395 26.13 31.19 75.01
CA GLN D 395 25.54 31.91 76.14
C GLN D 395 24.04 31.63 76.25
N GLY D 396 23.40 31.37 75.11
CA GLY D 396 21.98 31.01 75.07
C GLY D 396 21.73 29.55 75.40
N ASP D 397 22.63 28.67 74.96
CA ASP D 397 22.55 27.23 75.23
C ASP D 397 23.74 26.81 76.09
N PRO D 398 23.57 26.84 77.44
CA PRO D 398 24.70 26.64 78.34
C PRO D 398 25.08 25.17 78.57
N ILE D 399 24.10 24.30 78.73
CA ILE D 399 24.37 22.89 79.08
C ILE D 399 25.01 22.11 77.92
N GLY D 400 25.85 21.13 78.28
CA GLY D 400 26.57 20.32 77.30
C GLY D 400 27.08 19.02 77.89
N LEU D 401 27.31 18.03 77.03
CA LEU D 401 27.73 16.70 77.45
C LEU D 401 29.13 16.34 76.97
N ILE D 402 29.89 15.66 77.83
CA ILE D 402 31.26 15.22 77.53
C ILE D 402 31.47 13.81 78.09
N LEU D 403 32.30 13.02 77.43
CA LEU D 403 32.50 11.61 77.79
C LEU D 403 33.85 11.34 78.45
N LEU D 404 33.92 10.20 79.14
CA LEU D 404 35.16 9.66 79.70
C LEU D 404 35.21 8.16 79.42
N GLY D 405 36.16 7.73 78.61
CA GLY D 405 36.25 6.33 78.18
C GLY D 405 37.59 5.69 78.48
N GLU D 406 37.54 4.45 78.98
CA GLU D 406 38.74 3.65 79.16
C GLU D 406 39.21 3.19 77.78
N VAL D 407 40.17 3.92 77.23
CA VAL D 407 40.68 3.63 75.88
C VAL D 407 42.04 2.94 75.96
N ALA D 408 42.09 1.70 75.46
CA ALA D 408 43.32 0.90 75.50
C ALA D 408 44.30 1.40 74.45
N LEU D 409 45.26 2.20 74.89
CA LEU D 409 46.25 2.79 73.99
C LEU D 409 47.31 1.76 73.60
N GLY D 410 47.90 1.12 74.61
CA GLY D 410 48.92 0.10 74.40
C GLY D 410 50.25 0.69 73.97
N ASN D 411 50.97 -0.05 73.13
CA ASN D 411 52.21 0.43 72.55
C ASN D 411 51.92 1.60 71.59
N MET D 412 52.32 2.80 72.00
CA MET D 412 51.90 4.03 71.32
C MET D 412 52.86 4.45 70.22
N TYR D 413 52.30 5.00 69.14
CA TYR D 413 53.09 5.61 68.07
C TYR D 413 53.05 7.11 68.22
N GLU D 414 54.18 7.69 68.66
CA GLU D 414 54.24 9.11 69.03
C GLU D 414 54.58 9.98 67.84
N LEU D 415 53.78 11.03 67.62
CA LEU D 415 53.97 11.96 66.51
C LEU D 415 53.97 13.41 67.02
N LYS D 416 54.76 14.25 66.36
CA LYS D 416 54.88 15.66 66.72
C LYS D 416 54.04 16.52 65.78
N HIS D 417 54.30 16.42 64.48
CA HIS D 417 53.58 17.20 63.47
C HIS D 417 52.41 16.40 62.91
N ALA D 418 51.48 17.10 62.26
CA ALA D 418 50.30 16.48 61.66
C ALA D 418 50.69 15.60 60.49
N SER D 419 50.13 14.39 60.44
CA SER D 419 50.46 13.42 59.40
C SER D 419 49.30 12.43 59.20
N HIS D 420 48.67 12.49 58.03
CA HIS D 420 47.53 11.63 57.72
C HIS D 420 48.01 10.20 57.45
N ILE D 421 47.80 9.32 58.42
CA ILE D 421 48.25 7.93 58.32
C ILE D 421 47.13 7.01 57.83
N SER D 422 47.53 5.98 57.09
CA SER D 422 46.60 4.97 56.58
C SER D 422 46.73 3.69 57.43
N LYS D 423 47.96 3.18 57.52
CA LYS D 423 48.27 1.99 58.29
C LYS D 423 49.23 2.32 59.42
N LEU D 424 49.08 1.63 60.55
CA LEU D 424 49.93 1.85 61.71
C LEU D 424 51.26 1.10 61.53
N PRO D 425 52.34 1.60 62.16
CA PRO D 425 53.58 0.82 62.17
C PRO D 425 53.44 -0.49 62.94
N LYS D 426 54.36 -1.41 62.71
CA LYS D 426 54.31 -2.75 63.31
C LYS D 426 54.35 -2.69 64.83
N GLY D 427 53.47 -3.46 65.47
CA GLY D 427 53.42 -3.55 66.93
C GLY D 427 52.75 -2.38 67.65
N LYS D 428 52.25 -1.41 66.88
CA LYS D 428 51.64 -0.21 67.45
C LYS D 428 50.11 -0.34 67.41
N HIS D 429 49.47 -0.12 68.55
CA HIS D 429 48.02 -0.25 68.69
C HIS D 429 47.30 1.10 68.77
N SER D 430 48.06 2.20 68.78
CA SER D 430 47.48 3.54 68.87
C SER D 430 48.49 4.60 68.44
N VAL D 431 48.01 5.84 68.34
CA VAL D 431 48.86 6.99 67.99
C VAL D 431 48.67 8.10 69.03
N LYS D 432 49.75 8.84 69.28
CA LYS D 432 49.72 9.96 70.23
C LYS D 432 50.22 11.24 69.57
N GLY D 433 49.46 12.32 69.73
CA GLY D 433 49.90 13.65 69.32
C GLY D 433 50.56 14.34 70.49
N LEU D 434 51.88 14.54 70.41
CA LEU D 434 52.63 15.13 71.51
C LEU D 434 52.44 16.65 71.55
N GLY D 435 51.98 17.15 72.69
CA GLY D 435 51.72 18.58 72.86
C GLY D 435 52.73 19.27 73.75
N LYS D 436 52.64 20.60 73.83
CA LYS D 436 53.50 21.40 74.70
C LYS D 436 53.17 21.13 76.16
N THR D 437 51.91 21.34 76.52
CA THR D 437 51.45 21.13 77.90
C THR D 437 50.95 19.70 78.07
N THR D 438 51.31 19.08 79.20
CA THR D 438 50.86 17.74 79.54
C THR D 438 50.52 17.68 81.03
N PRO D 439 49.48 16.92 81.41
CA PRO D 439 49.18 16.76 82.83
C PRO D 439 50.30 16.02 83.55
N ASP D 440 50.65 16.49 84.75
CA ASP D 440 51.81 16.00 85.49
C ASP D 440 51.84 14.46 85.57
N PRO D 441 52.85 13.82 84.93
CA PRO D 441 52.94 12.36 84.94
C PRO D 441 53.34 11.78 86.31
N SER D 442 53.90 12.61 87.19
CA SER D 442 54.22 12.19 88.55
C SER D 442 53.03 12.35 89.52
N ALA D 443 51.86 12.72 88.98
CA ALA D 443 50.63 12.81 89.76
C ALA D 443 49.49 12.08 89.05
N ASN D 444 49.80 10.95 88.42
CA ASN D 444 48.82 10.17 87.67
C ASN D 444 48.12 9.16 88.58
N ILE D 445 46.90 9.50 88.99
CA ILE D 445 46.10 8.65 89.88
C ILE D 445 45.49 7.48 89.10
N SER D 446 45.36 6.33 89.74
CA SER D 446 44.75 5.14 89.14
C SER D 446 43.26 5.06 89.47
N LEU D 447 42.54 4.25 88.70
CA LEU D 447 41.08 4.11 88.86
C LEU D 447 40.60 2.80 88.23
N ASP D 448 40.31 1.81 89.08
CA ASP D 448 39.86 0.49 88.62
C ASP D 448 40.81 -0.16 87.62
N GLY D 449 42.11 0.01 87.84
CA GLY D 449 43.14 -0.47 86.93
C GLY D 449 43.22 0.34 85.64
N VAL D 450 42.96 1.65 85.75
CA VAL D 450 43.03 2.57 84.62
C VAL D 450 43.75 3.84 85.05
N ASP D 451 44.74 4.27 84.27
CA ASP D 451 45.55 5.43 84.62
C ASP D 451 44.84 6.73 84.28
N VAL D 452 44.51 7.52 85.31
CA VAL D 452 43.84 8.80 85.15
C VAL D 452 44.85 9.94 85.32
N PRO D 453 45.20 10.63 84.21
CA PRO D 453 46.17 11.71 84.29
C PRO D 453 45.49 13.05 84.64
N LEU D 454 45.16 13.23 85.91
CA LEU D 454 44.44 14.44 86.36
C LEU D 454 45.36 15.50 87.00
N GLY D 455 46.64 15.46 86.68
CA GLY D 455 47.59 16.47 87.13
C GLY D 455 47.46 17.75 86.33
N THR D 456 47.93 18.86 86.90
CA THR D 456 47.91 20.15 86.21
C THR D 456 49.02 20.23 85.17
N GLY D 457 48.92 21.22 84.29
CA GLY D 457 49.80 21.33 83.13
C GLY D 457 51.24 21.72 83.43
N ILE D 458 52.17 20.95 82.89
CA ILE D 458 53.60 21.29 82.90
C ILE D 458 54.20 21.06 81.51
N SER D 459 55.43 21.51 81.31
CA SER D 459 56.09 21.41 80.01
C SER D 459 56.40 19.95 79.65
N SER D 460 56.31 19.63 78.36
CA SER D 460 56.56 18.27 77.87
C SER D 460 58.05 18.02 77.66
N GLY D 461 58.39 16.79 77.30
CA GLY D 461 59.78 16.39 77.06
C GLY D 461 60.40 17.00 75.82
N VAL D 462 59.59 17.19 74.77
CA VAL D 462 60.05 17.73 73.50
C VAL D 462 59.15 18.89 73.05
N ASN D 463 59.76 19.94 72.51
CA ASN D 463 59.04 21.16 72.14
C ASN D 463 59.13 21.49 70.63
N ASP D 464 59.45 20.48 69.82
CA ASP D 464 59.52 20.65 68.37
C ASP D 464 58.25 20.13 67.70
N THR D 465 57.10 20.44 68.32
CA THR D 465 55.80 19.95 67.86
C THR D 465 54.89 21.10 67.41
N SER D 466 53.88 20.77 66.62
CA SER D 466 52.87 21.74 66.19
C SER D 466 51.54 21.52 66.92
N LEU D 467 51.61 20.96 68.12
CA LEU D 467 50.43 20.76 68.97
C LEU D 467 50.67 21.43 70.32
N LEU D 468 49.64 22.07 70.86
CA LEU D 468 49.72 22.70 72.17
C LEU D 468 49.33 21.73 73.29
N TYR D 469 48.42 20.80 72.98
CA TYR D 469 47.96 19.81 73.96
C TYR D 469 47.87 18.43 73.32
N ASN D 470 47.80 17.40 74.15
CA ASN D 470 47.87 16.01 73.68
C ASN D 470 46.61 15.53 72.97
N GLU D 471 46.79 14.59 72.04
CA GLU D 471 45.70 13.90 71.37
C GLU D 471 45.96 12.40 71.38
N TYR D 472 44.94 11.61 71.73
CA TYR D 472 45.05 10.16 71.77
C TYR D 472 44.10 9.55 70.74
N ILE D 473 44.64 8.76 69.83
CA ILE D 473 43.90 8.27 68.68
C ILE D 473 43.91 6.74 68.62
N VAL D 474 42.72 6.16 68.46
CA VAL D 474 42.58 4.71 68.27
C VAL D 474 41.88 4.45 66.93
N TYR D 475 42.35 3.43 66.22
CA TYR D 475 41.85 3.12 64.87
C TYR D 475 41.08 1.79 64.89
N ASP D 476 40.27 1.61 65.92
CA ASP D 476 39.45 0.43 66.09
C ASP D 476 38.42 0.72 67.18
N ILE D 477 37.14 0.56 66.85
CA ILE D 477 36.04 0.86 67.78
C ILE D 477 36.02 -0.05 69.00
N ALA D 478 36.74 -1.17 68.93
CA ALA D 478 36.82 -2.12 70.05
C ALA D 478 37.76 -1.66 71.16
N GLN D 479 38.74 -0.81 70.84
CA GLN D 479 39.70 -0.34 71.83
C GLN D 479 39.12 0.62 72.86
N VAL D 480 38.01 1.26 72.52
CA VAL D 480 37.33 2.19 73.45
C VAL D 480 36.30 1.46 74.32
N ASN D 481 36.17 1.91 75.56
CA ASN D 481 35.15 1.43 76.48
C ASN D 481 34.67 2.59 77.35
N LEU D 482 33.49 3.12 77.03
CA LEU D 482 32.96 4.30 77.71
C LEU D 482 32.62 4.01 79.18
N LYS D 483 33.12 4.86 80.07
CA LYS D 483 32.95 4.69 81.51
C LYS D 483 31.98 5.70 82.10
N TYR D 484 32.24 6.99 81.88
CA TYR D 484 31.42 8.06 82.48
C TYR D 484 30.92 9.07 81.44
N LEU D 485 29.70 9.57 81.68
CA LEU D 485 29.11 10.65 80.90
C LEU D 485 28.85 11.83 81.85
N LEU D 486 29.35 13.01 81.51
CA LEU D 486 29.19 14.19 82.35
C LEU D 486 28.23 15.20 81.73
N LYS D 487 27.65 16.06 82.57
CA LYS D 487 26.81 17.17 82.14
C LYS D 487 27.37 18.46 82.70
N LEU D 488 27.74 19.39 81.81
CA LEU D 488 28.53 20.57 82.19
C LEU D 488 27.84 21.87 81.81
N LYS D 489 27.78 22.82 82.76
CA LYS D 489 27.34 24.18 82.49
C LYS D 489 28.56 25.04 82.17
N PHE D 490 28.42 25.93 81.19
CA PHE D 490 29.50 26.82 80.78
C PHE D 490 29.19 28.25 81.21
N ASN D 491 30.18 28.91 81.82
CA ASN D 491 30.05 30.30 82.25
C ASN D 491 30.99 31.21 81.49
N PHE D 492 30.42 32.04 80.61
CA PHE D 492 31.18 32.96 79.76
C PHE D 492 31.23 34.34 80.39
N LYS D 493 31.83 35.30 79.70
CA LYS D 493 31.82 36.71 80.12
C LYS D 493 31.45 37.61 78.95
N THR D 494 30.18 38.01 78.89
CA THR D 494 29.69 38.93 77.85
C THR D 494 28.65 39.89 78.43
ZN ZN G . -45.13 7.23 -26.74
ZN ZN H . -29.95 -30.18 -25.56
O4 2US I . -25.47 -39.43 -67.88
C11 2US I . -24.96 -38.43 -68.37
C12 2US I . -24.87 -38.10 -69.81
C2 2US I . -24.22 -36.89 -69.98
C13 2US I . -25.37 -38.79 -70.92
C14 2US I . -25.21 -38.24 -72.17
C15 2US I . -24.54 -37.04 -72.34
C1 2US I . -24.04 -36.34 -71.26
C 2US I . -23.34 -35.04 -71.50
O 2US I . -23.67 -34.35 -72.48
N 2US I . -22.39 -34.66 -70.66
C3 2US I . -24.30 -37.26 -67.78
O1 2US I . -23.86 -36.35 -68.74
C4 2US I . -24.22 -37.14 -66.45
C5 2US I . -23.68 -36.17 -65.49
C10 2US I . -23.34 -34.84 -65.84
O3 2US I . -23.39 -34.42 -67.12
C9 2US I . -22.94 -33.94 -64.87
C8 2US I . -22.85 -34.35 -63.54
O2 2US I . -22.45 -33.45 -62.58
C7 2US I . -23.15 -35.65 -63.19
C6 2US I . -23.56 -36.55 -64.16
ZN ZN J . 3.33 52.43 27.85
ZN ZN K . 33.53 25.52 25.70
#